data_8JES
#
_entry.id   8JES
#
_cell.length_a   1.00
_cell.length_b   1.00
_cell.length_c   1.00
_cell.angle_alpha   90.00
_cell.angle_beta   90.00
_cell.angle_gamma   90.00
#
_symmetry.space_group_name_H-M   'P 1'
#
loop_
_entity.id
_entity.type
_entity.pdbx_description
1 polymer 'Teichoic acid D-alanyltransferase'
2 non-polymer '(1S)-2-{[{[(2R)-2,3-DIHYDROXYPROPYL]OXY}(HYDROXY)PHOSPHORYL]OXY}-1-[(PALMITOYLOXY)METHYL]ETHYL STEARATE'
3 non-polymer DODECYL-BETA-D-MALTOSIDE
4 non-polymer 'DIACYL GLYCEROL'
#
_entity_poly.entity_id   1
_entity_poly.type   'polypeptide(L)'
_entity_poly.pdbx_seq_one_letter_code
;MGSSHHHHHHNYDIPTTENLYFQGSMIDFLKQLPHLEPYGNPFYFIYLGIALLPIFIGLFFKKRFAIYECLVSITFIVLA
LTGTHASQILALLFYIVWQIIWVYSYKRYRSQRDNKWVFYLHSFLVVLPLILVKVEPTINGTQSLLNFLGISYLTFRAVG
MIIEMRDGVLKEFTLGEFLRFMLFMPTFTSGPIDRFKRFNEDYQSIPNRDELLNMLEQAVKYIMLGFLYKFVLAQIFGSM
LLPPLKAQALSQGGIFNLPTLGVMYVYGFDLFFDFAGYSMFALAVSNLMGIKSPINFDKPFISRDMKEFWNRWHMSLSFW
FRDFVFMRLVIVLMRNKVFKNRNTTSNVAYIINMMVMGFWHGITWYYIAYGIFHGIGLVINDAWLRKKKTINKDRKKAGL
KPLPENKWTKALGIFITFNTVMLSFLIFSGFLNDLWFTKK
;
_entity_poly.pdbx_strand_id   A,B,C,D
#
loop_
_chem_comp.id
_chem_comp.type
_chem_comp.name
_chem_comp.formula
DGA non-polymer 'DIACYL GLYCEROL' 'C39 H76 O5'
LMT D-saccharide DODECYL-BETA-D-MALTOSIDE 'C24 H46 O11'
PGT non-polymer '(1S)-2-{[{[(2R)-2,3-DIHYDROXYPROPYL]OXY}(HYDROXY)PHOSPHORYL]OXY}-1-[(PALMITOYLOXY)METHYL]ETHYL STEARATE' 'C40 H79 O10 P'
#
# COMPACT_ATOMS: atom_id res chain seq x y z
N GLY A 24 -11.95 29.30 17.04
CA GLY A 24 -11.19 30.53 16.98
C GLY A 24 -9.88 30.37 16.22
N SER A 25 -9.66 31.25 15.24
CA SER A 25 -8.46 31.23 14.42
C SER A 25 -7.57 32.40 14.83
N MET A 26 -6.47 32.08 15.51
CA MET A 26 -5.55 33.09 16.02
C MET A 26 -4.13 32.56 15.85
N ILE A 27 -3.17 33.22 16.51
CA ILE A 27 -1.80 32.72 16.54
C ILE A 27 -1.74 31.34 17.17
N ASP A 28 -2.58 31.11 18.19
CA ASP A 28 -2.67 29.78 18.79
C ASP A 28 -3.09 28.72 17.78
N PHE A 29 -3.96 29.10 16.82
CA PHE A 29 -4.32 28.17 15.76
C PHE A 29 -3.11 27.82 14.91
N LEU A 30 -2.27 28.81 14.61
CA LEU A 30 -1.03 28.52 13.88
C LEU A 30 -0.12 27.61 14.70
N LYS A 31 -0.05 27.82 16.01
CA LYS A 31 0.73 26.95 16.88
C LYS A 31 0.15 25.54 16.96
N GLN A 32 -1.15 25.38 16.68
CA GLN A 32 -1.77 24.06 16.73
C GLN A 32 -1.23 23.13 15.66
N LEU A 33 -0.85 23.68 14.51
CA LEU A 33 -0.41 22.87 13.38
C LEU A 33 0.84 22.07 13.74
N PRO A 34 1.02 20.90 13.13
CA PRO A 34 2.15 20.04 13.51
C PRO A 34 3.49 20.69 13.19
N HIS A 35 4.48 20.35 14.00
CA HIS A 35 5.84 20.88 13.84
C HIS A 35 6.77 19.74 13.46
N LEU A 36 7.47 19.90 12.34
CA LEU A 36 8.44 18.92 11.86
C LEU A 36 9.77 19.66 11.68
N GLU A 37 10.64 19.57 12.67
CA GLU A 37 11.93 20.25 12.61
C GLU A 37 12.70 19.75 11.40
N PRO A 38 13.22 20.65 10.55
CA PRO A 38 13.91 20.20 9.33
C PRO A 38 15.16 19.40 9.66
N TYR A 39 15.19 18.16 9.18
CA TYR A 39 16.32 17.26 9.38
C TYR A 39 16.62 17.05 10.86
N GLY A 40 15.58 16.69 11.62
CA GLY A 40 15.74 16.44 13.04
C GLY A 40 15.86 14.96 13.39
N ASN A 41 15.01 14.15 12.79
CA ASN A 41 14.96 12.72 13.03
C ASN A 41 14.87 11.98 11.70
N PRO A 42 15.36 10.74 11.65
CA PRO A 42 15.31 9.98 10.38
C PRO A 42 13.91 9.76 9.86
N PHE A 43 12.90 9.74 10.73
CA PHE A 43 11.52 9.62 10.27
C PHE A 43 11.11 10.80 9.40
N TYR A 44 11.62 12.00 9.69
CA TYR A 44 11.45 13.12 8.78
C TYR A 44 12.03 12.80 7.40
N PHE A 45 13.16 12.09 7.37
CA PHE A 45 13.73 11.71 6.09
C PHE A 45 12.89 10.67 5.38
N ILE A 46 12.26 9.75 6.13
CA ILE A 46 11.33 8.82 5.50
C ILE A 46 10.18 9.57 4.86
N TYR A 47 9.62 10.55 5.59
CA TYR A 47 8.54 11.36 5.04
C TYR A 47 8.98 12.08 3.78
N LEU A 48 10.16 12.70 3.83
CA LEU A 48 10.66 13.46 2.68
C LEU A 48 10.90 12.56 1.48
N GLY A 49 11.47 11.38 1.70
CA GLY A 49 11.70 10.45 0.60
C GLY A 49 10.41 9.98 -0.03
N ILE A 50 9.43 9.63 0.79
CA ILE A 50 8.14 9.20 0.26
C ILE A 50 7.49 10.33 -0.52
N ALA A 51 7.61 11.57 -0.04
CA ALA A 51 7.03 12.70 -0.75
C ALA A 51 7.74 12.96 -2.07
N LEU A 52 9.07 12.88 -2.09
CA LEU A 52 9.88 13.26 -3.25
C LEU A 52 10.01 12.17 -4.30
N LEU A 53 9.65 10.92 -3.96
CA LEU A 53 9.78 9.84 -4.95
C LEU A 53 9.07 10.14 -6.27
N PRO A 54 7.81 10.60 -6.28
CA PRO A 54 7.18 10.89 -7.60
C PRO A 54 7.92 11.94 -8.40
N ILE A 55 8.48 12.96 -7.75
CA ILE A 55 9.21 13.99 -8.46
C ILE A 55 10.46 13.39 -9.11
N PHE A 56 11.16 12.53 -8.37
CA PHE A 56 12.35 11.89 -8.92
C PHE A 56 12.00 10.99 -10.10
N ILE A 57 10.94 10.21 -9.98
CA ILE A 57 10.57 9.31 -11.08
C ILE A 57 10.13 10.12 -12.29
N GLY A 58 9.44 11.24 -12.07
CA GLY A 58 9.06 12.09 -13.18
C GLY A 58 10.25 12.72 -13.87
N LEU A 59 11.24 13.17 -13.08
CA LEU A 59 12.46 13.69 -13.67
C LEU A 59 13.22 12.62 -14.43
N PHE A 60 13.06 11.36 -14.03
CA PHE A 60 13.67 10.26 -14.77
C PHE A 60 13.24 10.25 -16.23
N PHE A 61 11.99 10.64 -16.50
CA PHE A 61 11.45 10.68 -17.86
C PHE A 61 11.42 12.08 -18.44
N LYS A 62 12.17 13.02 -17.83
CA LYS A 62 12.35 14.37 -18.37
C LYS A 62 11.02 15.12 -18.46
N LYS A 63 10.34 15.26 -17.32
CA LYS A 63 9.18 16.13 -17.22
C LYS A 63 9.11 16.73 -15.82
N ARG A 64 8.48 17.90 -15.72
CA ARG A 64 8.35 18.61 -14.46
C ARG A 64 6.88 18.90 -14.20
N PHE A 65 6.49 18.76 -12.93
CA PHE A 65 5.09 18.91 -12.53
C PHE A 65 4.71 20.35 -12.21
N ALA A 66 5.56 21.08 -11.48
CA ALA A 66 5.38 22.49 -11.17
C ALA A 66 4.14 22.74 -10.31
N ILE A 67 3.46 21.69 -9.88
CA ILE A 67 2.33 21.78 -8.96
C ILE A 67 2.55 20.90 -7.73
N TYR A 68 2.88 19.62 -7.95
CA TYR A 68 3.25 18.75 -6.84
C TYR A 68 4.48 19.27 -6.12
N GLU A 69 5.45 19.79 -6.87
CA GLU A 69 6.62 20.41 -6.26
C GLU A 69 6.24 21.59 -5.38
N CYS A 70 5.34 22.45 -5.87
CA CYS A 70 4.91 23.60 -5.09
C CYS A 70 4.20 23.15 -3.81
N LEU A 71 3.32 22.16 -3.93
CA LEU A 71 2.61 21.68 -2.74
C LEU A 71 3.56 21.09 -1.72
N VAL A 72 4.52 20.27 -2.16
CA VAL A 72 5.47 19.67 -1.24
C VAL A 72 6.33 20.73 -0.57
N SER A 73 6.83 21.69 -1.35
CA SER A 73 7.67 22.74 -0.80
C SER A 73 6.92 23.55 0.24
N ILE A 74 5.69 23.97 -0.09
CA ILE A 74 4.91 24.78 0.83
C ILE A 74 4.59 23.98 2.09
N THR A 75 4.20 22.71 1.93
CA THR A 75 3.87 21.89 3.08
C THR A 75 5.05 21.75 4.03
N PHE A 76 6.23 21.45 3.49
CA PHE A 76 7.39 21.25 4.35
C PHE A 76 7.88 22.56 4.96
N ILE A 77 7.76 23.68 4.23
CA ILE A 77 8.11 24.97 4.81
C ILE A 77 7.20 25.29 5.98
N VAL A 78 5.89 25.08 5.80
CA VAL A 78 4.94 25.35 6.89
C VAL A 78 5.23 24.44 8.08
N LEU A 79 5.49 23.15 7.83
CA LEU A 79 5.77 22.23 8.92
C LEU A 79 7.03 22.63 9.67
N ALA A 80 8.06 23.07 8.96
CA ALA A 80 9.27 23.54 9.63
C ALA A 80 9.05 24.87 10.33
N LEU A 81 8.03 25.63 9.94
CA LEU A 81 7.79 26.94 10.53
C LEU A 81 6.74 26.95 11.65
N THR A 82 5.90 25.92 11.73
CA THR A 82 4.84 25.89 12.74
C THR A 82 5.33 25.32 14.07
N GLY A 83 6.25 26.03 14.71
CA GLY A 83 6.80 25.61 15.99
C GLY A 83 6.05 26.21 17.16
N THR A 84 6.73 26.24 18.31
CA THR A 84 6.14 26.87 19.49
C THR A 84 5.87 28.35 19.24
N HIS A 85 6.81 29.04 18.60
CA HIS A 85 6.59 30.40 18.12
C HIS A 85 6.27 30.34 16.62
N ALA A 86 5.03 29.94 16.34
CA ALA A 86 4.58 29.74 14.96
C ALA A 86 4.05 31.01 14.31
N SER A 87 4.13 32.15 15.00
CA SER A 87 3.72 33.42 14.40
C SER A 87 4.69 33.91 13.34
N GLN A 88 5.69 33.11 12.99
CA GLN A 88 6.67 33.50 11.98
C GLN A 88 6.16 33.29 10.56
N ILE A 89 5.07 32.55 10.37
CA ILE A 89 4.51 32.38 9.04
C ILE A 89 3.98 33.70 8.50
N LEU A 90 3.36 34.52 9.36
CA LEU A 90 2.93 35.84 8.93
C LEU A 90 4.12 36.70 8.52
N ALA A 91 5.22 36.59 9.27
CA ALA A 91 6.45 37.29 8.90
C ALA A 91 6.96 36.81 7.55
N LEU A 92 6.90 35.51 7.30
CA LEU A 92 7.32 34.98 6.01
C LEU A 92 6.46 35.52 4.87
N LEU A 93 5.14 35.57 5.08
CA LEU A 93 4.26 36.09 4.04
C LEU A 93 4.53 37.56 3.76
N PHE A 94 4.73 38.35 4.83
CA PHE A 94 5.07 39.75 4.65
C PHE A 94 6.40 39.90 3.91
N TYR A 95 7.38 39.07 4.25
CA TYR A 95 8.67 39.11 3.57
C TYR A 95 8.53 38.77 2.09
N ILE A 96 7.72 37.75 1.78
CA ILE A 96 7.51 37.37 0.39
C ILE A 96 6.88 38.51 -0.39
N VAL A 97 5.86 39.15 0.18
CA VAL A 97 5.20 40.26 -0.50
C VAL A 97 6.18 41.40 -0.70
N TRP A 98 6.96 41.74 0.33
CA TRP A 98 7.93 42.82 0.23
C TRP A 98 8.96 42.55 -0.86
N GLN A 99 9.50 41.32 -0.87
CA GLN A 99 10.52 40.98 -1.86
C GLN A 99 9.95 40.99 -3.26
N ILE A 100 8.75 40.44 -3.46
CA ILE A 100 8.14 40.47 -4.79
C ILE A 100 7.94 41.90 -5.24
N ILE A 101 7.40 42.74 -4.37
CA ILE A 101 7.12 44.13 -4.73
C ILE A 101 8.40 44.82 -5.17
N TRP A 102 9.46 44.72 -4.37
CA TRP A 102 10.65 45.50 -4.68
C TRP A 102 11.46 44.91 -5.83
N VAL A 103 11.50 43.57 -5.95
CA VAL A 103 12.18 42.95 -7.09
C VAL A 103 11.52 43.37 -8.40
N TYR A 104 10.18 43.31 -8.45
CA TYR A 104 9.51 43.72 -9.67
C TYR A 104 9.59 45.22 -9.88
N SER A 105 9.66 45.99 -8.80
CA SER A 105 9.89 47.43 -8.93
C SER A 105 11.21 47.71 -9.64
N TYR A 106 12.27 47.00 -9.23
CA TYR A 106 13.54 47.19 -9.93
C TYR A 106 13.48 46.67 -11.36
N LYS A 107 12.81 45.53 -11.57
CA LYS A 107 12.75 44.96 -12.92
C LYS A 107 12.05 45.90 -13.89
N ARG A 108 10.92 46.48 -13.48
CA ARG A 108 10.24 47.45 -14.32
C ARG A 108 11.11 48.69 -14.55
N TYR A 109 11.86 49.11 -13.54
CA TYR A 109 12.72 50.28 -13.68
C TYR A 109 13.97 49.97 -14.51
N ARG A 110 14.47 48.74 -14.45
CA ARG A 110 15.71 48.44 -15.15
C ARG A 110 15.53 48.46 -16.67
N SER A 111 14.29 48.26 -17.13
CA SER A 111 14.03 48.28 -18.57
C SER A 111 14.32 49.66 -19.15
N GLN A 112 14.11 50.72 -18.38
CA GLN A 112 14.31 52.07 -18.90
C GLN A 112 15.78 52.49 -18.83
N ARG A 113 16.34 52.54 -17.62
CA ARG A 113 17.69 53.05 -17.41
C ARG A 113 18.08 52.81 -15.96
N ASP A 114 19.38 52.81 -15.69
CA ASP A 114 19.92 52.67 -14.35
C ASP A 114 20.61 53.97 -13.95
N ASN A 115 20.27 54.50 -12.79
CA ASN A 115 20.82 55.74 -12.29
C ASN A 115 21.97 55.55 -11.31
N LYS A 116 22.37 54.30 -11.04
CA LYS A 116 23.48 53.96 -10.17
C LYS A 116 23.17 54.26 -8.71
N TRP A 117 22.01 54.85 -8.45
CA TRP A 117 21.55 55.07 -7.08
C TRP A 117 20.22 54.40 -6.79
N VAL A 118 19.34 54.29 -7.80
CA VAL A 118 18.12 53.52 -7.62
C VAL A 118 18.46 52.06 -7.35
N PHE A 119 19.57 51.57 -7.90
CA PHE A 119 20.02 50.22 -7.58
C PHE A 119 20.37 50.09 -6.11
N TYR A 120 21.09 51.06 -5.56
CA TYR A 120 21.41 51.03 -4.13
C TYR A 120 20.16 51.10 -3.29
N LEU A 121 19.21 51.96 -3.69
CA LEU A 121 17.95 52.06 -2.95
C LEU A 121 17.19 50.74 -2.95
N HIS A 122 17.10 50.09 -4.11
CA HIS A 122 16.38 48.82 -4.18
C HIS A 122 17.09 47.73 -3.41
N SER A 123 18.43 47.70 -3.45
CA SER A 123 19.17 46.72 -2.66
C SER A 123 18.93 46.92 -1.18
N PHE A 124 18.94 48.18 -0.73
CA PHE A 124 18.69 48.46 0.68
C PHE A 124 17.26 48.07 1.07
N LEU A 125 16.29 48.37 0.21
CA LEU A 125 14.91 48.00 0.53
C LEU A 125 14.70 46.49 0.48
N VAL A 126 15.54 45.76 -0.26
CA VAL A 126 15.46 44.31 -0.25
C VAL A 126 16.08 43.73 1.02
N VAL A 127 17.24 44.25 1.44
CA VAL A 127 17.88 43.76 2.66
C VAL A 127 17.30 44.38 3.92
N LEU A 128 16.32 45.28 3.81
CA LEU A 128 15.74 45.91 4.99
C LEU A 128 15.19 44.91 6.02
N PRO A 129 14.43 43.88 5.64
CA PRO A 129 14.02 42.91 6.67
C PRO A 129 15.19 42.28 7.40
N LEU A 130 16.26 41.95 6.67
CA LEU A 130 17.41 41.30 7.29
C LEU A 130 18.12 42.23 8.26
N ILE A 131 18.35 43.48 7.85
CA ILE A 131 19.06 44.41 8.73
C ILE A 131 18.20 44.74 9.94
N LEU A 132 16.88 44.85 9.76
CA LEU A 132 16.01 45.08 10.91
C LEU A 132 16.07 43.91 11.88
N VAL A 133 16.03 42.68 11.35
CA VAL A 133 16.05 41.51 12.22
C VAL A 133 17.38 41.40 12.94
N LYS A 134 18.47 41.81 12.29
CA LYS A 134 19.78 41.74 12.94
C LYS A 134 20.07 42.94 13.83
N VAL A 135 19.28 44.00 13.76
CA VAL A 135 19.51 45.19 14.59
C VAL A 135 18.61 45.19 15.81
N GLU A 136 17.35 44.77 15.67
CA GLU A 136 16.41 44.85 16.78
C GLU A 136 16.86 44.13 18.05
N PRO A 137 17.45 42.92 18.01
CA PRO A 137 17.90 42.31 19.26
C PRO A 137 18.92 43.15 20.03
N THR A 138 19.79 43.87 19.33
CA THR A 138 20.86 44.59 20.00
C THR A 138 20.56 46.08 20.21
N ILE A 139 19.33 46.53 20.00
CA ILE A 139 18.96 47.91 20.26
C ILE A 139 18.26 48.06 21.61
N ASN A 140 17.18 47.32 21.85
CA ASN A 140 16.53 47.38 23.17
C ASN A 140 16.57 46.05 23.90
N GLY A 141 15.84 45.03 23.45
CA GLY A 141 15.99 43.73 24.10
C GLY A 141 15.68 42.46 23.34
N THR A 142 15.17 42.55 22.10
CA THR A 142 14.53 41.40 21.49
C THR A 142 14.55 41.52 19.97
N GLN A 143 14.36 40.37 19.32
CA GLN A 143 14.27 40.32 17.86
C GLN A 143 12.96 40.92 17.39
N SER A 144 12.95 41.41 16.15
CA SER A 144 11.75 42.01 15.60
C SER A 144 10.70 40.95 15.29
N LEU A 145 9.46 41.42 15.05
CA LEU A 145 8.36 40.50 14.79
C LEU A 145 8.47 39.85 13.42
N LEU A 146 9.24 40.44 12.51
CA LEU A 146 9.36 39.91 11.17
C LEU A 146 10.43 38.83 11.03
N ASN A 147 11.15 38.51 12.10
CA ASN A 147 12.15 37.46 12.03
C ASN A 147 11.50 36.10 11.89
N PHE A 148 12.17 35.20 11.16
CA PHE A 148 11.70 33.83 11.02
C PHE A 148 12.92 32.93 10.84
N LEU A 149 12.67 31.70 10.39
CA LEU A 149 13.72 30.68 10.40
C LEU A 149 14.85 31.01 9.43
N GLY A 150 14.52 31.14 8.15
CA GLY A 150 15.55 31.23 7.13
C GLY A 150 15.84 32.62 6.56
N ILE A 151 15.45 33.68 7.28
CA ILE A 151 15.66 35.02 6.75
C ILE A 151 17.15 35.31 6.60
N SER A 152 18.00 34.67 7.38
CA SER A 152 19.43 34.88 7.25
C SER A 152 19.97 34.31 5.96
N TYR A 153 19.33 33.25 5.43
CA TYR A 153 19.78 32.61 4.21
C TYR A 153 18.82 32.79 3.05
N LEU A 154 17.86 33.71 3.15
CA LEU A 154 16.95 33.95 2.03
C LEU A 154 17.27 35.27 1.34
N THR A 155 17.61 36.29 2.10
CA THR A 155 17.94 37.59 1.50
C THR A 155 19.07 37.45 0.49
N PHE A 156 20.06 36.60 0.78
CA PHE A 156 21.17 36.40 -0.13
C PHE A 156 20.71 35.98 -1.52
N ARG A 157 19.56 35.32 -1.62
CA ARG A 157 19.02 34.98 -2.92
C ARG A 157 18.34 36.19 -3.56
N ALA A 158 17.53 36.91 -2.78
CA ALA A 158 16.80 38.06 -3.33
C ALA A 158 17.76 39.09 -3.90
N VAL A 159 18.75 39.50 -3.11
CA VAL A 159 19.75 40.45 -3.59
C VAL A 159 20.44 39.91 -4.82
N GLY A 160 20.64 38.59 -4.86
CA GLY A 160 21.16 37.98 -6.08
C GLY A 160 20.46 38.48 -7.31
N MET A 161 19.13 38.37 -7.34
CA MET A 161 18.37 38.88 -8.48
C MET A 161 18.74 40.31 -8.78
N ILE A 162 18.70 41.17 -7.75
CA ILE A 162 19.00 42.58 -7.96
C ILE A 162 20.41 42.74 -8.50
N ILE A 163 21.36 42.00 -7.93
CA ILE A 163 22.73 42.08 -8.43
C ILE A 163 22.78 41.67 -9.89
N GLU A 164 22.09 40.57 -10.23
CA GLU A 164 22.12 40.11 -11.61
C GLU A 164 21.29 41.00 -12.52
N MET A 165 20.54 41.96 -11.97
CA MET A 165 19.91 42.95 -12.82
C MET A 165 20.85 44.13 -13.07
N ARG A 166 21.77 44.38 -12.15
CA ARG A 166 22.67 45.53 -12.32
C ARG A 166 23.70 45.27 -13.41
N ASP A 167 24.23 44.04 -13.47
CA ASP A 167 25.20 43.70 -14.50
C ASP A 167 24.56 43.41 -15.85
N GLY A 168 23.23 43.33 -15.91
CA GLY A 168 22.55 43.07 -17.16
C GLY A 168 22.50 41.62 -17.57
N VAL A 169 23.00 40.70 -16.74
CA VAL A 169 22.99 39.28 -17.11
C VAL A 169 21.67 38.61 -16.82
N LEU A 170 20.69 39.34 -16.29
CA LEU A 170 19.34 38.81 -16.07
C LEU A 170 18.34 39.80 -16.63
N LYS A 171 17.43 39.32 -17.46
CA LYS A 171 16.49 40.22 -18.13
C LYS A 171 15.04 39.82 -17.97
N GLU A 172 14.73 38.52 -17.99
CA GLU A 172 13.35 38.05 -17.97
C GLU A 172 13.21 36.88 -17.00
N PHE A 173 12.10 36.86 -16.26
CA PHE A 173 11.75 35.74 -15.40
C PHE A 173 10.30 35.93 -14.94
N THR A 174 9.53 34.85 -14.97
CA THR A 174 8.17 34.90 -14.50
C THR A 174 8.11 34.78 -12.97
N LEU A 175 6.92 34.99 -12.42
CA LEU A 175 6.75 34.86 -10.97
C LEU A 175 6.95 33.42 -10.51
N GLY A 176 6.55 32.44 -11.33
CA GLY A 176 6.74 31.06 -10.95
C GLY A 176 8.20 30.72 -10.71
N GLU A 177 9.06 31.11 -11.65
CA GLU A 177 10.49 30.85 -11.50
C GLU A 177 11.06 31.56 -10.29
N PHE A 178 10.68 32.84 -10.11
CA PHE A 178 11.23 33.63 -9.01
C PHE A 178 10.86 33.03 -7.65
N LEU A 179 9.58 32.71 -7.45
CA LEU A 179 9.16 32.17 -6.16
C LEU A 179 9.63 30.74 -5.97
N ARG A 180 9.76 29.97 -7.05
CA ARG A 180 10.32 28.63 -6.95
C ARG A 180 11.79 28.68 -6.52
N PHE A 181 12.52 29.68 -7.01
CA PHE A 181 13.92 29.79 -6.64
C PHE A 181 14.09 30.34 -5.22
N MET A 182 13.28 31.33 -4.85
CA MET A 182 13.45 31.95 -3.54
C MET A 182 12.95 31.03 -2.42
N LEU A 183 11.79 30.41 -2.63
CA LEU A 183 11.16 29.56 -1.60
C LEU A 183 11.57 28.11 -1.75
N PHE A 184 12.78 27.87 -2.26
CA PHE A 184 13.27 26.51 -2.44
C PHE A 184 13.24 25.78 -1.11
N MET A 185 12.67 24.57 -1.11
CA MET A 185 12.46 23.84 0.13
C MET A 185 13.73 23.21 0.69
N PRO A 186 14.52 22.46 -0.08
CA PRO A 186 15.68 21.78 0.53
C PRO A 186 16.68 22.72 1.19
N THR A 187 16.80 23.95 0.69
CA THR A 187 17.78 24.91 1.21
C THR A 187 17.09 26.15 1.77
N PHE A 188 15.94 25.95 2.43
CA PHE A 188 15.19 27.09 2.95
C PHE A 188 15.68 27.52 4.32
N THR A 189 15.82 26.57 5.25
CA THR A 189 16.15 26.93 6.63
C THR A 189 17.52 27.58 6.72
N SER A 190 18.58 26.81 6.43
CA SER A 190 19.92 27.37 6.41
C SER A 190 20.77 26.78 5.29
N GLY A 191 20.17 26.16 4.29
CA GLY A 191 20.89 25.44 3.27
C GLY A 191 21.79 26.31 2.43
N PRO A 192 22.47 25.71 1.45
CA PRO A 192 23.46 26.45 0.67
C PRO A 192 22.83 27.61 -0.07
N ILE A 193 23.53 28.74 -0.08
CA ILE A 193 23.04 29.93 -0.75
C ILE A 193 23.29 29.79 -2.25
N ASP A 194 22.24 29.95 -3.03
CA ASP A 194 22.30 29.78 -4.49
C ASP A 194 22.31 31.14 -5.17
N ARG A 195 22.26 31.09 -6.50
CA ARG A 195 22.10 32.27 -7.33
C ARG A 195 20.97 31.99 -8.31
N PHE A 196 20.55 33.02 -9.05
CA PHE A 196 19.40 32.81 -9.93
C PHE A 196 19.81 32.15 -11.24
N LYS A 197 20.71 32.79 -12.00
CA LYS A 197 21.03 32.33 -13.34
C LYS A 197 21.38 30.84 -13.37
N ARG A 198 22.28 30.43 -12.48
CA ARG A 198 22.66 29.03 -12.42
C ARG A 198 21.47 28.15 -12.06
N PHE A 199 20.64 28.60 -11.11
CA PHE A 199 19.51 27.79 -10.67
C PHE A 199 18.51 27.57 -11.80
N ASN A 200 18.21 28.63 -12.56
CA ASN A 200 17.30 28.49 -13.69
C ASN A 200 17.90 27.60 -14.77
N GLU A 201 19.18 27.80 -15.10
CA GLU A 201 19.81 26.96 -16.10
C GLU A 201 19.80 25.49 -15.70
N ASP A 202 19.92 25.20 -14.40
CA ASP A 202 19.93 23.81 -13.96
C ASP A 202 18.52 23.25 -13.84
N TYR A 203 17.53 24.10 -13.52
CA TYR A 203 16.17 23.61 -13.36
C TYR A 203 15.52 23.34 -14.70
N GLN A 204 15.70 24.22 -15.68
CA GLN A 204 15.00 24.07 -16.95
C GLN A 204 15.50 22.86 -17.73
N SER A 205 16.81 22.61 -17.70
CA SER A 205 17.40 21.49 -18.43
C SER A 205 17.53 20.31 -17.48
N ILE A 206 16.57 19.39 -17.58
CA ILE A 206 16.60 18.18 -16.74
C ILE A 206 17.76 17.29 -17.17
N PRO A 207 18.57 16.79 -16.25
CA PRO A 207 19.69 15.91 -16.63
C PRO A 207 19.20 14.58 -17.15
N ASN A 208 20.07 13.92 -17.94
CA ASN A 208 19.73 12.66 -18.56
C ASN A 208 19.66 11.55 -17.51
N ARG A 209 19.37 10.33 -17.98
CA ARG A 209 19.04 9.23 -17.09
C ARG A 209 20.25 8.76 -16.30
N ASP A 210 21.39 8.57 -16.98
CA ASP A 210 22.57 8.04 -16.29
C ASP A 210 23.10 9.02 -15.25
N GLU A 211 23.17 10.30 -15.60
CA GLU A 211 23.56 11.31 -14.62
C GLU A 211 22.56 11.40 -13.49
N LEU A 212 21.29 11.16 -13.77
CA LEU A 212 20.28 11.14 -12.72
C LEU A 212 20.53 9.99 -11.75
N LEU A 213 20.89 8.81 -12.26
CA LEU A 213 21.22 7.70 -11.39
C LEU A 213 22.46 8.00 -10.56
N ASN A 214 23.47 8.62 -11.18
CA ASN A 214 24.67 9.00 -10.43
C ASN A 214 24.32 9.99 -9.32
N MET A 215 23.43 10.94 -9.62
CA MET A 215 23.00 11.88 -8.60
C MET A 215 22.22 11.18 -7.49
N LEU A 216 21.42 10.17 -7.84
CA LEU A 216 20.73 9.40 -6.81
C LEU A 216 21.71 8.70 -5.89
N GLU A 217 22.74 8.07 -6.47
CA GLU A 217 23.74 7.41 -5.64
C GLU A 217 24.48 8.40 -4.75
N GLN A 218 24.83 9.57 -5.31
CA GLN A 218 25.47 10.59 -4.51
C GLN A 218 24.57 11.10 -3.41
N ALA A 219 23.27 11.20 -3.69
CA ALA A 219 22.31 11.64 -2.67
C ALA A 219 22.19 10.63 -1.54
N VAL A 220 22.19 9.33 -1.88
CA VAL A 220 22.15 8.31 -0.83
C VAL A 220 23.41 8.36 0.01
N LYS A 221 24.57 8.52 -0.65
CA LYS A 221 25.82 8.68 0.09
C LYS A 221 25.77 9.90 1.01
N TYR A 222 25.22 11.00 0.51
CA TYR A 222 25.10 12.22 1.32
C TYR A 222 24.18 12.00 2.51
N ILE A 223 23.08 11.27 2.32
CA ILE A 223 22.17 11.00 3.43
C ILE A 223 22.87 10.17 4.49
N MET A 224 23.59 9.13 4.08
CA MET A 224 24.29 8.28 5.05
C MET A 224 25.36 9.06 5.80
N LEU A 225 26.17 9.82 5.06
CA LEU A 225 27.23 10.62 5.70
C LEU A 225 26.63 11.67 6.61
N GLY A 226 25.51 12.27 6.23
CA GLY A 226 24.87 13.25 7.10
C GLY A 226 24.33 12.62 8.36
N PHE A 227 23.77 11.42 8.25
CA PHE A 227 23.41 10.66 9.44
C PHE A 227 24.60 10.53 10.38
N LEU A 228 25.73 10.08 9.83
CA LEU A 228 26.94 9.92 10.64
C LEU A 228 27.38 11.25 11.25
N TYR A 229 27.32 12.32 10.47
CA TYR A 229 27.85 13.61 10.91
C TYR A 229 26.99 14.21 12.01
N LYS A 230 25.68 14.26 11.81
CA LYS A 230 24.83 15.03 12.70
C LYS A 230 24.18 14.20 13.79
N PHE A 231 23.74 12.97 13.48
CA PHE A 231 23.01 12.19 14.46
C PHE A 231 23.90 11.33 15.34
N VAL A 232 25.20 11.28 15.08
CA VAL A 232 26.12 10.50 15.90
C VAL A 232 27.20 11.41 16.48
N LEU A 233 28.01 12.01 15.61
CA LEU A 233 29.14 12.81 16.08
C LEU A 233 28.68 14.12 16.72
N ALA A 234 27.73 14.80 16.08
CA ALA A 234 27.25 16.06 16.64
C ALA A 234 26.60 15.86 17.99
N GLN A 235 25.82 14.79 18.13
CA GLN A 235 25.21 14.48 19.43
C GLN A 235 26.28 14.26 20.49
N ILE A 236 27.33 13.51 20.15
CA ILE A 236 28.40 13.23 21.12
C ILE A 236 29.10 14.52 21.53
N PHE A 237 29.42 15.37 20.55
CA PHE A 237 30.17 16.58 20.85
C PHE A 237 29.30 17.70 21.40
N GLY A 238 27.97 17.55 21.38
CA GLY A 238 27.12 18.59 21.91
C GLY A 238 26.48 18.27 23.24
N SER A 239 26.07 17.01 23.45
CA SER A 239 25.34 16.63 24.64
C SER A 239 26.17 15.87 25.66
N MET A 240 27.41 15.50 25.33
CA MET A 240 28.23 14.70 26.23
C MET A 240 29.45 15.45 26.76
N LEU A 241 30.12 16.22 25.91
CA LEU A 241 31.36 16.88 26.30
C LEU A 241 31.21 18.39 26.52
N LEU A 242 30.39 19.05 25.71
CA LEU A 242 30.29 20.51 25.79
C LEU A 242 29.75 20.99 27.14
N PRO A 243 28.66 20.46 27.69
CA PRO A 243 28.18 20.96 28.98
C PRO A 243 29.18 20.76 30.10
N PRO A 244 29.74 19.55 30.30
CA PRO A 244 30.72 19.41 31.40
C PRO A 244 31.97 20.23 31.18
N LEU A 245 32.44 20.36 29.93
CA LEU A 245 33.63 21.18 29.69
C LEU A 245 33.35 22.65 30.00
N LYS A 246 32.19 23.15 29.60
CA LYS A 246 31.82 24.52 29.94
C LYS A 246 31.72 24.70 31.46
N ALA A 247 31.14 23.71 32.14
CA ALA A 247 31.02 23.81 33.60
C ALA A 247 32.38 23.87 34.26
N GLN A 248 33.32 23.02 33.83
CA GLN A 248 34.65 23.03 34.42
C GLN A 248 35.38 24.33 34.10
N ALA A 249 35.25 24.83 32.87
CA ALA A 249 35.91 26.08 32.51
C ALA A 249 35.37 27.25 33.33
N LEU A 250 34.06 27.31 33.53
CA LEU A 250 33.49 28.34 34.38
C LEU A 250 33.93 28.19 35.82
N SER A 251 34.03 26.95 36.31
CA SER A 251 34.44 26.73 37.69
C SER A 251 35.87 27.21 37.92
N GLN A 252 36.79 26.87 37.01
CA GLN A 252 38.18 27.30 37.19
C GLN A 252 38.32 28.80 37.01
N GLY A 253 37.61 29.37 36.04
CA GLY A 253 37.66 30.81 35.83
C GLY A 253 38.97 31.26 35.20
N GLY A 254 39.23 32.56 35.36
CA GLY A 254 40.42 33.15 34.81
C GLY A 254 40.27 33.49 33.34
N ILE A 255 41.34 34.10 32.78
CA ILE A 255 41.33 34.44 31.37
C ILE A 255 41.35 33.19 30.51
N PHE A 256 42.27 32.27 30.80
CA PHE A 256 42.44 31.07 30.01
C PHE A 256 42.66 29.88 30.94
N ASN A 257 42.40 28.69 30.41
CA ASN A 257 42.60 27.45 31.14
C ASN A 257 42.57 26.29 30.16
N LEU A 258 43.01 25.12 30.63
CA LEU A 258 42.91 23.91 29.82
C LEU A 258 41.46 23.57 29.44
N PRO A 259 40.47 23.65 30.34
CA PRO A 259 39.09 23.47 29.89
C PRO A 259 38.65 24.46 28.83
N THR A 260 39.25 25.65 28.77
CA THR A 260 38.96 26.57 27.67
C THR A 260 39.38 25.97 26.34
N LEU A 261 40.58 25.40 26.27
CA LEU A 261 41.00 24.72 25.04
C LEU A 261 40.08 23.53 24.74
N GLY A 262 39.70 22.78 25.78
CA GLY A 262 38.82 21.65 25.56
C GLY A 262 37.49 22.05 24.97
N VAL A 263 36.86 23.09 25.54
CA VAL A 263 35.56 23.53 25.04
C VAL A 263 35.71 24.14 23.66
N MET A 264 36.83 24.83 23.39
CA MET A 264 37.08 25.37 22.05
C MET A 264 37.08 24.25 21.02
N TYR A 265 37.89 23.22 21.25
CA TYR A 265 38.00 22.14 20.28
C TYR A 265 36.68 21.39 20.14
N VAL A 266 36.02 21.09 21.28
CA VAL A 266 34.78 20.33 21.23
C VAL A 266 33.69 21.11 20.51
N TYR A 267 33.57 22.41 20.78
CA TYR A 267 32.56 23.21 20.10
C TYR A 267 32.86 23.33 18.62
N GLY A 268 34.13 23.50 18.25
CA GLY A 268 34.45 23.56 16.83
C GLY A 268 34.08 22.28 16.10
N PHE A 269 34.44 21.14 16.68
CA PHE A 269 34.06 19.87 16.07
C PHE A 269 32.55 19.70 16.02
N ASP A 270 31.84 20.10 17.07
CA ASP A 270 30.37 20.00 17.05
C ASP A 270 29.77 20.87 15.96
N LEU A 271 30.29 22.10 15.82
CA LEU A 271 29.79 23.01 14.79
C LEU A 271 29.99 22.42 13.40
N PHE A 272 31.19 21.90 13.14
CA PHE A 272 31.44 21.32 11.82
C PHE A 272 30.59 20.09 11.58
N PHE A 273 30.55 19.18 12.55
CA PHE A 273 29.80 17.94 12.37
C PHE A 273 28.29 18.15 12.37
N ASP A 274 27.80 19.31 12.78
CA ASP A 274 26.39 19.63 12.64
C ASP A 274 26.08 20.35 11.34
N PHE A 275 26.86 21.39 11.02
CA PHE A 275 26.62 22.14 9.81
C PHE A 275 26.85 21.29 8.57
N ALA A 276 27.90 20.47 8.56
CA ALA A 276 28.15 19.60 7.42
C ALA A 276 27.05 18.56 7.27
N GLY A 277 26.55 18.04 8.38
CA GLY A 277 25.45 17.09 8.31
C GLY A 277 24.19 17.72 7.73
N TYR A 278 23.85 18.92 8.19
CA TYR A 278 22.68 19.61 7.64
C TYR A 278 22.87 19.94 6.16
N SER A 279 24.08 20.39 5.79
CA SER A 279 24.34 20.73 4.40
C SER A 279 24.27 19.50 3.51
N MET A 280 24.78 18.36 3.98
CA MET A 280 24.68 17.14 3.21
C MET A 280 23.23 16.69 3.07
N PHE A 281 22.44 16.83 4.14
CA PHE A 281 21.02 16.54 4.04
C PHE A 281 20.36 17.41 2.98
N ALA A 282 20.65 18.70 3.00
CA ALA A 282 20.05 19.62 2.02
C ALA A 282 20.50 19.28 0.60
N LEU A 283 21.77 18.98 0.41
CA LEU A 283 22.26 18.64 -0.92
C LEU A 283 21.62 17.35 -1.42
N ALA A 284 21.44 16.36 -0.55
CA ALA A 284 20.79 15.12 -0.95
C ALA A 284 19.34 15.37 -1.34
N VAL A 285 18.62 16.16 -0.54
CA VAL A 285 17.23 16.44 -0.87
C VAL A 285 17.12 17.22 -2.17
N SER A 286 18.05 18.15 -2.41
CA SER A 286 18.06 18.88 -3.66
C SER A 286 18.35 17.95 -4.84
N ASN A 287 19.31 17.04 -4.69
CA ASN A 287 19.62 16.10 -5.75
C ASN A 287 18.44 15.19 -6.06
N LEU A 288 17.68 14.80 -5.05
CA LEU A 288 16.48 14.02 -5.31
C LEU A 288 15.44 14.81 -6.09
N MET A 289 15.58 16.13 -6.17
CA MET A 289 14.74 16.96 -7.02
C MET A 289 15.47 17.45 -8.26
N GLY A 290 16.61 16.84 -8.60
CA GLY A 290 17.29 17.08 -9.85
C GLY A 290 18.17 18.31 -9.89
N ILE A 291 18.29 19.05 -8.79
CA ILE A 291 19.10 20.27 -8.74
C ILE A 291 20.26 20.01 -7.79
N LYS A 292 21.48 20.28 -8.25
CA LYS A 292 22.68 20.11 -7.42
C LYS A 292 23.08 21.48 -6.87
N SER A 293 22.62 21.78 -5.66
CA SER A 293 22.97 23.03 -5.00
C SER A 293 24.46 23.04 -4.69
N PRO A 294 25.05 24.24 -4.55
CA PRO A 294 26.50 24.33 -4.31
C PRO A 294 26.90 23.58 -3.05
N ILE A 295 28.06 22.94 -3.11
CA ILE A 295 28.58 22.20 -1.96
C ILE A 295 28.99 23.19 -0.88
N ASN A 296 28.60 22.90 0.37
CA ASN A 296 28.87 23.82 1.47
C ASN A 296 30.23 23.56 2.11
N PHE A 297 30.53 22.30 2.42
CA PHE A 297 31.78 21.94 3.07
C PHE A 297 32.49 20.88 2.26
N ASP A 298 33.80 21.08 2.04
CA ASP A 298 34.67 20.08 1.43
C ASP A 298 35.93 19.97 2.30
N LYS A 299 35.84 19.16 3.36
CA LYS A 299 36.94 18.80 4.25
C LYS A 299 37.79 20.01 4.59
N PRO A 300 37.28 20.95 5.39
CA PRO A 300 37.99 22.24 5.57
C PRO A 300 39.20 22.15 6.48
N PHE A 301 39.17 21.23 7.45
CA PHE A 301 40.21 21.19 8.48
C PHE A 301 41.58 20.82 7.96
N ILE A 302 41.69 20.29 6.73
CA ILE A 302 42.99 19.96 6.16
C ILE A 302 43.59 21.11 5.37
N SER A 303 43.02 22.31 5.46
CA SER A 303 43.51 23.44 4.68
C SER A 303 44.83 23.93 5.23
N ARG A 304 45.80 24.18 4.34
CA ARG A 304 47.11 24.64 4.78
C ARG A 304 47.08 26.10 5.21
N ASP A 305 46.41 26.96 4.45
CA ASP A 305 46.45 28.40 4.69
C ASP A 305 45.06 28.92 5.01
N MET A 306 45.02 30.13 5.58
CA MET A 306 43.74 30.79 5.86
C MET A 306 42.97 31.04 4.58
N LYS A 307 43.64 31.52 3.53
CA LYS A 307 42.96 31.83 2.28
C LYS A 307 42.38 30.56 1.65
N GLU A 308 43.12 29.45 1.72
CA GLU A 308 42.58 28.20 1.20
C GLU A 308 41.60 27.55 2.17
N PHE A 309 41.48 28.07 3.39
CA PHE A 309 40.45 27.58 4.29
C PHE A 309 39.07 28.07 3.87
N TRP A 310 38.98 29.34 3.47
CA TRP A 310 37.68 29.91 3.09
C TRP A 310 37.17 29.39 1.77
N ASN A 311 37.98 28.67 1.00
CA ASN A 311 37.46 27.98 -0.17
C ASN A 311 36.93 26.59 0.18
N ARG A 312 36.94 26.22 1.46
CA ARG A 312 36.44 24.92 1.89
C ARG A 312 35.42 24.98 3.01
N TRP A 313 35.43 26.02 3.85
CA TRP A 313 34.49 26.14 4.96
C TRP A 313 33.36 27.07 4.55
N HIS A 314 32.13 26.55 4.59
CA HIS A 314 30.95 27.28 4.13
C HIS A 314 31.19 27.82 2.72
N MET A 315 31.40 26.88 1.79
CA MET A 315 31.83 27.24 0.45
C MET A 315 30.82 28.14 -0.24
N SER A 316 29.53 27.82 -0.10
CA SER A 316 28.50 28.63 -0.76
C SER A 316 28.53 30.07 -0.28
N LEU A 317 28.53 30.27 1.04
CA LEU A 317 28.52 31.62 1.59
C LEU A 317 29.81 32.36 1.26
N SER A 318 30.96 31.69 1.40
CA SER A 318 32.23 32.34 1.14
C SER A 318 32.34 32.76 -0.33
N PHE A 319 31.94 31.87 -1.24
CA PHE A 319 31.95 32.21 -2.66
C PHE A 319 30.98 33.34 -2.97
N TRP A 320 29.80 33.34 -2.32
CA TRP A 320 28.84 34.40 -2.54
C TRP A 320 29.43 35.74 -2.13
N PHE A 321 30.07 35.80 -0.98
CA PHE A 321 30.67 37.04 -0.52
C PHE A 321 31.88 37.42 -1.36
N ARG A 322 32.56 36.43 -1.94
CA ARG A 322 33.69 36.72 -2.82
C ARG A 322 33.22 37.34 -4.13
N ASP A 323 32.08 36.86 -4.65
CA ASP A 323 31.60 37.31 -5.94
C ASP A 323 30.84 38.63 -5.85
N PHE A 324 29.92 38.75 -4.89
CA PHE A 324 29.00 39.88 -4.88
C PHE A 324 29.34 40.95 -3.85
N VAL A 325 30.32 40.71 -2.97
CA VAL A 325 30.72 41.68 -1.97
C VAL A 325 32.19 42.06 -2.09
N PHE A 326 33.07 41.09 -2.28
CA PHE A 326 34.51 41.36 -2.29
C PHE A 326 34.96 41.96 -3.61
N MET A 327 34.78 41.22 -4.70
CA MET A 327 35.26 41.67 -6.01
C MET A 327 34.57 42.96 -6.44
N ARG A 328 33.28 43.08 -6.18
CA ARG A 328 32.58 44.32 -6.52
C ARG A 328 33.13 45.51 -5.75
N LEU A 329 33.44 45.30 -4.47
CA LEU A 329 34.02 46.38 -3.68
C LEU A 329 35.42 46.74 -4.18
N VAL A 330 36.21 45.74 -4.58
CA VAL A 330 37.52 46.02 -5.16
C VAL A 330 37.38 46.85 -6.42
N ILE A 331 36.42 46.49 -7.27
CA ILE A 331 36.19 47.24 -8.50
C ILE A 331 35.76 48.66 -8.17
N VAL A 332 34.89 48.83 -7.19
CA VAL A 332 34.43 50.17 -6.81
C VAL A 332 35.60 51.03 -6.34
N LEU A 333 36.45 50.45 -5.48
CA LEU A 333 37.61 51.21 -5.00
C LEU A 333 38.60 51.52 -6.11
N MET A 334 38.86 50.60 -7.03
CA MET A 334 39.83 50.84 -8.09
C MET A 334 39.32 51.86 -9.09
N ARG A 335 38.05 51.78 -9.48
CA ARG A 335 37.51 52.72 -10.44
C ARG A 335 37.49 54.14 -9.87
N ASN A 336 37.38 54.25 -8.54
CA ASN A 336 37.52 55.55 -7.89
C ASN A 336 38.96 55.82 -7.44
N LYS A 337 39.86 54.86 -7.64
CA LYS A 337 41.28 54.96 -7.30
C LYS A 337 41.52 55.70 -5.98
N VAL A 338 40.87 55.18 -4.93
CA VAL A 338 41.00 55.80 -3.61
C VAL A 338 42.40 55.57 -3.05
N PHE A 339 42.94 54.37 -3.21
CA PHE A 339 44.25 54.01 -2.67
C PHE A 339 45.29 53.96 -3.77
N LYS A 340 46.56 54.03 -3.36
CA LYS A 340 47.66 54.16 -4.32
C LYS A 340 47.96 52.83 -5.02
N ASN A 341 47.89 51.73 -4.29
CA ASN A 341 48.34 50.44 -4.79
C ASN A 341 47.26 49.38 -4.59
N ARG A 342 47.48 48.23 -5.23
CA ARG A 342 46.47 47.16 -5.22
C ARG A 342 46.46 46.43 -3.88
N ASN A 343 47.62 46.31 -3.24
CA ASN A 343 47.71 45.52 -2.01
C ASN A 343 46.87 46.12 -0.89
N THR A 344 46.93 47.44 -0.70
CA THR A 344 46.14 48.08 0.33
C THR A 344 44.65 47.92 0.05
N THR A 345 44.25 48.05 -1.21
CA THR A 345 42.85 47.84 -1.57
C THR A 345 42.41 46.43 -1.26
N SER A 346 43.26 45.44 -1.57
CA SER A 346 42.92 44.05 -1.28
C SER A 346 42.79 43.82 0.22
N ASN A 347 43.69 44.41 1.01
CA ASN A 347 43.61 44.25 2.46
C ASN A 347 42.32 44.85 3.01
N VAL A 348 41.99 46.07 2.57
CA VAL A 348 40.78 46.72 3.04
C VAL A 348 39.56 45.93 2.61
N ALA A 349 39.56 45.40 1.39
CA ALA A 349 38.44 44.60 0.92
C ALA A 349 38.27 43.33 1.74
N TYR A 350 39.38 42.67 2.07
CA TYR A 350 39.30 41.47 2.92
C TYR A 350 38.71 41.81 4.28
N ILE A 351 39.21 42.88 4.90
CA ILE A 351 38.73 43.26 6.23
C ILE A 351 37.24 43.59 6.18
N ILE A 352 36.82 44.35 5.18
CA ILE A 352 35.42 44.76 5.08
C ILE A 352 34.52 43.56 4.79
N ASN A 353 34.98 42.65 3.92
CA ASN A 353 34.20 41.46 3.63
C ASN A 353 33.99 40.61 4.88
N MET A 354 35.07 40.38 5.64
CA MET A 354 34.92 39.56 6.84
C MET A 354 34.08 40.26 7.90
N MET A 355 34.22 41.59 8.02
CA MET A 355 33.40 42.33 8.97
C MET A 355 31.93 42.27 8.58
N VAL A 356 31.63 42.34 7.29
CA VAL A 356 30.23 42.26 6.84
C VAL A 356 29.68 40.87 7.07
N MET A 357 30.51 39.84 6.90
CA MET A 357 30.06 38.50 7.25
C MET A 357 29.73 38.40 8.73
N GLY A 358 30.60 38.96 9.57
CA GLY A 358 30.33 38.99 11.00
C GLY A 358 29.04 39.71 11.32
N PHE A 359 28.81 40.86 10.68
CA PHE A 359 27.54 41.57 10.87
C PHE A 359 26.37 40.70 10.46
N TRP A 360 26.47 40.01 9.33
CA TRP A 360 25.39 39.13 8.89
C TRP A 360 25.09 38.06 9.92
N HIS A 361 26.12 37.57 10.60
CA HIS A 361 25.88 36.57 11.64
C HIS A 361 25.02 37.13 12.77
N GLY A 362 25.20 38.40 13.09
CA GLY A 362 24.47 39.05 14.16
C GLY A 362 25.32 40.14 14.77
N ILE A 363 24.67 41.23 15.18
CA ILE A 363 25.38 42.41 15.67
C ILE A 363 25.57 42.21 17.17
N THR A 364 26.61 41.47 17.51
CA THR A 364 27.05 41.33 18.90
C THR A 364 28.54 41.60 18.95
N TRP A 365 29.12 41.49 20.15
CA TRP A 365 30.55 41.75 20.30
C TRP A 365 31.37 40.61 19.72
N TYR A 366 30.98 39.36 19.99
CA TYR A 366 31.82 38.25 19.58
C TYR A 366 31.69 37.92 18.10
N TYR A 367 30.52 38.16 17.49
CA TYR A 367 30.43 37.98 16.04
C TYR A 367 31.30 38.98 15.29
N ILE A 368 31.28 40.24 15.71
CA ILE A 368 32.13 41.24 15.08
C ILE A 368 33.60 40.95 15.36
N ALA A 369 33.91 40.46 16.56
CA ALA A 369 35.28 40.06 16.86
C ALA A 369 35.73 38.93 15.95
N TYR A 370 34.86 37.95 15.72
CA TYR A 370 35.15 36.84 14.81
C TYR A 370 35.40 37.34 13.40
N GLY A 371 34.54 38.24 12.92
CA GLY A 371 34.73 38.80 11.59
C GLY A 371 36.05 39.53 11.44
N ILE A 372 36.36 40.41 12.41
CA ILE A 372 37.58 41.18 12.33
C ILE A 372 38.80 40.28 12.45
N PHE A 373 38.71 39.23 13.28
CA PHE A 373 39.83 38.31 13.45
C PHE A 373 40.09 37.54 12.16
N HIS A 374 39.03 37.09 11.48
CA HIS A 374 39.24 36.41 10.21
C HIS A 374 39.76 37.38 9.16
N GLY A 375 39.34 38.65 9.21
CA GLY A 375 39.89 39.62 8.29
C GLY A 375 41.37 39.85 8.48
N ILE A 376 41.80 39.99 9.74
CA ILE A 376 43.22 40.18 9.99
C ILE A 376 44.00 38.92 9.64
N GLY A 377 43.41 37.74 9.86
CA GLY A 377 44.05 36.52 9.41
C GLY A 377 44.25 36.50 7.91
N LEU A 378 43.23 36.92 7.15
CA LEU A 378 43.35 36.95 5.69
C LEU A 378 44.44 37.92 5.24
N VAL A 379 44.46 39.13 5.81
CA VAL A 379 45.45 40.11 5.37
C VAL A 379 46.86 39.67 5.76
N ILE A 380 47.01 39.07 6.94
CA ILE A 380 48.32 38.56 7.35
C ILE A 380 48.75 37.44 6.44
N ASN A 381 47.82 36.58 6.03
CA ASN A 381 48.15 35.51 5.09
C ASN A 381 48.63 36.07 3.77
N ASP A 382 47.95 37.10 3.25
CA ASP A 382 48.40 37.72 2.00
C ASP A 382 49.79 38.33 2.15
N ALA A 383 50.02 39.05 3.25
CA ALA A 383 51.33 39.68 3.46
C ALA A 383 52.43 38.63 3.57
N TRP A 384 52.16 37.54 4.30
CA TRP A 384 53.14 36.47 4.43
C TRP A 384 53.41 35.80 3.09
N LEU A 385 52.38 35.61 2.28
CA LEU A 385 52.59 35.02 0.96
C LEU A 385 53.49 35.90 0.09
N ARG A 386 53.23 37.22 0.10
CA ARG A 386 54.07 38.12 -0.68
C ARG A 386 55.51 38.14 -0.17
N LYS A 387 55.69 38.20 1.16
CA LYS A 387 57.03 38.19 1.73
C LYS A 387 57.76 36.90 1.41
N LYS A 388 57.06 35.77 1.49
CA LYS A 388 57.65 34.48 1.16
C LYS A 388 58.06 34.43 -0.30
N LYS A 389 57.21 34.95 -1.19
CA LYS A 389 57.57 34.98 -2.61
C LYS A 389 58.83 35.79 -2.84
N THR A 390 58.92 36.97 -2.21
CA THR A 390 60.10 37.81 -2.39
C THR A 390 61.35 37.13 -1.84
N ILE A 391 61.26 36.55 -0.64
CA ILE A 391 62.45 35.96 -0.04
C ILE A 391 62.86 34.69 -0.79
N ASN A 392 61.90 33.94 -1.34
CA ASN A 392 62.26 32.77 -2.13
C ASN A 392 62.88 33.17 -3.46
N LYS A 393 62.41 34.27 -4.06
CA LYS A 393 63.07 34.78 -5.25
C LYS A 393 64.51 35.18 -4.95
N ASP A 394 64.73 35.85 -3.81
CA ASP A 394 66.09 36.23 -3.44
C ASP A 394 66.95 35.01 -3.17
N ARG A 395 66.39 33.98 -2.53
CA ARG A 395 67.13 32.76 -2.28
C ARG A 395 67.52 32.07 -3.58
N LYS A 396 66.59 32.00 -4.53
CA LYS A 396 66.90 31.40 -5.83
C LYS A 396 67.97 32.21 -6.55
N LYS A 397 67.90 33.54 -6.48
CA LYS A 397 68.96 34.36 -7.05
C LYS A 397 70.29 34.14 -6.33
N ALA A 398 70.27 34.05 -5.01
CA ALA A 398 71.49 33.88 -4.23
C ALA A 398 72.06 32.47 -4.31
N GLY A 399 71.32 31.52 -4.89
CA GLY A 399 71.77 30.15 -5.02
C GLY A 399 71.26 29.22 -3.94
N LEU A 400 70.72 29.74 -2.85
CA LEU A 400 70.18 28.89 -1.80
C LEU A 400 68.95 28.15 -2.30
N LYS A 401 68.87 26.87 -1.95
CA LYS A 401 67.73 26.05 -2.34
C LYS A 401 66.45 26.56 -1.67
N PRO A 402 65.33 26.56 -2.40
CA PRO A 402 64.06 26.96 -1.77
C PRO A 402 63.70 26.03 -0.62
N LEU A 403 62.98 26.58 0.35
CA LEU A 403 62.66 25.85 1.56
C LEU A 403 61.88 24.58 1.21
N PRO A 404 62.32 23.40 1.65
CA PRO A 404 61.61 22.16 1.29
C PRO A 404 60.23 22.09 1.93
N GLU A 405 59.31 21.44 1.22
CA GLU A 405 57.95 21.21 1.70
C GLU A 405 57.52 19.83 1.22
N ASN A 406 57.80 18.81 2.03
CA ASN A 406 57.37 17.45 1.71
C ASN A 406 56.40 16.90 2.75
N LYS A 407 56.76 16.94 4.03
CA LYS A 407 55.87 16.44 5.08
C LYS A 407 55.81 17.31 6.32
N TRP A 408 56.83 18.12 6.62
CA TRP A 408 56.89 18.88 7.86
C TRP A 408 56.34 20.29 7.71
N THR A 409 56.72 21.01 6.64
CA THR A 409 56.19 22.35 6.44
C THR A 409 54.68 22.32 6.20
N LYS A 410 54.21 21.35 5.43
CA LYS A 410 52.78 21.20 5.20
C LYS A 410 52.04 20.90 6.50
N ALA A 411 52.63 20.03 7.34
CA ALA A 411 52.01 19.74 8.63
C ALA A 411 51.99 20.97 9.53
N LEU A 412 53.05 21.76 9.52
CA LEU A 412 53.07 23.00 10.31
C LEU A 412 51.99 23.96 9.83
N GLY A 413 51.85 24.12 8.51
CA GLY A 413 50.81 25.00 8.00
C GLY A 413 49.42 24.51 8.36
N ILE A 414 49.17 23.21 8.21
CA ILE A 414 47.87 22.65 8.56
C ILE A 414 47.59 22.88 10.04
N PHE A 415 48.58 22.64 10.90
CA PHE A 415 48.37 22.78 12.33
C PHE A 415 48.08 24.23 12.71
N ILE A 416 48.81 25.18 12.13
CA ILE A 416 48.60 26.57 12.52
C ILE A 416 47.26 27.08 11.99
N THR A 417 46.89 26.67 10.77
CA THR A 417 45.58 27.05 10.24
C THR A 417 44.46 26.46 11.09
N PHE A 418 44.60 25.18 11.48
CA PHE A 418 43.58 24.56 12.31
C PHE A 418 43.48 25.24 13.68
N ASN A 419 44.62 25.60 14.27
CA ASN A 419 44.59 26.29 15.56
C ASN A 419 43.88 27.63 15.45
N THR A 420 44.20 28.41 14.41
CA THR A 420 43.55 29.70 14.24
C THR A 420 42.05 29.54 13.99
N VAL A 421 41.66 28.51 13.22
CA VAL A 421 40.24 28.27 12.97
C VAL A 421 39.52 27.89 14.25
N MET A 422 40.17 27.06 15.09
CA MET A 422 39.54 26.67 16.35
C MET A 422 39.38 27.87 17.27
N LEU A 423 40.38 28.75 17.32
CA LEU A 423 40.24 29.96 18.13
C LEU A 423 39.12 30.85 17.59
N SER A 424 39.01 30.96 16.27
CA SER A 424 37.92 31.75 15.69
C SER A 424 36.56 31.15 16.04
N PHE A 425 36.46 29.83 16.00
CA PHE A 425 35.19 29.19 16.37
C PHE A 425 34.87 29.38 17.84
N LEU A 426 35.89 29.35 18.71
CA LEU A 426 35.66 29.62 20.12
C LEU A 426 35.12 31.02 20.32
N ILE A 427 35.71 32.01 19.63
CA ILE A 427 35.20 33.38 19.72
C ILE A 427 33.78 33.45 19.18
N PHE A 428 33.52 32.80 18.06
CA PHE A 428 32.19 32.79 17.46
C PHE A 428 31.21 31.99 18.30
N SER A 429 31.71 31.10 19.16
CA SER A 429 30.82 30.26 19.95
C SER A 429 29.93 31.07 20.87
N GLY A 430 30.40 32.24 21.31
CA GLY A 430 29.72 32.98 22.34
C GLY A 430 30.01 32.50 23.75
N PHE A 431 30.74 31.40 23.89
CA PHE A 431 31.14 30.94 25.22
C PHE A 431 32.15 31.88 25.85
N LEU A 432 32.93 32.60 25.03
CA LEU A 432 33.85 33.58 25.58
C LEU A 432 33.09 34.70 26.30
N ASN A 433 31.86 34.98 25.87
CA ASN A 433 31.05 35.99 26.55
C ASN A 433 30.64 35.52 27.94
N ASP A 434 30.23 34.26 28.07
CA ASP A 434 29.88 33.73 29.38
C ASP A 434 31.10 33.61 30.27
N LEU A 435 32.24 33.18 29.71
CA LEU A 435 33.45 33.02 30.50
C LEU A 435 33.90 34.34 31.11
N TRP A 436 33.96 35.39 30.29
CA TRP A 436 34.34 36.70 30.76
C TRP A 436 33.08 37.49 31.13
N PHE A 437 33.25 38.77 31.40
CA PHE A 437 32.15 39.73 31.54
C PHE A 437 32.50 41.04 30.85
N THR A 438 33.12 40.93 29.68
CA THR A 438 33.61 42.10 28.96
C THR A 438 32.45 42.94 28.42
N LYS A 439 32.74 44.20 28.12
CA LYS A 439 31.74 45.11 27.58
C LYS A 439 31.17 44.57 26.27
N LYS A 440 29.85 44.36 26.26
CA LYS A 440 29.18 43.75 25.13
C LYS A 440 28.31 44.76 24.38
N PHE B 22 33.32 13.72 29.75
CA PHE B 22 32.64 12.47 29.43
C PHE B 22 31.53 12.17 30.44
N GLN B 23 30.49 11.47 29.98
CA GLN B 23 29.40 11.02 30.83
C GLN B 23 29.22 9.50 30.78
N GLY B 24 29.39 8.90 29.61
CA GLY B 24 29.17 7.47 29.45
C GLY B 24 27.71 7.08 29.29
N SER B 25 26.83 8.01 28.97
CA SER B 25 25.41 7.75 28.85
C SER B 25 24.99 7.32 27.45
N MET B 26 25.94 7.13 26.54
CA MET B 26 25.60 6.78 25.16
C MET B 26 24.76 5.51 25.10
N ILE B 27 25.01 4.57 26.02
CA ILE B 27 24.22 3.34 26.08
C ILE B 27 22.74 3.69 26.23
N ASP B 28 22.42 4.59 27.14
CA ASP B 28 21.05 5.05 27.29
C ASP B 28 20.52 5.60 25.97
N PHE B 29 21.34 6.40 25.28
CA PHE B 29 20.97 6.88 23.95
C PHE B 29 20.67 5.71 23.03
N LEU B 30 21.54 4.70 23.04
CA LEU B 30 21.33 3.54 22.18
C LEU B 30 20.02 2.83 22.51
N LYS B 31 19.48 3.02 23.71
CA LYS B 31 18.24 2.37 24.08
C LYS B 31 17.00 3.13 23.59
N GLN B 32 17.15 4.38 23.16
CA GLN B 32 15.99 5.11 22.65
C GLN B 32 15.88 5.05 21.13
N LEU B 33 16.77 4.30 20.46
CA LEU B 33 16.64 4.09 19.02
C LEU B 33 15.44 3.20 18.73
N PRO B 34 14.89 3.29 17.52
CA PRO B 34 13.78 2.40 17.16
C PRO B 34 14.21 0.94 17.12
N HIS B 35 13.27 0.06 17.43
CA HIS B 35 13.53 -1.38 17.48
C HIS B 35 12.65 -2.09 16.47
N LEU B 36 13.26 -3.01 15.72
CA LEU B 36 12.53 -3.77 14.70
C LEU B 36 13.14 -5.16 14.65
N GLU B 37 12.43 -6.14 15.22
CA GLU B 37 12.95 -7.51 15.27
C GLU B 37 13.02 -8.08 13.86
N PRO B 38 14.14 -8.68 13.47
CA PRO B 38 14.25 -9.23 12.11
C PRO B 38 13.31 -10.42 11.93
N TYR B 39 12.47 -10.34 10.90
CA TYR B 39 11.46 -11.36 10.62
C TYR B 39 10.55 -11.58 11.83
N GLY B 40 10.23 -10.49 12.52
CA GLY B 40 9.41 -10.56 13.71
C GLY B 40 7.93 -10.51 13.41
N ASN B 41 7.54 -9.66 12.48
CA ASN B 41 6.15 -9.46 12.10
C ASN B 41 6.01 -9.53 10.59
N PRO B 42 4.83 -9.90 10.10
CA PRO B 42 4.59 -9.83 8.65
C PRO B 42 4.74 -8.42 8.10
N PHE B 43 4.41 -7.40 8.89
CA PHE B 43 4.55 -6.02 8.44
C PHE B 43 6.01 -5.62 8.21
N TYR B 44 6.95 -6.33 8.85
CA TYR B 44 8.37 -6.09 8.59
C TYR B 44 8.71 -6.33 7.13
N PHE B 45 8.09 -7.33 6.52
CA PHE B 45 8.36 -7.62 5.11
C PHE B 45 7.85 -6.52 4.19
N ILE B 46 6.86 -5.72 4.63
CA ILE B 46 6.46 -4.57 3.83
C ILE B 46 7.61 -3.56 3.73
N TYR B 47 8.20 -3.22 4.88
CA TYR B 47 9.35 -2.32 4.88
C TYR B 47 10.49 -2.91 4.06
N LEU B 48 10.76 -4.21 4.25
CA LEU B 48 11.88 -4.84 3.57
C LEU B 48 11.68 -4.84 2.05
N GLY B 49 10.47 -5.17 1.59
CA GLY B 49 10.21 -5.17 0.17
C GLY B 49 10.26 -3.78 -0.44
N ILE B 50 9.71 -2.78 0.28
CA ILE B 50 9.79 -1.41 -0.21
C ILE B 50 11.24 -0.97 -0.33
N ALA B 51 12.07 -1.31 0.66
CA ALA B 51 13.47 -0.91 0.62
C ALA B 51 14.24 -1.64 -0.48
N LEU B 52 13.94 -2.92 -0.69
CA LEU B 52 14.72 -3.72 -1.64
C LEU B 52 14.20 -3.65 -3.07
N LEU B 53 13.03 -3.04 -3.30
CA LEU B 53 12.54 -2.89 -4.66
C LEU B 53 13.51 -2.15 -5.57
N PRO B 54 14.10 -1.00 -5.17
CA PRO B 54 15.08 -0.37 -6.06
C PRO B 54 16.26 -1.26 -6.40
N ILE B 55 16.73 -2.07 -5.45
CA ILE B 55 17.84 -2.97 -5.71
C ILE B 55 17.47 -4.00 -6.77
N PHE B 56 16.26 -4.56 -6.66
CA PHE B 56 15.80 -5.53 -7.65
C PHE B 56 15.64 -4.90 -9.02
N ILE B 57 15.09 -3.68 -9.07
CA ILE B 57 14.94 -3.00 -10.35
C ILE B 57 16.31 -2.74 -10.98
N GLY B 58 17.27 -2.28 -10.17
CA GLY B 58 18.62 -2.09 -10.68
C GLY B 58 19.25 -3.37 -11.17
N LEU B 59 18.98 -4.49 -10.48
CA LEU B 59 19.47 -5.79 -10.94
C LEU B 59 18.88 -6.11 -12.31
N PHE B 60 17.59 -5.83 -12.51
CA PHE B 60 16.96 -6.10 -13.79
C PHE B 60 17.65 -5.39 -14.95
N PHE B 61 18.30 -4.26 -14.69
CA PHE B 61 19.02 -3.51 -15.72
C PHE B 61 20.53 -3.69 -15.61
N LYS B 62 20.99 -4.70 -14.88
CA LYS B 62 22.41 -5.02 -14.76
C LYS B 62 23.18 -3.87 -14.11
N LYS B 63 22.68 -3.40 -12.96
CA LYS B 63 23.32 -2.34 -12.21
C LYS B 63 23.21 -2.64 -10.72
N ARG B 64 24.31 -2.49 -10.00
CA ARG B 64 24.32 -2.55 -8.55
C ARG B 64 24.80 -1.22 -8.00
N PHE B 65 24.02 -0.64 -7.08
CA PHE B 65 24.33 0.67 -6.54
C PHE B 65 25.52 0.65 -5.59
N ALA B 66 25.63 -0.40 -4.77
CA ALA B 66 26.75 -0.59 -3.86
C ALA B 66 26.83 0.50 -2.79
N ILE B 67 25.87 1.43 -2.80
CA ILE B 67 25.73 2.43 -1.74
C ILE B 67 24.34 2.38 -1.11
N TYR B 68 23.30 2.33 -1.94
CA TYR B 68 21.95 2.13 -1.41
C TYR B 68 21.82 0.79 -0.71
N GLU B 69 22.51 -0.24 -1.23
CA GLU B 69 22.54 -1.53 -0.56
C GLU B 69 23.19 -1.40 0.82
N CYS B 70 24.29 -0.66 0.91
CA CYS B 70 24.92 -0.44 2.20
C CYS B 70 23.99 0.28 3.15
N LEU B 71 23.27 1.29 2.65
CA LEU B 71 22.35 2.04 3.50
C LEU B 71 21.25 1.14 4.04
N VAL B 72 20.60 0.37 3.18
CA VAL B 72 19.49 -0.47 3.63
C VAL B 72 20.00 -1.56 4.57
N SER B 73 21.15 -2.16 4.26
CA SER B 73 21.69 -3.20 5.13
C SER B 73 22.02 -2.64 6.51
N ILE B 74 22.66 -1.48 6.56
CA ILE B 74 23.03 -0.90 7.85
C ILE B 74 21.78 -0.52 8.64
N THR B 75 20.79 0.07 7.97
CA THR B 75 19.58 0.45 8.68
C THR B 75 18.88 -0.76 9.27
N PHE B 76 18.76 -1.85 8.51
CA PHE B 76 18.06 -3.01 9.03
C PHE B 76 18.89 -3.74 10.09
N ILE B 77 20.21 -3.76 9.97
CA ILE B 77 21.04 -4.34 11.02
C ILE B 77 20.86 -3.58 12.32
N VAL B 78 20.89 -2.24 12.24
CA VAL B 78 20.73 -1.42 13.45
C VAL B 78 19.34 -1.61 14.05
N LEU B 79 18.31 -1.67 13.20
CA LEU B 79 16.95 -1.88 13.72
C LEU B 79 16.82 -3.26 14.36
N ALA B 80 17.58 -4.24 13.87
CA ALA B 80 17.53 -5.57 14.47
C ALA B 80 18.29 -5.63 15.77
N LEU B 81 19.37 -4.87 15.90
CA LEU B 81 20.24 -4.95 17.08
C LEU B 81 19.80 -4.03 18.21
N THR B 82 18.81 -3.16 17.99
CA THR B 82 18.37 -2.23 19.02
C THR B 82 17.29 -2.84 19.90
N GLY B 83 17.62 -3.92 20.59
CA GLY B 83 16.71 -4.56 21.52
C GLY B 83 16.79 -3.97 22.90
N THR B 84 16.41 -4.77 23.90
CA THR B 84 16.55 -4.33 25.28
C THR B 84 18.01 -4.11 25.64
N HIS B 85 18.89 -4.99 25.18
CA HIS B 85 20.33 -4.81 25.35
C HIS B 85 20.94 -4.21 24.09
N ALA B 86 20.59 -2.94 23.84
CA ALA B 86 21.09 -2.25 22.66
C ALA B 86 22.60 -2.03 22.70
N SER B 87 23.22 -2.16 23.88
CA SER B 87 24.65 -1.96 24.00
C SER B 87 25.44 -2.90 23.09
N GLN B 88 24.84 -4.01 22.68
CA GLN B 88 25.51 -4.93 21.77
C GLN B 88 25.95 -4.24 20.49
N ILE B 89 25.26 -3.15 20.09
CA ILE B 89 25.67 -2.42 18.90
C ILE B 89 27.11 -1.95 19.05
N LEU B 90 27.46 -1.42 20.22
CA LEU B 90 28.84 -1.00 20.45
C LEU B 90 29.79 -2.16 20.25
N ALA B 91 29.42 -3.35 20.72
CA ALA B 91 30.25 -4.53 20.50
C ALA B 91 30.49 -4.75 19.01
N LEU B 92 29.45 -4.58 18.20
CA LEU B 92 29.62 -4.68 16.75
C LEU B 92 30.63 -3.64 16.27
N LEU B 93 30.50 -2.40 16.75
CA LEU B 93 31.43 -1.36 16.32
C LEU B 93 32.84 -1.63 16.80
N PHE B 94 33.01 -2.59 17.71
CA PHE B 94 34.35 -3.09 18.00
C PHE B 94 34.69 -4.27 17.11
N TYR B 95 33.75 -5.22 16.99
CA TYR B 95 34.04 -6.47 16.29
C TYR B 95 34.56 -6.20 14.89
N ILE B 96 33.86 -5.36 14.12
CA ILE B 96 34.33 -5.03 12.78
C ILE B 96 35.73 -4.44 12.84
N VAL B 97 35.92 -3.43 13.70
CA VAL B 97 37.22 -2.78 13.78
C VAL B 97 38.28 -3.76 14.25
N TRP B 98 37.85 -4.84 14.91
CA TRP B 98 38.77 -5.92 15.19
C TRP B 98 39.04 -6.74 13.93
N GLN B 99 37.99 -7.27 13.31
CA GLN B 99 38.17 -8.24 12.23
C GLN B 99 39.00 -7.65 11.10
N ILE B 100 38.64 -6.45 10.64
CA ILE B 100 39.40 -5.78 9.60
C ILE B 100 40.88 -5.76 9.98
N ILE B 101 41.18 -5.31 11.20
CA ILE B 101 42.58 -5.18 11.62
C ILE B 101 43.29 -6.51 11.51
N TRP B 102 42.61 -7.61 11.86
CA TRP B 102 43.24 -8.92 11.84
C TRP B 102 42.93 -9.72 10.57
N VAL B 103 42.30 -9.11 9.58
CA VAL B 103 42.20 -9.77 8.28
C VAL B 103 43.28 -9.20 7.38
N TYR B 104 43.28 -7.88 7.21
CA TYR B 104 44.30 -7.24 6.39
C TYR B 104 45.70 -7.49 6.91
N SER B 105 45.86 -7.59 8.23
CA SER B 105 47.17 -7.90 8.79
C SER B 105 47.71 -9.20 8.21
N TYR B 106 46.83 -10.17 7.92
CA TYR B 106 47.27 -11.36 7.23
C TYR B 106 47.53 -11.09 5.76
N LYS B 107 46.66 -10.31 5.11
CA LYS B 107 46.79 -10.09 3.67
C LYS B 107 48.11 -9.43 3.33
N ARG B 108 48.54 -8.45 4.13
CA ARG B 108 49.85 -7.85 3.93
C ARG B 108 50.94 -8.89 4.09
N TYR B 109 50.82 -9.75 5.10
CA TYR B 109 51.85 -10.77 5.33
C TYR B 109 51.81 -11.86 4.26
N ARG B 110 50.61 -12.23 3.80
CA ARG B 110 50.48 -13.34 2.87
C ARG B 110 51.28 -13.12 1.60
N SER B 111 51.32 -11.87 1.12
CA SER B 111 52.08 -11.57 -0.09
C SER B 111 53.55 -11.91 0.09
N GLN B 112 54.09 -11.72 1.30
CA GLN B 112 55.52 -11.92 1.52
C GLN B 112 55.85 -13.40 1.76
N ARG B 113 55.32 -13.98 2.83
CA ARG B 113 55.69 -15.32 3.26
C ARG B 113 54.45 -16.13 3.61
N ASP B 114 54.66 -17.42 3.87
CA ASP B 114 53.56 -18.35 4.16
C ASP B 114 53.92 -19.27 5.32
N ASN B 115 54.49 -18.71 6.37
CA ASN B 115 54.78 -19.51 7.56
C ASN B 115 53.48 -19.96 8.21
N LYS B 116 53.45 -21.23 8.62
CA LYS B 116 52.21 -21.82 9.14
C LYS B 116 51.80 -21.16 10.45
N TRP B 117 52.76 -20.85 11.32
CA TRP B 117 52.42 -20.31 12.64
C TRP B 117 51.77 -18.93 12.54
N VAL B 118 52.17 -18.12 11.56
CA VAL B 118 51.53 -16.83 11.38
C VAL B 118 50.05 -17.02 11.01
N PHE B 119 49.76 -17.97 10.13
CA PHE B 119 48.37 -18.25 9.79
C PHE B 119 47.59 -18.77 10.99
N TYR B 120 48.20 -19.65 11.78
CA TYR B 120 47.52 -20.14 12.98
C TYR B 120 47.21 -18.99 13.93
N LEU B 121 48.18 -18.09 14.15
CA LEU B 121 47.96 -16.96 15.05
C LEU B 121 46.87 -16.04 14.53
N HIS B 122 46.87 -15.75 13.22
CA HIS B 122 45.85 -14.86 12.68
C HIS B 122 44.47 -15.48 12.76
N SER B 123 44.35 -16.78 12.47
CA SER B 123 43.06 -17.46 12.59
C SER B 123 42.58 -17.47 14.04
N PHE B 124 43.49 -17.74 14.98
CA PHE B 124 43.12 -17.74 16.39
C PHE B 124 42.66 -16.36 16.84
N LEU B 125 43.36 -15.31 16.41
CA LEU B 125 42.97 -13.97 16.80
C LEU B 125 41.64 -13.56 16.17
N VAL B 126 41.36 -14.04 14.95
CA VAL B 126 40.07 -13.73 14.33
C VAL B 126 38.94 -14.46 15.05
N VAL B 127 39.17 -15.72 15.45
CA VAL B 127 38.14 -16.47 16.16
C VAL B 127 38.08 -16.12 17.65
N LEU B 128 39.01 -15.32 18.14
CA LEU B 128 39.05 -14.99 19.56
C LEU B 128 37.78 -14.35 20.10
N PRO B 129 37.12 -13.40 19.43
CA PRO B 129 35.86 -12.87 19.98
C PRO B 129 34.81 -13.95 20.22
N LEU B 130 34.69 -14.90 19.31
CA LEU B 130 33.76 -16.00 19.51
C LEU B 130 34.16 -16.84 20.73
N ILE B 131 35.46 -17.07 20.91
CA ILE B 131 35.93 -17.83 22.06
C ILE B 131 35.58 -17.11 23.34
N LEU B 132 35.79 -15.79 23.40
CA LEU B 132 35.45 -15.05 24.60
C LEU B 132 33.95 -15.09 24.87
N VAL B 133 33.13 -14.91 23.83
CA VAL B 133 31.69 -14.90 24.03
C VAL B 133 31.21 -16.26 24.53
N LYS B 134 31.82 -17.34 24.04
CA LYS B 134 31.37 -18.66 24.45
C LYS B 134 32.01 -19.13 25.75
N VAL B 135 33.06 -18.45 26.22
CA VAL B 135 33.76 -18.91 27.42
C VAL B 135 33.40 -18.08 28.65
N GLU B 136 33.34 -16.75 28.52
CA GLU B 136 33.14 -15.90 29.69
C GLU B 136 31.89 -16.26 30.50
N PRO B 137 30.75 -16.60 29.90
CA PRO B 137 29.61 -17.05 30.74
C PRO B 137 29.91 -18.27 31.58
N THR B 138 30.97 -19.02 31.28
CA THR B 138 31.30 -20.17 32.12
C THR B 138 32.17 -19.77 33.30
N ILE B 139 33.18 -18.92 33.06
CA ILE B 139 34.11 -18.54 34.11
C ILE B 139 33.48 -17.50 35.03
N ASN B 140 33.14 -16.33 34.47
CA ASN B 140 32.56 -15.26 35.28
C ASN B 140 31.09 -15.50 35.57
N GLY B 141 30.42 -16.32 34.79
CA GLY B 141 29.00 -16.57 34.98
C GLY B 141 28.07 -15.57 34.36
N THR B 142 28.60 -14.54 33.70
CA THR B 142 27.78 -13.48 33.11
C THR B 142 28.13 -13.33 31.64
N GLN B 143 27.18 -12.79 30.88
CA GLN B 143 27.38 -12.57 29.46
C GLN B 143 28.58 -11.67 29.20
N SER B 144 29.37 -12.02 28.19
CA SER B 144 30.56 -11.24 27.86
C SER B 144 30.17 -9.95 27.17
N LEU B 145 31.06 -8.96 27.27
CA LEU B 145 30.80 -7.66 26.66
C LEU B 145 30.73 -7.75 25.15
N LEU B 146 31.63 -8.52 24.53
CA LEU B 146 31.71 -8.57 23.08
C LEU B 146 30.50 -9.24 22.43
N ASN B 147 29.65 -9.89 23.22
CA ASN B 147 28.54 -10.65 22.65
C ASN B 147 27.52 -9.72 22.00
N PHE B 148 27.03 -10.12 20.83
CA PHE B 148 25.90 -9.45 20.19
C PHE B 148 25.06 -10.53 19.53
N LEU B 149 24.14 -10.10 18.65
CA LEU B 149 23.12 -11.01 18.15
C LEU B 149 23.72 -12.15 17.33
N GLY B 150 24.57 -11.83 16.36
CA GLY B 150 25.02 -12.82 15.40
C GLY B 150 26.50 -13.04 15.28
N ILE B 151 27.25 -13.02 16.39
CA ILE B 151 28.68 -13.23 16.33
C ILE B 151 29.00 -14.66 15.90
N SER B 152 28.18 -15.63 16.32
CA SER B 152 28.45 -17.03 16.01
C SER B 152 28.21 -17.33 14.53
N TYR B 153 27.60 -16.41 13.80
CA TYR B 153 27.38 -16.56 12.37
C TYR B 153 28.14 -15.51 11.57
N LEU B 154 29.01 -14.73 12.21
CA LEU B 154 29.93 -13.82 11.55
C LEU B 154 31.37 -14.24 11.68
N THR B 155 31.74 -14.85 12.81
CA THR B 155 33.07 -15.41 12.94
C THR B 155 33.34 -16.46 11.88
N PHE B 156 32.31 -17.18 11.44
CA PHE B 156 32.51 -18.18 10.40
C PHE B 156 32.96 -17.54 9.10
N ARG B 157 32.32 -16.45 8.69
CA ARG B 157 32.76 -15.76 7.49
C ARG B 157 34.13 -15.12 7.68
N ALA B 158 34.36 -14.50 8.85
CA ALA B 158 35.62 -13.81 9.08
C ALA B 158 36.79 -14.75 9.26
N VAL B 159 36.55 -16.04 9.48
CA VAL B 159 37.63 -17.02 9.47
C VAL B 159 37.69 -17.79 8.16
N GLY B 160 36.57 -17.89 7.43
CA GLY B 160 36.62 -18.44 6.09
C GLY B 160 37.44 -17.58 5.15
N MET B 161 37.38 -16.25 5.32
CA MET B 161 38.22 -15.37 4.53
C MET B 161 39.70 -15.67 4.76
N ILE B 162 40.11 -15.82 6.02
CA ILE B 162 41.51 -16.11 6.32
C ILE B 162 41.90 -17.49 5.79
N ILE B 163 41.03 -18.48 5.96
CA ILE B 163 41.34 -19.83 5.47
C ILE B 163 41.53 -19.82 3.96
N GLU B 164 40.65 -19.11 3.24
CA GLU B 164 40.80 -18.98 1.79
C GLU B 164 42.11 -18.28 1.43
N MET B 165 42.48 -17.25 2.21
CA MET B 165 43.77 -16.60 1.98
C MET B 165 44.92 -17.59 2.15
N ARG B 166 44.81 -18.49 3.13
CA ARG B 166 45.90 -19.42 3.39
C ARG B 166 46.13 -20.36 2.21
N ASP B 167 45.06 -20.86 1.60
CA ASP B 167 45.19 -21.75 0.46
C ASP B 167 45.75 -21.06 -0.78
N GLY B 168 45.79 -19.73 -0.78
CA GLY B 168 46.18 -18.98 -1.96
C GLY B 168 45.06 -18.75 -2.95
N VAL B 169 43.87 -19.28 -2.70
CA VAL B 169 42.74 -19.05 -3.59
C VAL B 169 42.32 -17.59 -3.53
N LEU B 170 42.42 -16.97 -2.36
CA LEU B 170 41.98 -15.60 -2.15
C LEU B 170 43.14 -14.64 -2.35
N LYS B 171 42.85 -13.52 -3.01
CA LYS B 171 43.85 -12.53 -3.39
C LYS B 171 43.24 -11.15 -3.22
N GLU B 172 43.90 -10.15 -3.81
CA GLU B 172 43.51 -8.74 -3.71
C GLU B 172 42.00 -8.54 -3.79
N PHE B 173 41.46 -7.78 -2.85
CA PHE B 173 40.03 -7.51 -2.77
C PHE B 173 39.82 -6.20 -2.00
N THR B 174 38.87 -5.41 -2.48
CA THR B 174 38.60 -4.12 -1.86
C THR B 174 37.84 -4.28 -0.55
N LEU B 175 37.93 -3.25 0.29
CA LEU B 175 37.26 -3.28 1.59
C LEU B 175 35.74 -3.33 1.44
N GLY B 176 35.20 -2.71 0.39
CA GLY B 176 33.76 -2.76 0.18
C GLY B 176 33.25 -4.18 0.05
N GLU B 177 33.97 -5.02 -0.70
CA GLU B 177 33.57 -6.41 -0.85
C GLU B 177 33.59 -7.13 0.49
N PHE B 178 34.65 -6.92 1.27
CA PHE B 178 34.76 -7.55 2.58
C PHE B 178 33.59 -7.16 3.47
N LEU B 179 33.28 -5.88 3.55
CA LEU B 179 32.23 -5.44 4.48
C LEU B 179 30.84 -5.80 3.96
N ARG B 180 30.67 -5.92 2.64
CA ARG B 180 29.37 -6.34 2.13
C ARG B 180 29.22 -7.84 2.17
N PHE B 181 30.31 -8.58 2.38
CA PHE B 181 30.20 -10.03 2.54
C PHE B 181 30.03 -10.43 4.00
N MET B 182 30.92 -9.95 4.86
CA MET B 182 30.87 -10.34 6.26
C MET B 182 29.59 -9.88 6.95
N LEU B 183 29.07 -8.71 6.56
CA LEU B 183 27.92 -8.13 7.25
C LEU B 183 26.68 -8.20 6.38
N PHE B 184 26.48 -9.31 5.67
CA PHE B 184 25.32 -9.45 4.82
C PHE B 184 24.04 -9.36 5.65
N MET B 185 23.13 -8.48 5.22
CA MET B 185 21.93 -8.23 6.01
C MET B 185 20.99 -9.43 6.10
N PRO B 186 20.62 -10.10 5.00
CA PRO B 186 19.63 -11.20 5.12
C PRO B 186 20.06 -12.32 6.04
N THR B 187 21.35 -12.64 6.09
CA THR B 187 21.87 -13.79 6.83
C THR B 187 22.76 -13.35 7.99
N PHE B 188 22.33 -12.31 8.71
CA PHE B 188 23.16 -11.73 9.76
C PHE B 188 22.92 -12.37 11.12
N THR B 189 21.67 -12.40 11.58
CA THR B 189 21.39 -12.78 12.96
C THR B 189 21.83 -14.21 13.24
N SER B 190 21.15 -15.18 12.63
CA SER B 190 21.64 -16.57 12.62
C SER B 190 21.11 -17.21 11.34
N GLY B 191 21.89 -17.10 10.27
CA GLY B 191 21.42 -17.49 8.97
C GLY B 191 22.38 -18.41 8.24
N PRO B 192 22.15 -18.61 6.95
CA PRO B 192 23.06 -19.46 6.17
C PRO B 192 24.48 -18.93 6.22
N ILE B 193 25.43 -19.84 6.33
CA ILE B 193 26.85 -19.49 6.41
C ILE B 193 27.45 -19.60 5.01
N ASP B 194 28.12 -18.56 4.58
CA ASP B 194 28.67 -18.45 3.23
C ASP B 194 30.17 -18.65 3.25
N ARG B 195 30.75 -18.59 2.05
CA ARG B 195 32.17 -18.44 1.86
C ARG B 195 32.39 -17.18 1.03
N PHE B 196 33.64 -16.75 0.91
CA PHE B 196 33.86 -15.46 0.26
C PHE B 196 33.91 -15.59 -1.25
N LYS B 197 34.62 -16.60 -1.77
CA LYS B 197 34.78 -16.71 -3.21
C LYS B 197 33.44 -16.90 -3.91
N ARG B 198 32.62 -17.83 -3.41
CA ARG B 198 31.33 -18.08 -4.04
C ARG B 198 30.42 -16.88 -3.96
N PHE B 199 30.35 -16.23 -2.79
CA PHE B 199 29.48 -15.06 -2.64
C PHE B 199 29.95 -13.93 -3.53
N ASN B 200 31.26 -13.71 -3.62
CA ASN B 200 31.78 -12.64 -4.46
C ASN B 200 31.49 -12.91 -5.93
N GLU B 201 31.69 -14.16 -6.38
CA GLU B 201 31.40 -14.48 -7.77
C GLU B 201 29.92 -14.38 -8.08
N ASP B 202 29.05 -14.65 -7.10
CA ASP B 202 27.63 -14.46 -7.33
C ASP B 202 27.24 -12.99 -7.29
N TYR B 203 28.01 -12.17 -6.57
CA TYR B 203 27.72 -10.74 -6.49
C TYR B 203 28.16 -10.02 -7.75
N GLN B 204 29.29 -10.40 -8.33
CA GLN B 204 29.80 -9.71 -9.51
C GLN B 204 28.90 -9.96 -10.72
N SER B 205 28.56 -11.23 -10.98
CA SER B 205 27.80 -11.61 -12.16
C SER B 205 26.31 -11.54 -11.83
N ILE B 206 25.70 -10.40 -12.13
CA ILE B 206 24.25 -10.25 -11.92
C ILE B 206 23.52 -11.23 -12.84
N PRO B 207 22.56 -11.99 -12.33
CA PRO B 207 21.85 -12.94 -13.20
C PRO B 207 20.97 -12.24 -14.21
N ASN B 208 20.65 -12.97 -15.27
CA ASN B 208 19.84 -12.42 -16.35
C ASN B 208 18.39 -12.21 -15.90
N ARG B 209 17.58 -11.68 -16.82
CA ARG B 209 16.19 -11.36 -16.49
C ARG B 209 15.39 -12.62 -16.16
N ASP B 210 15.58 -13.69 -16.92
CA ASP B 210 14.85 -14.93 -16.65
C ASP B 210 15.21 -15.50 -15.29
N GLU B 211 16.50 -15.54 -14.97
CA GLU B 211 16.91 -16.00 -13.64
C GLU B 211 16.39 -15.08 -12.55
N LEU B 212 16.33 -13.77 -12.83
CA LEU B 212 15.77 -12.85 -11.85
C LEU B 212 14.29 -13.13 -11.59
N LEU B 213 13.52 -13.41 -12.65
CA LEU B 213 12.12 -13.76 -12.46
C LEU B 213 11.99 -15.05 -11.67
N ASN B 214 12.82 -16.05 -12.00
CA ASN B 214 12.77 -17.31 -11.26
C ASN B 214 13.10 -17.10 -9.79
N MET B 215 14.11 -16.27 -9.50
CA MET B 215 14.48 -15.99 -8.12
C MET B 215 13.38 -15.22 -7.40
N LEU B 216 12.70 -14.31 -8.10
CA LEU B 216 11.60 -13.59 -7.48
C LEU B 216 10.45 -14.53 -7.11
N GLU B 217 10.11 -15.44 -8.02
CA GLU B 217 9.07 -16.42 -7.72
C GLU B 217 9.48 -17.31 -6.55
N GLN B 218 10.73 -17.78 -6.56
CA GLN B 218 11.20 -18.62 -5.46
C GLN B 218 11.21 -17.86 -4.15
N ALA B 219 11.54 -16.56 -4.19
CA ALA B 219 11.56 -15.76 -2.97
C ALA B 219 10.16 -15.54 -2.43
N VAL B 220 9.18 -15.32 -3.31
CA VAL B 220 7.80 -15.20 -2.84
C VAL B 220 7.33 -16.51 -2.22
N LYS B 221 7.64 -17.63 -2.86
CA LYS B 221 7.32 -18.93 -2.29
C LYS B 221 7.97 -19.11 -0.93
N TYR B 222 9.24 -18.73 -0.81
CA TYR B 222 9.96 -18.87 0.45
C TYR B 222 9.37 -17.98 1.53
N ILE B 223 8.95 -16.77 1.16
CA ILE B 223 8.33 -15.88 2.15
C ILE B 223 7.04 -16.47 2.66
N MET B 224 6.20 -17.00 1.76
CA MET B 224 4.95 -17.61 2.20
C MET B 224 5.20 -18.81 3.10
N LEU B 225 6.14 -19.69 2.70
CA LEU B 225 6.45 -20.87 3.50
C LEU B 225 7.04 -20.46 4.85
N GLY B 226 7.86 -19.41 4.88
CA GLY B 226 8.40 -18.95 6.14
C GLY B 226 7.33 -18.39 7.06
N PHE B 227 6.36 -17.66 6.49
CA PHE B 227 5.19 -17.25 7.25
C PHE B 227 4.53 -18.47 7.89
N LEU B 228 4.25 -19.48 7.06
CA LEU B 228 3.60 -20.69 7.56
C LEU B 228 4.40 -21.34 8.68
N TYR B 229 5.72 -21.43 8.52
CA TYR B 229 6.55 -22.15 9.48
C TYR B 229 6.72 -21.38 10.77
N LYS B 230 7.18 -20.14 10.69
CA LYS B 230 7.56 -19.39 11.88
C LYS B 230 6.37 -18.77 12.60
N PHE B 231 5.35 -18.30 11.86
CA PHE B 231 4.28 -17.58 12.50
C PHE B 231 3.08 -18.45 12.86
N VAL B 232 3.05 -19.71 12.42
CA VAL B 232 1.96 -20.63 12.72
C VAL B 232 2.46 -21.89 13.42
N LEU B 233 3.29 -22.68 12.75
CA LEU B 233 3.70 -23.96 13.32
C LEU B 233 4.71 -23.79 14.45
N ALA B 234 5.66 -22.86 14.29
CA ALA B 234 6.63 -22.63 15.34
C ALA B 234 5.96 -22.14 16.62
N GLN B 235 5.00 -21.22 16.49
CA GLN B 235 4.27 -20.73 17.66
C GLN B 235 3.51 -21.86 18.34
N ILE B 236 2.82 -22.70 17.56
CA ILE B 236 2.05 -23.80 18.13
C ILE B 236 2.96 -24.76 18.89
N PHE B 237 4.07 -25.15 18.26
CA PHE B 237 4.95 -26.13 18.88
C PHE B 237 5.78 -25.57 20.02
N GLY B 238 5.97 -24.25 20.08
CA GLY B 238 6.84 -23.70 21.11
C GLY B 238 6.15 -23.03 22.27
N SER B 239 5.13 -22.22 22.00
CA SER B 239 4.50 -21.41 23.04
C SER B 239 3.20 -21.99 23.56
N MET B 240 2.76 -23.14 23.05
CA MET B 240 1.48 -23.72 23.44
C MET B 240 1.62 -25.09 24.10
N LEU B 241 2.35 -26.02 23.46
CA LEU B 241 2.51 -27.36 23.99
C LEU B 241 3.79 -27.54 24.79
N LEU B 242 4.87 -26.87 24.38
CA LEU B 242 6.17 -27.08 25.01
C LEU B 242 6.18 -26.71 26.49
N PRO B 243 5.66 -25.57 26.93
CA PRO B 243 5.69 -25.25 28.37
C PRO B 243 4.88 -26.23 29.20
N PRO B 244 3.63 -26.57 28.81
CA PRO B 244 2.92 -27.60 29.59
C PRO B 244 3.63 -28.93 29.61
N LEU B 245 4.23 -29.35 28.49
CA LEU B 245 4.94 -30.62 28.48
C LEU B 245 6.15 -30.59 29.42
N LYS B 246 6.91 -29.50 29.40
CA LYS B 246 8.05 -29.39 30.29
C LYS B 246 7.60 -29.37 31.75
N ALA B 247 6.53 -28.65 32.06
CA ALA B 247 6.05 -28.60 33.44
C ALA B 247 5.60 -29.97 33.92
N GLN B 248 4.85 -30.70 33.07
CA GLN B 248 4.41 -32.04 33.46
C GLN B 248 5.59 -32.99 33.60
N ALA B 249 6.60 -32.86 32.73
CA ALA B 249 7.78 -33.70 32.84
C ALA B 249 8.52 -33.45 34.15
N LEU B 250 8.67 -32.17 34.52
CA LEU B 250 9.33 -31.86 35.79
C LEU B 250 8.51 -32.36 36.97
N SER B 251 7.19 -32.24 36.89
CA SER B 251 6.32 -32.73 37.97
C SER B 251 6.46 -34.24 38.12
N GLN B 252 6.52 -34.97 37.01
CA GLN B 252 6.67 -36.42 37.08
C GLN B 252 7.97 -36.81 37.76
N GLY B 253 9.06 -36.13 37.42
CA GLY B 253 10.35 -36.45 38.00
C GLY B 253 10.93 -37.73 37.43
N GLY B 254 12.01 -38.18 38.08
CA GLY B 254 12.69 -39.38 37.67
C GLY B 254 13.70 -39.12 36.58
N ILE B 255 14.44 -40.18 36.23
CA ILE B 255 15.45 -40.08 35.18
C ILE B 255 14.79 -39.93 33.82
N PHE B 256 13.74 -40.71 33.56
CA PHE B 256 13.04 -40.66 32.28
C PHE B 256 11.57 -40.93 32.52
N ASN B 257 10.73 -40.33 31.69
CA ASN B 257 9.28 -40.50 31.80
C ASN B 257 8.64 -40.15 30.46
N LEU B 258 7.39 -40.57 30.30
CA LEU B 258 6.68 -40.32 29.05
C LEU B 258 6.57 -38.85 28.69
N PRO B 259 6.26 -37.92 29.61
CA PRO B 259 6.26 -36.50 29.22
C PRO B 259 7.60 -36.03 28.70
N THR B 260 8.70 -36.60 29.18
CA THR B 260 10.02 -36.24 28.65
C THR B 260 10.14 -36.65 27.19
N LEU B 261 9.65 -37.84 26.83
CA LEU B 261 9.66 -38.26 25.43
C LEU B 261 8.78 -37.34 24.59
N GLY B 262 7.59 -37.01 25.10
CA GLY B 262 6.72 -36.11 24.36
C GLY B 262 7.35 -34.76 24.12
N VAL B 263 7.99 -34.19 25.15
CA VAL B 263 8.63 -32.89 25.00
C VAL B 263 9.85 -33.00 24.10
N MET B 264 10.54 -34.14 24.10
CA MET B 264 11.64 -34.35 23.17
C MET B 264 11.15 -34.24 21.73
N TYR B 265 10.09 -34.98 21.39
CA TYR B 265 9.57 -34.93 20.03
C TYR B 265 9.05 -33.54 19.67
N VAL B 266 8.30 -32.92 20.59
CA VAL B 266 7.71 -31.62 20.30
C VAL B 266 8.79 -30.56 20.13
N TYR B 267 9.81 -30.58 20.98
CA TYR B 267 10.89 -29.59 20.86
C TYR B 267 11.72 -29.84 19.62
N GLY B 268 11.94 -31.09 19.24
CA GLY B 268 12.64 -31.35 17.99
C GLY B 268 11.91 -30.75 16.80
N PHE B 269 10.59 -31.00 16.73
CA PHE B 269 9.81 -30.42 15.64
C PHE B 269 9.81 -28.89 15.70
N ASP B 270 9.69 -28.32 16.91
CA ASP B 270 9.66 -26.87 17.05
C ASP B 270 10.98 -26.25 16.61
N LEU B 271 12.09 -26.84 17.02
CA LEU B 271 13.41 -26.34 16.62
C LEU B 271 13.57 -26.39 15.11
N PHE B 272 13.21 -27.54 14.51
CA PHE B 272 13.33 -27.65 13.06
C PHE B 272 12.46 -26.61 12.36
N PHE B 273 11.22 -26.44 12.81
CA PHE B 273 10.33 -25.52 12.10
C PHE B 273 10.78 -24.07 12.26
N ASP B 274 11.21 -23.68 13.45
CA ASP B 274 11.69 -22.31 13.64
C ASP B 274 12.92 -22.05 12.79
N PHE B 275 13.89 -22.98 12.82
CA PHE B 275 15.10 -22.77 12.06
C PHE B 275 14.84 -22.77 10.56
N ALA B 276 13.96 -23.65 10.09
CA ALA B 276 13.63 -23.69 8.67
C ALA B 276 12.88 -22.44 8.24
N GLY B 277 12.00 -21.92 9.09
CA GLY B 277 11.32 -20.68 8.77
C GLY B 277 12.29 -19.51 8.64
N TYR B 278 13.22 -19.41 9.59
CA TYR B 278 14.22 -18.34 9.48
C TYR B 278 15.08 -18.54 8.24
N SER B 279 15.47 -19.77 7.95
CA SER B 279 16.32 -20.02 6.78
C SER B 279 15.60 -19.66 5.50
N MET B 280 14.31 -19.99 5.39
CA MET B 280 13.56 -19.62 4.20
C MET B 280 13.39 -18.10 4.09
N PHE B 281 13.16 -17.42 5.21
CA PHE B 281 13.12 -15.96 5.19
C PHE B 281 14.44 -15.39 4.67
N ALA B 282 15.56 -15.91 5.19
CA ALA B 282 16.87 -15.40 4.80
C ALA B 282 17.13 -15.68 3.32
N LEU B 283 16.79 -16.87 2.85
CA LEU B 283 17.00 -17.19 1.44
C LEU B 283 16.16 -16.29 0.54
N ALA B 284 14.91 -16.02 0.94
CA ALA B 284 14.07 -15.12 0.15
C ALA B 284 14.66 -13.73 0.09
N VAL B 285 15.07 -13.18 1.24
CA VAL B 285 15.61 -11.83 1.26
C VAL B 285 16.91 -11.74 0.49
N SER B 286 17.75 -12.79 0.57
CA SER B 286 18.97 -12.82 -0.21
C SER B 286 18.67 -12.85 -1.70
N ASN B 287 17.67 -13.65 -2.11
CA ASN B 287 17.28 -13.70 -3.51
C ASN B 287 16.80 -12.35 -3.99
N LEU B 288 16.09 -11.61 -3.14
CA LEU B 288 15.66 -10.27 -3.52
C LEU B 288 16.84 -9.33 -3.75
N MET B 289 18.02 -9.65 -3.23
CA MET B 289 19.21 -8.85 -3.49
C MET B 289 20.03 -9.37 -4.66
N GLY B 290 19.66 -10.51 -5.24
CA GLY B 290 20.31 -11.02 -6.43
C GLY B 290 21.29 -12.16 -6.21
N ILE B 291 21.57 -12.53 -4.96
CA ILE B 291 22.46 -13.63 -4.66
C ILE B 291 21.69 -14.72 -3.93
N LYS B 292 22.11 -15.97 -4.14
CA LYS B 292 21.43 -17.13 -3.59
C LYS B 292 22.33 -17.74 -2.51
N SER B 293 21.99 -17.48 -1.25
CA SER B 293 22.72 -18.06 -0.14
C SER B 293 22.45 -19.56 -0.06
N PRO B 294 23.36 -20.32 0.57
CA PRO B 294 23.16 -21.78 0.63
C PRO B 294 21.92 -22.13 1.42
N ILE B 295 21.29 -23.24 1.04
CA ILE B 295 20.10 -23.73 1.73
C ILE B 295 20.52 -24.40 3.03
N ASN B 296 19.59 -24.44 3.98
CA ASN B 296 19.87 -24.99 5.31
C ASN B 296 19.24 -26.37 5.51
N PHE B 297 17.95 -26.51 5.23
CA PHE B 297 17.24 -27.76 5.50
C PHE B 297 16.57 -28.27 4.23
N ASP B 298 16.77 -29.57 3.95
CA ASP B 298 16.11 -30.24 2.83
C ASP B 298 15.61 -31.59 3.34
N LYS B 299 14.37 -31.61 3.85
CA LYS B 299 13.72 -32.79 4.40
C LYS B 299 14.63 -33.55 5.36
N PRO B 300 14.99 -32.95 6.50
CA PRO B 300 15.94 -33.63 7.40
C PRO B 300 15.43 -34.93 7.98
N PHE B 301 14.12 -35.09 8.13
CA PHE B 301 13.56 -36.20 8.88
C PHE B 301 13.27 -37.43 8.04
N ILE B 302 13.62 -37.43 6.76
CA ILE B 302 13.62 -38.63 5.94
C ILE B 302 15.04 -39.18 5.78
N SER B 303 15.92 -38.88 6.73
CA SER B 303 17.35 -39.04 6.54
C SER B 303 17.74 -40.49 6.25
N ARG B 304 17.18 -41.43 7.03
CA ARG B 304 17.41 -42.86 6.86
C ARG B 304 18.81 -43.24 7.32
N ASP B 305 19.63 -42.24 7.68
CA ASP B 305 20.98 -42.52 8.15
C ASP B 305 21.57 -41.23 8.70
N MET B 306 22.55 -41.39 9.59
CA MET B 306 23.19 -40.23 10.22
C MET B 306 23.94 -39.37 9.21
N LYS B 307 24.68 -40.00 8.30
CA LYS B 307 25.39 -39.24 7.27
C LYS B 307 24.42 -38.48 6.39
N GLU B 308 23.36 -39.15 5.94
CA GLU B 308 22.34 -38.47 5.14
C GLU B 308 21.52 -37.50 5.98
N PHE B 309 21.62 -37.59 7.30
CA PHE B 309 21.03 -36.55 8.14
C PHE B 309 21.89 -35.30 8.15
N TRP B 310 23.20 -35.46 8.32
CA TRP B 310 24.08 -34.30 8.32
C TRP B 310 24.24 -33.69 6.95
N ASN B 311 23.94 -34.44 5.89
CA ASN B 311 23.81 -33.83 4.57
C ASN B 311 22.45 -33.18 4.37
N ARG B 312 21.64 -33.09 5.43
CA ARG B 312 20.33 -32.47 5.36
C ARG B 312 20.02 -31.50 6.49
N TRP B 313 20.67 -31.61 7.64
CA TRP B 313 20.35 -30.80 8.81
C TRP B 313 21.36 -29.67 8.94
N HIS B 314 20.88 -28.43 8.86
CA HIS B 314 21.72 -27.25 8.89
C HIS B 314 22.85 -27.39 7.87
N MET B 315 22.44 -27.49 6.60
CA MET B 315 23.38 -27.87 5.55
C MET B 315 24.54 -26.89 5.45
N SER B 316 24.28 -25.59 5.57
CA SER B 316 25.37 -24.61 5.47
C SER B 316 26.41 -24.85 6.55
N LEU B 317 25.98 -25.02 7.79
CA LEU B 317 26.92 -25.21 8.89
C LEU B 317 27.65 -26.55 8.78
N SER B 318 26.92 -27.62 8.50
CA SER B 318 27.54 -28.94 8.41
C SER B 318 28.54 -29.00 7.26
N PHE B 319 28.17 -28.45 6.11
CA PHE B 319 29.09 -28.42 4.98
C PHE B 319 30.30 -27.53 5.26
N TRP B 320 30.08 -26.41 5.95
CA TRP B 320 31.21 -25.56 6.32
C TRP B 320 32.19 -26.31 7.20
N PHE B 321 31.69 -27.02 8.22
CA PHE B 321 32.57 -27.78 9.10
C PHE B 321 33.22 -28.94 8.37
N ARG B 322 32.54 -29.52 7.38
CA ARG B 322 33.16 -30.58 6.59
C ARG B 322 34.29 -30.03 5.73
N ASP B 323 34.09 -28.85 5.13
CA ASP B 323 35.07 -28.28 4.23
C ASP B 323 36.31 -27.78 4.97
N PHE B 324 36.11 -27.05 6.08
CA PHE B 324 37.21 -26.30 6.67
C PHE B 324 37.74 -26.88 7.98
N VAL B 325 36.99 -27.74 8.66
CA VAL B 325 37.41 -28.32 9.93
C VAL B 325 37.67 -29.81 9.83
N PHE B 326 36.82 -30.55 9.10
CA PHE B 326 36.96 -31.99 9.03
C PHE B 326 38.00 -32.41 8.00
N MET B 327 37.87 -31.92 6.77
CA MET B 327 38.80 -32.30 5.71
C MET B 327 40.22 -31.86 6.04
N ARG B 328 40.38 -30.65 6.56
CA ARG B 328 41.72 -30.16 6.90
C ARG B 328 42.33 -31.00 8.02
N LEU B 329 41.54 -31.37 9.02
CA LEU B 329 42.04 -32.23 10.09
C LEU B 329 42.44 -33.59 9.56
N VAL B 330 41.65 -34.14 8.62
CA VAL B 330 42.00 -35.43 8.02
C VAL B 330 43.32 -35.32 7.27
N ILE B 331 43.50 -34.24 6.52
CA ILE B 331 44.75 -34.04 5.77
C ILE B 331 45.92 -33.92 6.72
N VAL B 332 45.74 -33.18 7.82
CA VAL B 332 46.83 -33.02 8.79
C VAL B 332 47.19 -34.36 9.41
N LEU B 333 46.19 -35.14 9.81
CA LEU B 333 46.46 -36.44 10.41
C LEU B 333 47.14 -37.39 9.44
N MET B 334 46.70 -37.41 8.18
CA MET B 334 47.31 -38.29 7.19
C MET B 334 48.71 -37.85 6.79
N ARG B 335 49.00 -36.55 6.81
CA ARG B 335 50.33 -36.08 6.44
C ARG B 335 51.38 -36.58 7.42
N ASN B 336 51.06 -36.59 8.71
CA ASN B 336 51.95 -37.09 9.74
C ASN B 336 51.75 -38.58 10.02
N LYS B 337 50.84 -39.23 9.29
CA LYS B 337 50.49 -40.65 9.46
C LYS B 337 50.47 -41.06 10.93
N VAL B 338 49.72 -40.29 11.72
CA VAL B 338 49.64 -40.53 13.16
C VAL B 338 49.00 -41.88 13.43
N PHE B 339 47.93 -42.21 12.72
CA PHE B 339 47.21 -43.45 12.92
C PHE B 339 47.53 -44.45 11.81
N LYS B 340 47.45 -45.73 12.15
CA LYS B 340 47.91 -46.78 11.24
C LYS B 340 47.04 -46.88 9.99
N ASN B 341 45.73 -46.75 10.14
CA ASN B 341 44.80 -46.95 9.04
C ASN B 341 43.93 -45.72 8.81
N ARG B 342 43.30 -45.68 7.63
CA ARG B 342 42.47 -44.53 7.27
C ARG B 342 41.22 -44.45 8.14
N ASN B 343 40.66 -45.61 8.51
CA ASN B 343 39.41 -45.63 9.27
C ASN B 343 39.57 -44.99 10.64
N THR B 344 40.69 -45.27 11.30
CA THR B 344 40.93 -44.66 12.61
C THR B 344 41.04 -43.13 12.50
N THR B 345 41.73 -42.65 11.47
CA THR B 345 41.82 -41.21 11.25
C THR B 345 40.45 -40.61 11.00
N SER B 346 39.63 -41.30 10.19
CA SER B 346 38.29 -40.79 9.90
C SER B 346 37.44 -40.72 11.16
N ASN B 347 37.50 -41.75 12.00
CA ASN B 347 36.72 -41.75 13.24
C ASN B 347 37.18 -40.64 14.18
N VAL B 348 38.50 -40.49 14.34
CA VAL B 348 39.02 -39.44 15.22
C VAL B 348 38.61 -38.06 14.71
N ALA B 349 38.70 -37.86 13.39
CA ALA B 349 38.32 -36.57 12.82
C ALA B 349 36.82 -36.32 12.98
N TYR B 350 36.00 -37.35 12.83
CA TYR B 350 34.57 -37.20 13.05
C TYR B 350 34.28 -36.77 14.48
N ILE B 351 34.90 -37.43 15.45
CA ILE B 351 34.68 -37.09 16.85
C ILE B 351 35.13 -35.66 17.14
N ILE B 352 36.32 -35.29 16.63
CA ILE B 352 36.83 -33.95 16.89
C ILE B 352 35.94 -32.89 16.24
N ASN B 353 35.50 -33.14 15.00
CA ASN B 353 34.65 -32.17 14.32
C ASN B 353 33.32 -31.99 15.04
N MET B 354 32.70 -33.08 15.48
CA MET B 354 31.42 -32.95 16.15
C MET B 354 31.58 -32.30 17.52
N MET B 355 32.68 -32.60 18.23
CA MET B 355 32.93 -31.93 19.50
C MET B 355 33.15 -30.44 19.30
N VAL B 356 33.84 -30.06 18.23
CA VAL B 356 34.08 -28.64 17.96
C VAL B 356 32.76 -27.95 17.59
N MET B 357 31.89 -28.65 16.87
CA MET B 357 30.57 -28.07 16.59
C MET B 357 29.79 -27.86 17.88
N GLY B 358 29.82 -28.84 18.78
CA GLY B 358 29.19 -28.67 20.08
C GLY B 358 29.76 -27.50 20.84
N PHE B 359 31.09 -27.36 20.83
CA PHE B 359 31.72 -26.18 21.41
C PHE B 359 31.16 -24.91 20.81
N TRP B 360 31.09 -24.84 19.48
CA TRP B 360 30.58 -23.65 18.81
C TRP B 360 29.17 -23.32 19.29
N HIS B 361 28.37 -24.34 19.59
CA HIS B 361 27.04 -24.08 20.11
C HIS B 361 27.11 -23.36 21.46
N GLY B 362 28.03 -23.75 22.32
CA GLY B 362 28.19 -23.14 23.62
C GLY B 362 28.80 -24.12 24.58
N ILE B 363 29.65 -23.61 25.47
CA ILE B 363 30.37 -24.47 26.43
C ILE B 363 29.43 -24.69 27.60
N THR B 364 28.61 -25.74 27.47
CA THR B 364 27.85 -26.30 28.59
C THR B 364 28.04 -27.80 28.56
N TRP B 365 27.55 -28.47 29.61
CA TRP B 365 27.69 -29.93 29.63
C TRP B 365 26.87 -30.57 28.52
N TYR B 366 25.65 -30.08 28.28
CA TYR B 366 24.77 -30.76 27.34
C TYR B 366 25.15 -30.46 25.89
N TYR B 367 25.67 -29.28 25.57
CA TYR B 367 26.12 -29.04 24.20
C TYR B 367 27.32 -29.91 23.84
N ILE B 368 28.29 -30.04 24.74
CA ILE B 368 29.41 -30.95 24.49
C ILE B 368 28.93 -32.38 24.42
N ALA B 369 27.94 -32.74 25.26
CA ALA B 369 27.37 -34.07 25.17
C ALA B 369 26.74 -34.32 23.81
N TYR B 370 26.00 -33.33 23.29
CA TYR B 370 25.40 -33.43 21.98
C TYR B 370 26.46 -33.59 20.89
N GLY B 371 27.52 -32.80 20.96
CA GLY B 371 28.59 -32.93 19.99
C GLY B 371 29.22 -34.31 19.99
N ILE B 372 29.66 -34.78 21.17
CA ILE B 372 30.31 -36.08 21.23
C ILE B 372 29.32 -37.19 20.90
N PHE B 373 28.04 -36.96 21.15
CA PHE B 373 27.02 -37.96 20.85
C PHE B 373 26.86 -38.13 19.34
N HIS B 374 26.75 -37.02 18.62
CA HIS B 374 26.70 -37.11 17.16
C HIS B 374 28.00 -37.65 16.59
N GLY B 375 29.13 -37.36 17.23
CA GLY B 375 30.38 -37.97 16.79
C GLY B 375 30.36 -39.48 16.92
N ILE B 376 29.89 -39.98 18.07
CA ILE B 376 29.75 -41.42 18.26
C ILE B 376 28.77 -41.99 17.23
N GLY B 377 27.70 -41.26 16.95
CA GLY B 377 26.73 -41.72 15.97
C GLY B 377 27.35 -41.88 14.59
N LEU B 378 28.11 -40.88 14.15
CA LEU B 378 28.78 -40.97 12.85
C LEU B 378 29.79 -42.10 12.83
N VAL B 379 30.51 -42.29 13.94
CA VAL B 379 31.49 -43.37 14.01
C VAL B 379 30.81 -44.73 13.85
N ILE B 380 29.73 -44.95 14.59
CA ILE B 380 29.06 -46.24 14.51
C ILE B 380 28.35 -46.40 13.17
N ASN B 381 27.94 -45.29 12.55
CA ASN B 381 27.36 -45.37 11.21
C ASN B 381 28.40 -45.82 10.19
N ASP B 382 29.62 -45.28 10.28
CA ASP B 382 30.69 -45.72 9.40
C ASP B 382 31.02 -47.19 9.63
N ALA B 383 31.07 -47.60 10.90
CA ALA B 383 31.31 -49.01 11.21
C ALA B 383 30.21 -49.90 10.65
N TRP B 384 28.96 -49.45 10.76
CA TRP B 384 27.83 -50.21 10.22
C TRP B 384 27.92 -50.32 8.71
N LEU B 385 28.31 -49.24 8.04
CA LEU B 385 28.45 -49.29 6.58
C LEU B 385 29.52 -50.30 6.17
N ARG B 386 30.67 -50.26 6.86
CA ARG B 386 31.74 -51.21 6.54
C ARG B 386 31.30 -52.64 6.81
N LYS B 387 30.62 -52.88 7.93
CA LYS B 387 30.19 -54.24 8.26
C LYS B 387 29.11 -54.72 7.29
N LYS B 388 28.20 -53.84 6.88
CA LYS B 388 27.20 -54.22 5.89
C LYS B 388 27.86 -54.56 4.56
N LYS B 389 28.88 -53.78 4.17
CA LYS B 389 29.60 -54.07 2.93
C LYS B 389 30.24 -55.46 2.99
N THR B 390 30.96 -55.75 4.07
CA THR B 390 31.65 -57.04 4.14
C THR B 390 30.66 -58.19 4.29
N ILE B 391 29.53 -57.99 4.98
CA ILE B 391 28.54 -59.05 5.12
C ILE B 391 27.85 -59.32 3.79
N ASN B 392 27.54 -58.26 3.03
CA ASN B 392 26.98 -58.46 1.70
C ASN B 392 27.95 -59.19 0.80
N LYS B 393 29.24 -58.84 0.88
CA LYS B 393 30.25 -59.56 0.10
C LYS B 393 30.29 -61.03 0.49
N ASP B 394 30.26 -61.32 1.80
CA ASP B 394 30.31 -62.70 2.25
C ASP B 394 29.09 -63.49 1.79
N ARG B 395 27.91 -62.89 1.88
CA ARG B 395 26.69 -63.59 1.44
C ARG B 395 26.69 -63.81 -0.07
N LYS B 396 27.17 -62.83 -0.83
CA LYS B 396 27.26 -63.00 -2.28
C LYS B 396 28.23 -64.11 -2.64
N LYS B 397 29.38 -64.17 -1.95
CA LYS B 397 30.34 -65.24 -2.19
C LYS B 397 29.79 -66.60 -1.82
N ALA B 398 29.03 -66.70 -0.73
CA ALA B 398 28.47 -67.97 -0.27
C ALA B 398 27.20 -68.35 -1.00
N GLY B 399 26.72 -67.53 -1.92
CA GLY B 399 25.52 -67.81 -2.68
C GLY B 399 24.24 -67.30 -2.07
N LEU B 400 24.29 -66.80 -0.84
CA LEU B 400 23.08 -66.26 -0.21
C LEU B 400 22.71 -64.92 -0.83
N LYS B 401 21.41 -64.64 -0.85
CA LYS B 401 20.92 -63.38 -1.37
C LYS B 401 21.36 -62.23 -0.47
N PRO B 402 21.71 -61.08 -1.06
CA PRO B 402 22.03 -59.90 -0.23
C PRO B 402 20.83 -59.47 0.61
N LEU B 403 21.12 -58.87 1.75
CA LEU B 403 20.07 -58.51 2.69
C LEU B 403 19.08 -57.55 2.03
N PRO B 404 17.79 -57.71 2.29
CA PRO B 404 16.78 -56.97 1.53
C PRO B 404 16.86 -55.47 1.76
N GLU B 405 16.51 -54.71 0.71
CA GLU B 405 16.40 -53.26 0.77
C GLU B 405 15.02 -52.91 0.23
N ASN B 406 14.03 -52.82 1.13
CA ASN B 406 12.65 -52.65 0.73
C ASN B 406 11.98 -51.64 1.64
N LYS B 407 10.65 -51.59 1.60
CA LYS B 407 9.91 -50.61 2.39
C LYS B 407 10.14 -50.80 3.88
N TRP B 408 10.13 -52.06 4.35
CA TRP B 408 10.26 -52.29 5.79
C TRP B 408 11.66 -52.00 6.28
N THR B 409 12.69 -52.38 5.51
CA THR B 409 14.06 -52.07 5.88
C THR B 409 14.28 -50.56 5.92
N LYS B 410 13.80 -49.85 4.91
CA LYS B 410 13.94 -48.40 4.88
C LYS B 410 13.20 -47.76 6.04
N ALA B 411 12.01 -48.28 6.36
CA ALA B 411 11.25 -47.74 7.48
C ALA B 411 11.97 -47.97 8.81
N LEU B 412 12.58 -49.15 8.98
CA LEU B 412 13.36 -49.41 10.19
C LEU B 412 14.54 -48.45 10.30
N GLY B 413 15.25 -48.24 9.19
CA GLY B 413 16.34 -47.28 9.20
C GLY B 413 15.88 -45.88 9.53
N ILE B 414 14.76 -45.45 8.94
CA ILE B 414 14.21 -44.13 9.22
C ILE B 414 13.84 -44.01 10.70
N PHE B 415 13.23 -45.06 11.25
CA PHE B 415 12.84 -45.01 12.66
C PHE B 415 14.05 -44.91 13.58
N ILE B 416 15.09 -45.69 13.30
CA ILE B 416 16.31 -45.63 14.12
C ILE B 416 16.94 -44.25 14.03
N THR B 417 17.05 -43.72 12.81
CA THR B 417 17.64 -42.39 12.64
C THR B 417 16.81 -41.33 13.36
N PHE B 418 15.49 -41.41 13.25
CA PHE B 418 14.63 -40.41 13.88
C PHE B 418 14.74 -40.47 15.40
N ASN B 419 14.76 -41.68 15.96
CA ASN B 419 14.92 -41.81 17.41
C ASN B 419 16.25 -41.25 17.88
N THR B 420 17.33 -41.56 17.15
CA THR B 420 18.64 -41.04 17.56
C THR B 420 18.68 -39.52 17.44
N VAL B 421 18.13 -38.96 16.36
CA VAL B 421 18.13 -37.52 16.18
C VAL B 421 17.31 -36.84 17.28
N MET B 422 16.17 -37.42 17.64
CA MET B 422 15.34 -36.80 18.67
C MET B 422 15.98 -36.91 20.04
N LEU B 423 16.67 -38.02 20.33
CA LEU B 423 17.44 -38.09 21.56
C LEU B 423 18.54 -37.03 21.59
N SER B 424 19.21 -36.84 20.45
CA SER B 424 20.23 -35.82 20.35
C SER B 424 19.65 -34.43 20.59
N PHE B 425 18.48 -34.15 20.03
CA PHE B 425 17.87 -32.84 20.24
C PHE B 425 17.32 -32.68 21.64
N LEU B 426 17.01 -33.80 22.31
CA LEU B 426 16.65 -33.73 23.72
C LEU B 426 17.84 -33.34 24.58
N ILE B 427 19.00 -33.97 24.32
CA ILE B 427 20.21 -33.58 25.04
C ILE B 427 20.58 -32.14 24.74
N PHE B 428 20.51 -31.76 23.46
CA PHE B 428 20.88 -30.40 23.06
C PHE B 428 19.87 -29.38 23.56
N SER B 429 18.65 -29.80 23.89
CA SER B 429 17.62 -28.86 24.30
C SER B 429 17.95 -28.18 25.61
N GLY B 430 18.84 -28.77 26.41
CA GLY B 430 19.10 -28.28 27.73
C GLY B 430 18.06 -28.67 28.76
N PHE B 431 17.04 -29.42 28.37
CA PHE B 431 16.06 -29.90 29.32
C PHE B 431 16.67 -30.89 30.31
N LEU B 432 17.72 -31.60 29.88
CA LEU B 432 18.37 -32.55 30.76
C LEU B 432 19.00 -31.84 31.96
N ASN B 433 19.47 -30.61 31.78
CA ASN B 433 20.04 -29.87 32.91
C ASN B 433 19.00 -29.61 33.97
N ASP B 434 17.78 -29.26 33.57
CA ASP B 434 16.72 -28.99 34.54
C ASP B 434 16.20 -30.28 35.15
N LEU B 435 16.04 -31.33 34.34
CA LEU B 435 15.42 -32.55 34.82
C LEU B 435 16.39 -33.39 35.65
N TRP B 436 17.48 -33.84 35.02
CA TRP B 436 18.38 -34.78 35.68
C TRP B 436 19.23 -34.09 36.74
N PHE B 437 19.99 -33.08 36.35
CA PHE B 437 20.87 -32.36 37.26
C PHE B 437 20.11 -31.23 37.94
N THR B 438 20.82 -30.48 38.77
CA THR B 438 20.27 -29.41 39.61
C THR B 438 19.14 -30.03 40.45
N LYS B 439 18.07 -29.29 40.72
CA LYS B 439 16.93 -29.82 41.46
C LYS B 439 15.66 -29.82 40.64
N LYS B 440 15.30 -28.68 40.04
CA LYS B 440 14.10 -28.58 39.22
C LYS B 440 14.41 -27.90 37.90
N PHE C 22 -2.46 -22.03 28.25
CA PHE C 22 -2.55 -21.27 27.00
C PHE C 22 -3.44 -22.00 26.00
N GLN C 23 -3.54 -23.31 26.16
CA GLN C 23 -4.33 -24.14 25.26
C GLN C 23 -5.42 -24.94 25.97
N GLY C 24 -5.11 -25.52 27.12
CA GLY C 24 -6.07 -26.39 27.79
C GLY C 24 -6.35 -27.62 26.95
N SER C 25 -7.55 -27.69 26.38
CA SER C 25 -7.89 -28.70 25.40
C SER C 25 -7.73 -28.12 24.00
N MET C 26 -7.33 -28.97 23.05
CA MET C 26 -7.10 -28.51 21.69
C MET C 26 -8.37 -27.97 21.04
N ILE C 27 -9.53 -28.45 21.47
CA ILE C 27 -10.79 -27.95 20.93
C ILE C 27 -10.98 -26.48 21.25
N ASP C 28 -10.65 -26.07 22.47
CA ASP C 28 -10.76 -24.67 22.85
C ASP C 28 -9.79 -23.81 22.03
N PHE C 29 -8.57 -24.31 21.81
CA PHE C 29 -7.61 -23.57 20.99
C PHE C 29 -8.12 -23.42 19.56
N LEU C 30 -8.74 -24.48 19.01
CA LEU C 30 -9.35 -24.36 17.70
C LEU C 30 -10.47 -23.33 17.70
N LYS C 31 -11.28 -23.32 18.75
CA LYS C 31 -12.31 -22.29 18.89
C LYS C 31 -11.72 -20.89 18.92
N GLN C 32 -10.51 -20.74 19.47
CA GLN C 32 -9.87 -19.43 19.52
C GLN C 32 -9.62 -18.87 18.13
N LEU C 33 -9.42 -19.74 17.15
CA LEU C 33 -9.07 -19.30 15.81
C LEU C 33 -10.22 -18.51 15.20
N PRO C 34 -9.92 -17.59 14.28
CA PRO C 34 -10.97 -16.76 13.69
C PRO C 34 -11.97 -17.59 12.89
N HIS C 35 -13.20 -17.08 12.84
CA HIS C 35 -14.29 -17.73 12.11
C HIS C 35 -14.82 -16.77 11.05
N LEU C 36 -14.61 -17.11 9.78
CA LEU C 36 -15.07 -16.31 8.66
C LEU C 36 -16.12 -17.13 7.91
N GLU C 37 -17.37 -16.72 8.00
CA GLU C 37 -18.44 -17.42 7.32
C GLU C 37 -18.20 -17.37 5.81
N PRO C 38 -18.24 -18.52 5.12
CA PRO C 38 -18.04 -18.50 3.66
C PRO C 38 -19.17 -17.76 2.97
N TYR C 39 -18.83 -16.64 2.32
CA TYR C 39 -19.80 -15.77 1.66
C TYR C 39 -20.85 -15.28 2.66
N GLY C 40 -20.37 -14.58 3.68
CA GLY C 40 -21.22 -14.02 4.71
C GLY C 40 -21.47 -12.55 4.50
N ASN C 41 -20.72 -11.71 5.21
CA ASN C 41 -20.78 -10.28 4.95
C ASN C 41 -20.13 -9.96 3.60
N PRO C 42 -20.55 -8.88 2.95
CA PRO C 42 -19.89 -8.49 1.70
C PRO C 42 -18.40 -8.20 1.86
N PHE C 43 -17.99 -7.70 3.03
CA PHE C 43 -16.58 -7.41 3.26
C PHE C 43 -15.70 -8.64 3.08
N TYR C 44 -16.25 -9.83 3.31
CA TYR C 44 -15.52 -11.07 3.06
C TYR C 44 -14.97 -11.09 1.63
N PHE C 45 -15.78 -10.67 0.67
CA PHE C 45 -15.35 -10.67 -0.72
C PHE C 45 -14.16 -9.77 -0.97
N ILE C 46 -13.91 -8.79 -0.11
CA ILE C 46 -12.69 -8.01 -0.22
C ILE C 46 -11.48 -8.92 0.02
N TYR C 47 -11.51 -9.66 1.13
CA TYR C 47 -10.38 -10.49 1.51
C TYR C 47 -10.01 -11.45 0.40
N LEU C 48 -10.94 -12.35 0.06
CA LEU C 48 -10.73 -13.27 -1.05
C LEU C 48 -10.29 -12.52 -2.29
N GLY C 49 -10.91 -11.37 -2.56
CA GLY C 49 -10.50 -10.58 -3.71
C GLY C 49 -9.01 -10.33 -3.73
N ILE C 50 -8.48 -9.75 -2.64
CA ILE C 50 -7.04 -9.54 -2.56
C ILE C 50 -6.33 -10.88 -2.60
N ALA C 51 -6.86 -11.87 -1.87
CA ALA C 51 -6.24 -13.19 -1.87
C ALA C 51 -6.23 -13.81 -3.26
N LEU C 52 -7.16 -13.41 -4.12
CA LEU C 52 -7.20 -13.91 -5.48
C LEU C 52 -6.56 -12.97 -6.49
N LEU C 53 -6.09 -11.80 -6.05
CA LEU C 53 -5.52 -10.84 -6.99
C LEU C 53 -4.30 -11.40 -7.73
N PRO C 54 -3.30 -12.00 -7.07
CA PRO C 54 -2.15 -12.50 -7.83
C PRO C 54 -2.49 -13.68 -8.73
N ILE C 55 -3.17 -14.69 -8.16
CA ILE C 55 -3.42 -15.93 -8.88
C ILE C 55 -4.12 -15.65 -10.19
N PHE C 56 -5.16 -14.82 -10.16
CA PHE C 56 -5.88 -14.50 -11.38
C PHE C 56 -4.96 -13.87 -12.42
N ILE C 57 -4.10 -12.94 -11.99
CA ILE C 57 -3.15 -12.35 -12.91
C ILE C 57 -2.21 -13.42 -13.45
N GLY C 58 -1.84 -14.38 -12.60
CA GLY C 58 -1.03 -15.50 -13.06
C GLY C 58 -1.72 -16.30 -14.14
N LEU C 59 -3.05 -16.32 -14.13
CA LEU C 59 -3.79 -17.01 -15.19
C LEU C 59 -3.62 -16.31 -16.53
N PHE C 60 -3.33 -15.01 -16.54
CA PHE C 60 -3.09 -14.31 -17.79
C PHE C 60 -1.89 -14.90 -18.53
N PHE C 61 -0.83 -15.22 -17.81
CA PHE C 61 0.31 -15.94 -18.36
C PHE C 61 0.09 -17.43 -18.16
N LYS C 62 1.09 -18.23 -18.52
CA LYS C 62 0.96 -19.68 -18.53
C LYS C 62 1.61 -20.35 -17.32
N LYS C 63 1.52 -19.72 -16.15
CA LYS C 63 2.07 -20.30 -14.93
C LYS C 63 1.01 -20.27 -13.83
N ARG C 64 1.14 -21.20 -12.89
CA ARG C 64 0.26 -21.29 -11.73
C ARG C 64 1.10 -21.45 -10.48
N PHE C 65 0.69 -20.75 -9.43
CA PHE C 65 1.42 -20.75 -8.15
C PHE C 65 0.83 -21.84 -7.27
N ALA C 66 1.50 -23.00 -7.23
CA ALA C 66 0.99 -24.12 -6.46
C ALA C 66 1.00 -23.82 -4.97
N ILE C 67 2.10 -23.27 -4.46
CA ILE C 67 2.22 -23.01 -3.03
C ILE C 67 1.19 -21.97 -2.58
N TYR C 68 1.06 -20.90 -3.35
CA TYR C 68 0.10 -19.85 -3.01
C TYR C 68 -1.33 -20.39 -3.03
N GLU C 69 -1.67 -21.18 -4.05
CA GLU C 69 -3.01 -21.75 -4.12
C GLU C 69 -3.29 -22.66 -2.95
N CYS C 70 -2.33 -23.53 -2.61
CA CYS C 70 -2.51 -24.41 -1.46
C CYS C 70 -2.70 -23.61 -0.17
N LEU C 71 -1.87 -22.59 0.03
CA LEU C 71 -1.95 -21.81 1.27
C LEU C 71 -3.29 -21.08 1.36
N VAL C 72 -3.73 -20.45 0.27
CA VAL C 72 -4.97 -19.69 0.33
C VAL C 72 -6.16 -20.62 0.51
N SER C 73 -6.14 -21.77 -0.18
CA SER C 73 -7.23 -22.73 -0.02
C SER C 73 -7.32 -23.25 1.40
N ILE C 74 -6.18 -23.63 1.98
CA ILE C 74 -6.18 -24.14 3.35
C ILE C 74 -6.61 -23.05 4.32
N THR C 75 -6.13 -21.83 4.12
CA THR C 75 -6.48 -20.72 5.01
C THR C 75 -7.98 -20.48 5.01
N PHE C 76 -8.58 -20.37 3.83
CA PHE C 76 -10.01 -20.09 3.78
C PHE C 76 -10.85 -21.28 4.24
N ILE C 77 -10.39 -22.50 3.98
CA ILE C 77 -11.10 -23.68 4.49
C ILE C 77 -11.10 -23.69 6.01
N VAL C 78 -9.93 -23.42 6.62
CA VAL C 78 -9.86 -23.38 8.08
C VAL C 78 -10.73 -22.26 8.63
N LEU C 79 -10.68 -21.08 8.01
CA LEU C 79 -11.49 -19.96 8.48
C LEU C 79 -12.97 -20.27 8.41
N ALA C 80 -13.41 -20.95 7.34
CA ALA C 80 -14.81 -21.35 7.25
C ALA C 80 -15.16 -22.46 8.22
N LEU C 81 -14.20 -23.30 8.59
CA LEU C 81 -14.47 -24.45 9.44
C LEU C 81 -14.41 -24.14 10.93
N THR C 82 -13.65 -23.13 11.34
CA THR C 82 -13.52 -22.81 12.75
C THR C 82 -14.79 -22.15 13.27
N GLY C 83 -14.76 -21.71 14.52
CA GLY C 83 -15.91 -21.07 15.12
C GLY C 83 -16.46 -21.83 16.30
N THR C 84 -17.78 -21.82 16.48
CA THR C 84 -18.38 -22.56 17.59
C THR C 84 -18.13 -24.06 17.46
N HIS C 85 -18.30 -24.60 16.26
CA HIS C 85 -18.00 -26.01 16.00
C HIS C 85 -16.62 -26.15 15.37
N ALA C 86 -15.59 -25.78 16.12
CA ALA C 86 -14.23 -25.84 15.59
C ALA C 86 -13.69 -27.27 15.54
N SER C 87 -14.15 -28.16 16.43
CA SER C 87 -13.64 -29.53 16.45
C SER C 87 -13.88 -30.25 15.15
N GLN C 88 -14.84 -29.78 14.33
CA GLN C 88 -15.08 -30.38 13.03
C GLN C 88 -13.84 -30.37 12.15
N ILE C 89 -12.90 -29.45 12.39
CA ILE C 89 -11.65 -29.45 11.64
C ILE C 89 -10.97 -30.81 11.78
N LEU C 90 -10.92 -31.32 13.02
CA LEU C 90 -10.37 -32.67 13.22
C LEU C 90 -11.16 -33.69 12.41
N ALA C 91 -12.49 -33.59 12.45
CA ALA C 91 -13.32 -34.49 11.65
C ALA C 91 -12.98 -34.41 10.18
N LEU C 92 -12.54 -33.25 9.71
CA LEU C 92 -12.06 -33.14 8.34
C LEU C 92 -10.78 -33.94 8.15
N LEU C 93 -9.80 -33.72 9.02
CA LEU C 93 -8.46 -34.27 8.80
C LEU C 93 -8.51 -35.79 8.69
N PHE C 94 -9.10 -36.45 9.69
CA PHE C 94 -9.30 -37.89 9.62
C PHE C 94 -9.98 -38.28 8.32
N TYR C 95 -11.08 -37.59 7.99
CA TYR C 95 -11.79 -37.87 6.75
C TYR C 95 -10.85 -37.87 5.56
N ILE C 96 -10.00 -36.84 5.47
CA ILE C 96 -9.08 -36.76 4.34
C ILE C 96 -8.24 -38.02 4.28
N VAL C 97 -7.64 -38.40 5.41
CA VAL C 97 -6.81 -39.60 5.44
C VAL C 97 -7.64 -40.80 5.00
N TRP C 98 -8.86 -40.90 5.50
CA TRP C 98 -9.73 -42.00 5.12
C TRP C 98 -9.85 -42.11 3.62
N GLN C 99 -10.11 -40.97 2.94
CA GLN C 99 -10.19 -41.02 1.49
C GLN C 99 -8.88 -41.47 0.88
N ILE C 100 -7.77 -40.90 1.34
CA ILE C 100 -6.46 -41.30 0.82
C ILE C 100 -6.21 -42.76 1.14
N ILE C 101 -6.80 -43.27 2.21
CA ILE C 101 -6.65 -44.68 2.54
C ILE C 101 -7.37 -45.55 1.52
N TRP C 102 -8.55 -45.12 1.08
CA TRP C 102 -9.42 -46.02 0.31
C TRP C 102 -9.55 -45.66 -1.16
N VAL C 103 -8.96 -44.54 -1.60
CA VAL C 103 -8.88 -44.27 -3.04
C VAL C 103 -7.68 -44.98 -3.64
N TYR C 104 -6.48 -44.63 -3.17
CA TYR C 104 -5.25 -45.16 -3.76
C TYR C 104 -5.23 -46.69 -3.73
N SER C 105 -5.74 -47.28 -2.65
CA SER C 105 -5.81 -48.73 -2.57
C SER C 105 -6.51 -49.29 -3.80
N TYR C 106 -7.70 -48.75 -4.11
CA TYR C 106 -8.42 -49.21 -5.30
C TYR C 106 -7.58 -49.02 -6.55
N LYS C 107 -6.88 -47.89 -6.64
CA LYS C 107 -5.98 -47.66 -7.76
C LYS C 107 -5.01 -48.83 -7.91
N ARG C 108 -4.37 -49.23 -6.82
CA ARG C 108 -3.47 -50.38 -6.88
C ARG C 108 -4.24 -51.61 -7.34
N TYR C 109 -5.42 -51.84 -6.78
CA TYR C 109 -6.25 -52.94 -7.24
C TYR C 109 -6.64 -52.76 -8.70
N ARG C 110 -6.89 -51.50 -9.11
CA ARG C 110 -7.21 -51.24 -10.51
C ARG C 110 -6.06 -51.64 -11.43
N SER C 111 -4.83 -51.66 -10.91
CA SER C 111 -3.70 -52.08 -11.74
C SER C 111 -3.77 -53.57 -12.06
N GLN C 112 -4.40 -54.36 -11.19
CA GLN C 112 -4.39 -55.81 -11.35
C GLN C 112 -5.64 -56.32 -12.07
N ARG C 113 -6.81 -56.08 -11.49
CA ARG C 113 -8.06 -56.61 -12.02
C ARG C 113 -9.21 -55.83 -11.40
N ASP C 114 -10.41 -56.04 -11.92
CA ASP C 114 -11.60 -55.34 -11.43
C ASP C 114 -12.73 -56.35 -11.23
N ASN C 115 -12.80 -56.90 -10.02
CA ASN C 115 -13.96 -57.69 -9.61
C ASN C 115 -15.02 -56.75 -9.05
N LYS C 116 -16.29 -57.05 -9.34
CA LYS C 116 -17.36 -56.12 -8.99
C LYS C 116 -17.44 -55.88 -7.49
N TRP C 117 -17.32 -56.95 -6.69
CA TRP C 117 -17.53 -56.82 -5.25
C TRP C 117 -16.44 -55.96 -4.61
N VAL C 118 -15.21 -56.03 -5.12
CA VAL C 118 -14.16 -55.17 -4.59
C VAL C 118 -14.49 -53.70 -4.86
N PHE C 119 -15.01 -53.41 -6.05
CA PHE C 119 -15.41 -52.04 -6.36
C PHE C 119 -16.54 -51.58 -5.46
N TYR C 120 -17.53 -52.43 -5.23
CA TYR C 120 -18.62 -52.06 -4.33
C TYR C 120 -18.12 -51.80 -2.93
N LEU C 121 -17.22 -52.66 -2.43
CA LEU C 121 -16.65 -52.47 -1.10
C LEU C 121 -15.87 -51.16 -1.01
N HIS C 122 -15.08 -50.85 -2.03
CA HIS C 122 -14.31 -49.61 -2.00
C HIS C 122 -15.22 -48.39 -2.04
N SER C 123 -16.27 -48.43 -2.87
CA SER C 123 -17.21 -47.31 -2.91
C SER C 123 -17.92 -47.14 -1.56
N PHE C 124 -18.32 -48.25 -0.95
CA PHE C 124 -18.97 -48.18 0.36
C PHE C 124 -18.03 -47.61 1.41
N LEU C 125 -16.76 -48.03 1.40
CA LEU C 125 -15.81 -47.50 2.38
C LEU C 125 -15.49 -46.04 2.11
N VAL C 126 -15.58 -45.61 0.85
CA VAL C 126 -15.36 -44.20 0.53
C VAL C 126 -16.50 -43.34 1.06
N VAL C 127 -17.76 -43.79 0.85
CA VAL C 127 -18.91 -43.00 1.28
C VAL C 127 -19.38 -43.33 2.68
N LEU C 128 -18.66 -44.20 3.40
CA LEU C 128 -19.05 -44.52 4.78
C LEU C 128 -19.14 -43.33 5.71
N PRO C 129 -18.20 -42.36 5.71
CA PRO C 129 -18.39 -41.20 6.58
C PRO C 129 -19.71 -40.48 6.35
N LEU C 130 -20.13 -40.33 5.09
CA LEU C 130 -21.41 -39.69 4.80
C LEU C 130 -22.56 -40.52 5.34
N ILE C 131 -22.49 -41.84 5.21
CA ILE C 131 -23.55 -42.71 5.73
C ILE C 131 -23.66 -42.55 7.24
N LEU C 132 -22.52 -42.55 7.94
CA LEU C 132 -22.56 -42.40 9.39
C LEU C 132 -23.10 -41.04 9.79
N VAL C 133 -22.68 -39.98 9.09
CA VAL C 133 -23.14 -38.64 9.43
C VAL C 133 -24.64 -38.52 9.22
N LYS C 134 -25.17 -39.12 8.15
CA LYS C 134 -26.60 -39.01 7.88
C LYS C 134 -27.42 -40.02 8.67
N VAL C 135 -26.79 -41.00 9.31
CA VAL C 135 -27.55 -42.00 10.07
C VAL C 135 -27.57 -41.69 11.56
N GLU C 136 -26.42 -41.30 12.13
CA GLU C 136 -26.32 -41.18 13.58
C GLU C 136 -27.37 -40.28 14.23
N PRO C 137 -27.72 -39.10 13.68
CA PRO C 137 -28.83 -38.34 14.29
C PRO C 137 -30.13 -39.11 14.38
N THR C 138 -30.43 -39.94 13.37
CA THR C 138 -31.57 -40.84 13.46
C THR C 138 -31.19 -42.06 14.28
N ILE C 139 -32.21 -42.77 14.78
CA ILE C 139 -32.03 -43.93 15.64
C ILE C 139 -31.24 -43.49 16.87
N ASN C 140 -31.89 -42.74 17.76
CA ASN C 140 -31.28 -42.16 18.95
C ASN C 140 -30.13 -41.24 18.55
N GLY C 141 -29.32 -40.83 19.53
CA GLY C 141 -28.19 -39.97 19.27
C GLY C 141 -28.62 -38.55 18.94
N THR C 142 -27.62 -37.66 18.88
CA THR C 142 -27.85 -36.27 18.54
C THR C 142 -27.14 -35.86 17.26
N GLN C 143 -25.84 -36.13 17.14
CA GLN C 143 -25.07 -35.79 15.95
C GLN C 143 -23.74 -36.52 16.02
N SER C 144 -23.25 -36.94 14.85
CA SER C 144 -22.01 -37.68 14.78
C SER C 144 -20.82 -36.73 14.85
N LEU C 145 -19.70 -37.25 15.36
CA LEU C 145 -18.49 -36.46 15.46
C LEU C 145 -17.85 -36.25 14.10
N LEU C 146 -18.14 -37.13 13.14
CA LEU C 146 -17.55 -37.02 11.80
C LEU C 146 -18.07 -35.82 11.02
N ASN C 147 -19.26 -35.34 11.33
CA ASN C 147 -19.90 -34.32 10.51
C ASN C 147 -19.10 -33.03 10.53
N PHE C 148 -19.06 -32.35 9.39
CA PHE C 148 -18.48 -31.02 9.28
C PHE C 148 -19.23 -30.27 8.18
N LEU C 149 -18.64 -29.16 7.72
CA LEU C 149 -19.37 -28.24 6.84
C LEU C 149 -19.69 -28.87 5.49
N GLY C 150 -18.66 -29.31 4.77
CA GLY C 150 -18.82 -29.80 3.41
C GLY C 150 -18.90 -31.30 3.23
N ILE C 151 -19.12 -32.07 4.30
CA ILE C 151 -19.11 -33.52 4.18
C ILE C 151 -20.25 -34.00 3.28
N SER C 152 -21.33 -33.21 3.19
CA SER C 152 -22.43 -33.59 2.30
C SER C 152 -22.09 -33.37 0.84
N TYR C 153 -21.17 -32.46 0.54
CA TYR C 153 -20.81 -32.14 -0.84
C TYR C 153 -19.37 -32.49 -1.18
N LEU C 154 -18.75 -33.41 -0.44
CA LEU C 154 -17.37 -33.77 -0.69
C LEU C 154 -17.23 -35.21 -1.15
N THR C 155 -17.98 -36.13 -0.56
CA THR C 155 -17.88 -37.53 -0.98
C THR C 155 -18.30 -37.70 -2.43
N PHE C 156 -19.18 -36.82 -2.92
CA PHE C 156 -19.55 -36.84 -4.33
C PHE C 156 -18.32 -36.73 -5.22
N ARG C 157 -17.34 -35.95 -4.78
CA ARG C 157 -16.08 -35.89 -5.52
C ARG C 157 -15.27 -37.16 -5.34
N ALA C 158 -15.21 -37.68 -4.11
CA ALA C 158 -14.40 -38.87 -3.85
C ALA C 158 -14.97 -40.08 -4.60
N VAL C 159 -16.25 -40.34 -4.44
CA VAL C 159 -16.89 -41.44 -5.17
C VAL C 159 -17.02 -41.03 -6.63
N GLY C 160 -16.63 -39.80 -6.94
CA GLY C 160 -16.49 -39.39 -8.33
C GLY C 160 -15.28 -39.94 -9.02
N MET C 161 -14.38 -40.60 -8.30
CA MET C 161 -13.22 -41.25 -8.91
C MET C 161 -13.32 -42.77 -8.86
N ILE C 162 -13.84 -43.33 -7.78
CA ILE C 162 -13.99 -44.77 -7.68
C ILE C 162 -14.86 -45.30 -8.81
N ILE C 163 -15.88 -44.54 -9.20
CA ILE C 163 -16.68 -44.90 -10.36
C ILE C 163 -15.85 -44.79 -11.63
N GLU C 164 -15.09 -43.69 -11.77
CA GLU C 164 -14.33 -43.48 -13.00
C GLU C 164 -13.25 -44.54 -13.17
N MET C 165 -12.62 -44.95 -12.07
CA MET C 165 -11.69 -46.08 -12.14
C MET C 165 -12.40 -47.34 -12.59
N ARG C 166 -13.65 -47.52 -12.15
CA ARG C 166 -14.42 -48.69 -12.55
C ARG C 166 -14.64 -48.71 -14.05
N ASP C 167 -14.97 -47.56 -14.64
CA ASP C 167 -15.15 -47.46 -16.08
C ASP C 167 -13.84 -47.47 -16.86
N GLY C 168 -12.71 -47.31 -16.19
CA GLY C 168 -11.43 -47.32 -16.85
C GLY C 168 -11.01 -46.02 -17.49
N VAL C 169 -11.80 -44.95 -17.37
CA VAL C 169 -11.45 -43.68 -17.98
C VAL C 169 -10.51 -42.85 -17.12
N LEU C 170 -10.08 -43.38 -15.98
CA LEU C 170 -9.10 -42.72 -15.13
C LEU C 170 -7.99 -43.70 -14.81
N LYS C 171 -6.74 -43.29 -15.03
CA LYS C 171 -5.63 -44.22 -14.83
C LYS C 171 -4.53 -43.68 -13.93
N GLU C 172 -4.19 -42.39 -14.04
CA GLU C 172 -3.06 -41.84 -13.31
C GLU C 172 -3.44 -40.48 -12.73
N PHE C 173 -2.95 -40.20 -11.52
CA PHE C 173 -3.08 -38.90 -10.89
C PHE C 173 -2.19 -38.87 -9.66
N THR C 174 -1.48 -37.76 -9.46
CA THR C 174 -0.65 -37.59 -8.29
C THR C 174 -1.48 -37.10 -7.10
N LEU C 175 -0.84 -37.08 -5.93
CA LEU C 175 -1.52 -36.61 -4.73
C LEU C 175 -1.85 -35.12 -4.82
N GLY C 176 -0.99 -34.35 -5.49
CA GLY C 176 -1.27 -32.92 -5.63
C GLY C 176 -2.58 -32.66 -6.34
N GLU C 177 -2.80 -33.33 -7.47
CA GLU C 177 -4.05 -33.17 -8.21
C GLU C 177 -5.24 -33.64 -7.39
N PHE C 178 -5.10 -34.80 -6.73
CA PHE C 178 -6.20 -35.37 -5.96
C PHE C 178 -6.65 -34.41 -4.86
N LEU C 179 -5.71 -33.95 -4.04
CA LEU C 179 -6.09 -33.08 -2.93
C LEU C 179 -6.46 -31.68 -3.41
N ARG C 180 -5.87 -31.20 -4.50
CA ARG C 180 -6.26 -29.91 -5.04
C ARG C 180 -7.69 -29.95 -5.56
N PHE C 181 -8.12 -31.10 -6.07
CA PHE C 181 -9.48 -31.22 -6.56
C PHE C 181 -10.47 -31.42 -5.42
N MET C 182 -10.20 -32.38 -4.53
CA MET C 182 -11.15 -32.68 -3.46
C MET C 182 -11.30 -31.52 -2.49
N LEU C 183 -10.20 -30.88 -2.12
CA LEU C 183 -10.21 -29.79 -1.14
C LEU C 183 -10.33 -28.44 -1.81
N PHE C 184 -11.04 -28.38 -2.95
CA PHE C 184 -11.23 -27.13 -3.65
C PHE C 184 -11.88 -26.10 -2.75
N MET C 185 -11.31 -24.90 -2.69
CA MET C 185 -11.80 -23.89 -1.76
C MET C 185 -13.09 -23.22 -2.22
N PRO C 186 -13.20 -22.71 -3.44
CA PRO C 186 -14.46 -22.04 -3.82
C PRO C 186 -15.67 -22.96 -3.87
N THR C 187 -15.49 -24.25 -3.67
CA THR C 187 -16.57 -25.22 -3.80
C THR C 187 -16.56 -26.22 -2.65
N PHE C 188 -16.16 -25.78 -1.47
CA PHE C 188 -15.97 -26.70 -0.35
C PHE C 188 -17.21 -26.82 0.51
N THR C 189 -17.80 -25.70 0.92
CA THR C 189 -18.85 -25.73 1.93
C THR C 189 -20.08 -26.49 1.43
N SER C 190 -20.80 -25.92 0.45
CA SER C 190 -21.83 -26.68 -0.26
C SER C 190 -21.96 -26.06 -1.66
N GLY C 191 -21.17 -26.56 -2.59
CA GLY C 191 -21.03 -25.91 -3.87
C GLY C 191 -21.34 -26.80 -5.04
N PRO C 192 -21.12 -26.31 -6.26
CA PRO C 192 -21.39 -27.11 -7.45
C PRO C 192 -20.56 -28.39 -7.45
N ILE C 193 -21.25 -29.52 -7.33
CA ILE C 193 -20.58 -30.81 -7.36
C ILE C 193 -19.88 -30.96 -8.70
N ASP C 194 -18.63 -31.44 -8.67
CA ASP C 194 -17.81 -31.53 -9.85
C ASP C 194 -17.41 -32.98 -10.09
N ARG C 195 -16.69 -33.20 -11.18
CA ARG C 195 -16.10 -34.50 -11.49
C ARG C 195 -14.59 -34.34 -11.57
N PHE C 196 -13.87 -35.46 -11.59
CA PHE C 196 -12.41 -35.36 -11.63
C PHE C 196 -11.91 -35.07 -13.04
N LYS C 197 -12.21 -35.96 -13.99
CA LYS C 197 -11.62 -35.87 -15.32
C LYS C 197 -11.78 -34.47 -15.91
N ARG C 198 -13.00 -33.92 -15.85
CA ARG C 198 -13.24 -32.59 -16.39
C ARG C 198 -12.43 -31.55 -15.65
N PHE C 199 -12.34 -31.65 -14.32
CA PHE C 199 -11.61 -30.66 -13.54
C PHE C 199 -10.12 -30.68 -13.88
N ASN C 200 -9.53 -31.87 -13.94
CA ASN C 200 -8.13 -31.99 -14.28
C ASN C 200 -7.85 -31.47 -15.68
N GLU C 201 -8.70 -31.87 -16.64
CA GLU C 201 -8.52 -31.38 -18.01
C GLU C 201 -8.66 -29.87 -18.10
N ASP C 202 -9.55 -29.29 -17.30
CA ASP C 202 -9.76 -27.84 -17.35
C ASP C 202 -8.64 -27.09 -16.65
N TYR C 203 -7.97 -27.72 -15.68
CA TYR C 203 -6.90 -27.02 -15.00
C TYR C 203 -5.54 -27.21 -15.67
N GLN C 204 -5.34 -28.31 -16.39
CA GLN C 204 -4.07 -28.50 -17.08
C GLN C 204 -3.86 -27.44 -18.16
N SER C 205 -4.92 -27.10 -18.89
CA SER C 205 -4.83 -26.12 -19.97
C SER C 205 -5.38 -24.79 -19.47
N ILE C 206 -4.49 -23.83 -19.28
CA ILE C 206 -4.90 -22.48 -18.85
C ILE C 206 -5.59 -21.79 -20.02
N PRO C 207 -6.73 -21.13 -19.80
CA PRO C 207 -7.43 -20.46 -20.92
C PRO C 207 -6.65 -19.25 -21.42
N ASN C 208 -7.01 -18.84 -22.64
CA ASN C 208 -6.33 -17.74 -23.31
C ASN C 208 -6.68 -16.41 -22.64
N ARG C 209 -6.08 -15.33 -23.16
CA ARG C 209 -6.21 -14.03 -22.54
C ARG C 209 -7.62 -13.46 -22.68
N ASP C 210 -8.15 -13.48 -23.91
CA ASP C 210 -9.48 -12.91 -24.14
C ASP C 210 -10.56 -13.70 -23.41
N GLU C 211 -10.47 -15.03 -23.43
CA GLU C 211 -11.39 -15.85 -22.65
C GLU C 211 -11.25 -15.55 -21.16
N LEU C 212 -10.03 -15.23 -20.71
CA LEU C 212 -9.85 -14.88 -19.31
C LEU C 212 -10.52 -13.56 -18.96
N LEU C 213 -10.44 -12.58 -19.86
CA LEU C 213 -11.16 -11.32 -19.64
C LEU C 213 -12.66 -11.55 -19.62
N ASN C 214 -13.16 -12.39 -20.52
CA ASN C 214 -14.59 -12.72 -20.52
C ASN C 214 -14.98 -13.41 -19.21
N MET C 215 -14.13 -14.31 -18.71
CA MET C 215 -14.40 -14.97 -17.44
C MET C 215 -14.39 -13.96 -16.29
N LEU C 216 -13.49 -12.98 -16.34
CA LEU C 216 -13.49 -11.94 -15.32
C LEU C 216 -14.78 -11.13 -15.33
N GLU C 217 -15.25 -10.75 -16.52
CA GLU C 217 -16.51 -10.02 -16.61
C GLU C 217 -17.67 -10.87 -16.11
N GLN C 218 -17.70 -12.15 -16.48
CA GLN C 218 -18.76 -13.03 -16.01
C GLN C 218 -18.69 -13.21 -14.50
N ALA C 219 -17.48 -13.27 -13.93
CA ALA C 219 -17.33 -13.39 -12.49
C ALA C 219 -17.84 -12.15 -11.78
N VAL C 220 -17.57 -10.96 -12.33
CA VAL C 220 -18.08 -9.74 -11.72
C VAL C 220 -19.61 -9.70 -11.79
N LYS C 221 -20.17 -10.11 -12.93
CA LYS C 221 -21.62 -10.18 -13.03
C LYS C 221 -22.19 -11.18 -12.02
N TYR C 222 -21.52 -12.31 -11.85
CA TYR C 222 -21.95 -13.31 -10.87
C TYR C 222 -21.90 -12.75 -9.46
N ILE C 223 -20.86 -11.99 -9.14
CA ILE C 223 -20.75 -11.39 -7.80
C ILE C 223 -21.89 -10.41 -7.57
N MET C 224 -22.17 -9.55 -8.55
CA MET C 224 -23.27 -8.60 -8.41
C MET C 224 -24.61 -9.32 -8.24
N LEU C 225 -24.89 -10.28 -9.12
CA LEU C 225 -26.15 -11.01 -9.03
C LEU C 225 -26.24 -11.79 -7.73
N GLY C 226 -25.14 -12.35 -7.24
CA GLY C 226 -25.18 -13.03 -5.96
C GLY C 226 -25.44 -12.09 -4.81
N PHE C 227 -24.86 -10.89 -4.86
CA PHE C 227 -25.22 -9.85 -3.90
C PHE C 227 -26.73 -9.67 -3.86
N LEU C 228 -27.32 -9.48 -5.03
CA LEU C 228 -28.77 -9.30 -5.12
C LEU C 228 -29.53 -10.52 -4.62
N TYR C 229 -29.05 -11.72 -4.97
CA TYR C 229 -29.80 -12.94 -4.71
C TYR C 229 -29.75 -13.33 -3.24
N LYS C 230 -28.66 -13.03 -2.55
CA LYS C 230 -28.47 -13.54 -1.19
C LYS C 230 -28.54 -12.46 -0.12
N PHE C 231 -27.99 -11.27 -0.37
CA PHE C 231 -27.93 -10.27 0.69
C PHE C 231 -29.10 -9.29 0.66
N VAL C 232 -29.92 -9.30 -0.38
CA VAL C 232 -31.08 -8.42 -0.48
C VAL C 232 -32.39 -9.20 -0.47
N LEU C 233 -32.62 -10.03 -1.49
CA LEU C 233 -33.89 -10.71 -1.61
C LEU C 233 -34.00 -11.91 -0.68
N ALA C 234 -32.89 -12.64 -0.49
CA ALA C 234 -32.91 -13.76 0.45
C ALA C 234 -33.16 -13.27 1.87
N GLN C 235 -32.55 -12.14 2.23
CA GLN C 235 -32.82 -11.56 3.54
C GLN C 235 -34.29 -11.17 3.69
N ILE C 236 -34.87 -10.56 2.66
CA ILE C 236 -36.26 -10.13 2.75
C ILE C 236 -37.19 -11.33 2.89
N PHE C 237 -36.97 -12.37 2.08
CA PHE C 237 -37.86 -13.52 2.13
C PHE C 237 -37.56 -14.45 3.29
N GLY C 238 -36.42 -14.29 3.95
CA GLY C 238 -36.04 -15.17 5.03
C GLY C 238 -36.30 -14.63 6.42
N SER C 239 -35.90 -13.38 6.66
CA SER C 239 -35.96 -12.80 8.00
C SER C 239 -37.02 -11.72 8.15
N MET C 240 -37.88 -11.53 7.16
CA MET C 240 -38.94 -10.52 7.25
C MET C 240 -40.33 -11.12 7.10
N LEU C 241 -40.53 -12.03 6.16
CA LEU C 241 -41.84 -12.63 5.95
C LEU C 241 -41.96 -14.03 6.55
N LEU C 242 -40.87 -14.80 6.52
CA LEU C 242 -40.95 -16.19 6.95
C LEU C 242 -41.34 -16.35 8.42
N PRO C 243 -40.73 -15.66 9.38
CA PRO C 243 -41.15 -15.83 10.78
C PRO C 243 -42.59 -15.41 11.02
N PRO C 244 -43.03 -14.23 10.54
CA PRO C 244 -44.44 -13.89 10.72
C PRO C 244 -45.40 -14.88 10.08
N LEU C 245 -45.07 -15.38 8.89
CA LEU C 245 -45.96 -16.35 8.24
C LEU C 245 -45.99 -17.66 9.00
N LYS C 246 -44.84 -18.11 9.51
CA LYS C 246 -44.83 -19.31 10.34
C LYS C 246 -45.68 -19.12 11.60
N ALA C 247 -45.55 -17.96 12.23
CA ALA C 247 -46.33 -17.70 13.44
C ALA C 247 -47.82 -17.70 13.14
N GLN C 248 -48.23 -17.05 12.06
CA GLN C 248 -49.64 -17.01 11.71
C GLN C 248 -50.17 -18.40 11.36
N ALA C 249 -49.38 -19.19 10.62
CA ALA C 249 -49.80 -20.54 10.26
C ALA C 249 -49.95 -21.42 11.50
N LEU C 250 -49.00 -21.32 12.44
CA LEU C 250 -49.09 -22.10 13.67
C LEU C 250 -50.29 -21.66 14.50
N SER C 251 -50.55 -20.35 14.58
CA SER C 251 -51.70 -19.88 15.33
C SER C 251 -53.01 -20.35 14.71
N GLN C 252 -53.10 -20.33 13.38
CA GLN C 252 -54.31 -20.79 12.71
C GLN C 252 -54.55 -22.27 12.97
N GLY C 253 -53.50 -23.08 12.93
CA GLY C 253 -53.63 -24.50 13.16
C GLY C 253 -54.34 -25.21 12.02
N GLY C 254 -54.91 -26.37 12.36
CA GLY C 254 -55.61 -27.17 11.37
C GLY C 254 -54.64 -27.98 10.52
N ILE C 255 -55.24 -28.75 9.59
CA ILE C 255 -54.43 -29.54 8.69
C ILE C 255 -53.68 -28.66 7.70
N PHE C 256 -54.35 -27.62 7.19
CA PHE C 256 -53.72 -26.65 6.31
C PHE C 256 -54.55 -25.38 6.30
N ASN C 257 -53.96 -24.30 5.80
CA ASN C 257 -54.62 -23.01 5.75
C ASN C 257 -53.88 -22.11 4.76
N LEU C 258 -54.48 -20.96 4.47
CA LEU C 258 -53.83 -20.00 3.56
C LEU C 258 -52.46 -19.55 4.03
N PRO C 259 -52.22 -19.29 5.33
CA PRO C 259 -50.84 -19.02 5.76
C PRO C 259 -49.86 -20.14 5.43
N THR C 260 -50.32 -21.39 5.37
CA THR C 260 -49.43 -22.45 4.91
C THR C 260 -49.01 -22.23 3.46
N LEU C 261 -49.96 -21.83 2.60
CA LEU C 261 -49.61 -21.50 1.23
C LEU C 261 -48.61 -20.34 1.18
N GLY C 262 -48.86 -19.31 2.00
CA GLY C 262 -47.96 -18.17 2.02
C GLY C 262 -46.56 -18.55 2.44
N VAL C 263 -46.44 -19.33 3.52
CA VAL C 263 -45.13 -19.73 4.00
C VAL C 263 -44.46 -20.66 3.00
N MET C 264 -45.23 -21.51 2.31
CA MET C 264 -44.67 -22.35 1.27
C MET C 264 -44.02 -21.52 0.18
N TYR C 265 -44.76 -20.55 -0.36
CA TYR C 265 -44.22 -19.72 -1.44
C TYR C 265 -43.02 -18.92 -0.96
N VAL C 266 -43.12 -18.31 0.22
CA VAL C 266 -42.05 -17.46 0.72
C VAL C 266 -40.79 -18.28 0.99
N TYR C 267 -40.94 -19.46 1.61
CA TYR C 267 -39.77 -20.29 1.87
C TYR C 267 -39.15 -20.80 0.58
N GLY C 268 -39.97 -21.19 -0.40
CA GLY C 268 -39.40 -21.64 -1.66
C GLY C 268 -38.60 -20.54 -2.33
N PHE C 269 -39.14 -19.32 -2.38
CA PHE C 269 -38.38 -18.22 -2.94
C PHE C 269 -37.10 -17.96 -2.15
N ASP C 270 -37.19 -17.98 -0.82
CA ASP C 270 -36.00 -17.73 0.00
C ASP C 270 -34.93 -18.78 -0.25
N LEU C 271 -35.32 -20.04 -0.32
CA LEU C 271 -34.36 -21.12 -0.56
C LEU C 271 -33.69 -20.97 -1.92
N PHE C 272 -34.49 -20.72 -2.97
CA PHE C 272 -33.90 -20.56 -4.30
C PHE C 272 -32.97 -19.37 -4.34
N PHE C 273 -33.38 -18.24 -3.76
CA PHE C 273 -32.54 -17.05 -3.81
C PHE C 273 -31.24 -17.25 -3.03
N ASP C 274 -31.30 -17.86 -1.85
CA ASP C 274 -30.09 -18.09 -1.07
C ASP C 274 -29.15 -19.06 -1.78
N PHE C 275 -29.69 -20.16 -2.29
CA PHE C 275 -28.85 -21.15 -2.95
C PHE C 275 -28.23 -20.58 -4.22
N ALA C 276 -29.01 -19.80 -4.98
CA ALA C 276 -28.47 -19.20 -6.20
C ALA C 276 -27.40 -18.15 -5.86
N GLY C 277 -27.60 -17.40 -4.78
CA GLY C 277 -26.58 -16.45 -4.37
C GLY C 277 -25.28 -17.14 -4.01
N TYR C 278 -25.37 -18.20 -3.22
CA TYR C 278 -24.16 -18.95 -2.88
C TYR C 278 -23.51 -19.54 -4.13
N SER C 279 -24.31 -20.14 -5.01
CA SER C 279 -23.75 -20.79 -6.18
C SER C 279 -23.08 -19.78 -7.10
N MET C 280 -23.67 -18.60 -7.28
CA MET C 280 -23.05 -17.57 -8.10
C MET C 280 -21.78 -17.06 -7.46
N PHE C 281 -21.75 -16.92 -6.14
CA PHE C 281 -20.51 -16.57 -5.45
C PHE C 281 -19.43 -17.61 -5.73
N ALA C 282 -19.79 -18.89 -5.62
CA ALA C 282 -18.82 -19.97 -5.82
C ALA C 282 -18.32 -19.99 -7.27
N LEU C 283 -19.23 -19.81 -8.23
CA LEU C 283 -18.82 -19.80 -9.62
C LEU C 283 -17.91 -18.63 -9.92
N ALA C 284 -18.20 -17.46 -9.33
CA ALA C 284 -17.33 -16.30 -9.53
C ALA C 284 -15.94 -16.54 -8.96
N VAL C 285 -15.88 -17.09 -7.75
CA VAL C 285 -14.57 -17.33 -7.13
C VAL C 285 -13.80 -18.39 -7.91
N SER C 286 -14.51 -19.39 -8.44
CA SER C 286 -13.86 -20.40 -9.27
C SER C 286 -13.33 -19.78 -10.56
N ASN C 287 -14.11 -18.92 -11.19
CA ASN C 287 -13.65 -18.26 -12.42
C ASN C 287 -12.44 -17.38 -12.15
N LEU C 288 -12.39 -16.71 -11.00
CA LEU C 288 -11.20 -15.94 -10.65
C LEU C 288 -9.99 -16.83 -10.43
N MET C 289 -10.18 -18.14 -10.29
CA MET C 289 -9.08 -19.09 -10.21
C MET C 289 -8.85 -19.80 -11.54
N GLY C 290 -9.53 -19.37 -12.61
CA GLY C 290 -9.33 -19.93 -13.93
C GLY C 290 -10.06 -21.23 -14.21
N ILE C 291 -10.95 -21.67 -13.33
CA ILE C 291 -11.65 -22.94 -13.46
C ILE C 291 -13.15 -22.66 -13.56
N LYS C 292 -13.79 -23.26 -14.56
CA LYS C 292 -15.22 -23.06 -14.81
C LYS C 292 -15.99 -24.21 -14.16
N SER C 293 -16.41 -24.00 -12.92
CA SER C 293 -17.21 -25.00 -12.22
C SER C 293 -18.60 -25.08 -12.84
N PRO C 294 -19.26 -26.23 -12.73
CA PRO C 294 -20.59 -26.37 -13.34
C PRO C 294 -21.60 -25.40 -12.74
N ILE C 295 -22.54 -24.97 -13.57
CA ILE C 295 -23.59 -24.06 -13.12
C ILE C 295 -24.64 -24.85 -12.35
N ASN C 296 -25.12 -24.28 -11.24
CA ASN C 296 -26.12 -24.95 -10.43
C ASN C 296 -27.54 -24.61 -10.84
N PHE C 297 -27.83 -23.34 -11.12
CA PHE C 297 -29.17 -22.90 -11.42
C PHE C 297 -29.19 -22.14 -12.75
N ASP C 298 -30.14 -22.49 -13.60
CA ASP C 298 -30.37 -21.82 -14.88
C ASP C 298 -31.86 -21.57 -15.02
N LYS C 299 -32.33 -20.43 -14.51
CA LYS C 299 -33.71 -19.97 -14.62
C LYS C 299 -34.72 -21.05 -14.27
N PRO C 300 -34.84 -21.42 -12.99
CA PRO C 300 -35.92 -22.34 -12.60
C PRO C 300 -37.26 -21.62 -12.54
N PHE C 301 -38.30 -22.34 -12.12
CA PHE C 301 -39.65 -21.78 -11.91
C PHE C 301 -40.32 -21.44 -13.22
N ILE C 302 -39.61 -21.58 -14.34
CA ILE C 302 -40.19 -21.39 -15.67
C ILE C 302 -40.24 -22.69 -16.45
N SER C 303 -39.86 -23.81 -15.84
CA SER C 303 -39.80 -25.09 -16.53
C SER C 303 -41.20 -25.63 -16.77
N ARG C 304 -41.46 -26.06 -18.01
CA ARG C 304 -42.77 -26.60 -18.34
C ARG C 304 -43.03 -27.92 -17.63
N ASP C 305 -42.02 -28.77 -17.53
CA ASP C 305 -42.19 -30.13 -17.02
C ASP C 305 -41.20 -30.39 -15.89
N MET C 306 -41.56 -31.34 -15.03
CA MET C 306 -40.68 -31.74 -13.94
C MET C 306 -39.37 -32.30 -14.46
N LYS C 307 -39.43 -33.15 -15.49
CA LYS C 307 -38.22 -33.69 -16.08
C LYS C 307 -37.33 -32.60 -16.65
N GLU C 308 -37.95 -31.55 -17.21
CA GLU C 308 -37.19 -30.38 -17.65
C GLU C 308 -36.95 -29.39 -16.52
N PHE C 309 -37.61 -29.57 -15.38
CA PHE C 309 -37.27 -28.77 -14.20
C PHE C 309 -35.97 -29.25 -13.58
N TRP C 310 -35.77 -30.56 -13.52
CA TRP C 310 -34.57 -31.09 -12.87
C TRP C 310 -33.31 -30.86 -13.69
N ASN C 311 -33.43 -30.39 -14.92
CA ASN C 311 -32.26 -29.95 -15.68
C ASN C 311 -31.92 -28.50 -15.43
N ARG C 312 -32.67 -27.82 -14.55
CA ARG C 312 -32.41 -26.43 -14.22
C ARG C 312 -32.22 -26.15 -12.74
N TRP C 313 -32.77 -26.97 -11.86
CA TRP C 313 -32.66 -26.75 -10.42
C TRP C 313 -31.56 -27.65 -9.86
N HIS C 314 -30.56 -27.04 -9.24
CA HIS C 314 -29.37 -27.74 -8.76
C HIS C 314 -28.78 -28.62 -9.88
N MET C 315 -28.35 -27.94 -10.94
CA MET C 315 -27.96 -28.64 -12.16
C MET C 315 -26.79 -29.58 -11.91
N SER C 316 -25.79 -29.14 -11.13
CA SER C 316 -24.62 -29.98 -10.91
C SER C 316 -25.00 -31.29 -10.23
N LEU C 317 -25.76 -31.21 -9.13
CA LEU C 317 -26.13 -32.42 -8.41
C LEU C 317 -27.09 -33.28 -9.22
N SER C 318 -28.05 -32.65 -9.91
CA SER C 318 -28.99 -33.43 -10.70
C SER C 318 -28.30 -34.18 -11.82
N PHE C 319 -27.38 -33.51 -12.53
CA PHE C 319 -26.60 -34.18 -13.56
C PHE C 319 -25.71 -35.27 -12.97
N TRP C 320 -25.14 -35.01 -11.79
CA TRP C 320 -24.32 -36.03 -11.14
C TRP C 320 -25.14 -37.29 -10.88
N PHE C 321 -26.34 -37.14 -10.35
CA PHE C 321 -27.18 -38.30 -10.08
C PHE C 321 -27.69 -38.93 -11.38
N ARG C 322 -27.84 -38.14 -12.43
CA ARG C 322 -28.26 -38.69 -13.71
C ARG C 322 -27.15 -39.55 -14.32
N ASP C 323 -25.90 -39.13 -14.16
CA ASP C 323 -24.79 -39.83 -14.79
C ASP C 323 -24.33 -41.03 -13.97
N PHE C 324 -24.15 -40.86 -12.67
CA PHE C 324 -23.49 -41.88 -11.86
C PHE C 324 -24.45 -42.71 -11.02
N VAL C 325 -25.74 -42.36 -10.95
CA VAL C 325 -26.71 -43.11 -10.18
C VAL C 325 -27.87 -43.61 -11.05
N PHE C 326 -28.40 -42.76 -11.92
CA PHE C 326 -29.58 -43.14 -12.71
C PHE C 326 -29.21 -44.04 -13.88
N MET C 327 -28.36 -43.54 -14.78
CA MET C 327 -28.03 -44.30 -15.98
C MET C 327 -27.32 -45.60 -15.63
N ARG C 328 -26.42 -45.57 -14.64
CA ARG C 328 -25.73 -46.78 -14.23
C ARG C 328 -26.70 -47.81 -13.68
N LEU C 329 -27.71 -47.36 -12.92
CA LEU C 329 -28.71 -48.29 -12.39
C LEU C 329 -29.57 -48.85 -13.51
N VAL C 330 -29.91 -48.04 -14.51
CA VAL C 330 -30.64 -48.54 -15.66
C VAL C 330 -29.82 -49.61 -16.38
N ILE C 331 -28.52 -49.36 -16.55
CA ILE C 331 -27.65 -50.34 -17.19
C ILE C 331 -27.60 -51.62 -16.39
N VAL C 332 -27.52 -51.51 -15.06
CA VAL C 332 -27.48 -52.69 -14.20
C VAL C 332 -28.77 -53.49 -14.35
N LEU C 333 -29.92 -52.82 -14.31
CA LEU C 333 -31.19 -53.52 -14.41
C LEU C 333 -31.35 -54.19 -15.77
N MET C 334 -30.96 -53.49 -16.86
CA MET C 334 -31.10 -54.09 -18.18
C MET C 334 -30.11 -55.23 -18.38
N ARG C 335 -28.95 -55.17 -17.73
CA ARG C 335 -27.98 -56.27 -17.84
C ARG C 335 -28.55 -57.56 -17.26
N ASN C 336 -29.25 -57.46 -16.14
CA ASN C 336 -29.91 -58.62 -15.53
C ASN C 336 -31.34 -58.80 -16.03
N LYS C 337 -31.82 -57.91 -16.89
CA LYS C 337 -33.16 -57.94 -17.48
C LYS C 337 -34.22 -58.39 -16.47
N VAL C 338 -34.27 -57.67 -15.35
CA VAL C 338 -35.21 -58.02 -14.29
C VAL C 338 -36.65 -57.74 -14.72
N PHE C 339 -36.89 -56.62 -15.40
CA PHE C 339 -38.22 -56.21 -15.79
C PHE C 339 -38.47 -56.49 -17.27
N LYS C 340 -39.75 -56.58 -17.62
CA LYS C 340 -40.13 -57.00 -18.97
C LYS C 340 -39.93 -55.88 -19.98
N ASN C 341 -40.20 -54.63 -19.59
CA ASN C 341 -40.20 -53.52 -20.53
C ASN C 341 -39.32 -52.39 -20.01
N ARG C 342 -38.91 -51.53 -20.95
CA ARG C 342 -38.03 -50.41 -20.61
C ARG C 342 -38.73 -49.39 -19.71
N ASN C 343 -40.04 -49.21 -19.90
CA ASN C 343 -40.77 -48.19 -19.18
C ASN C 343 -40.76 -48.46 -17.67
N THR C 344 -40.99 -49.71 -17.28
CA THR C 344 -40.96 -50.05 -15.86
C THR C 344 -39.57 -49.81 -15.26
N THR C 345 -38.53 -50.18 -16.01
CA THR C 345 -37.17 -49.92 -15.54
C THR C 345 -36.91 -48.44 -15.36
N SER C 346 -37.37 -47.62 -16.31
CA SER C 346 -37.18 -46.18 -16.19
C SER C 346 -37.92 -45.62 -14.99
N ASN C 347 -39.15 -46.08 -14.76
CA ASN C 347 -39.92 -45.60 -13.61
C ASN C 347 -39.23 -45.97 -12.30
N VAL C 348 -38.78 -47.23 -12.19
CA VAL C 348 -38.10 -47.67 -10.97
C VAL C 348 -36.80 -46.89 -10.78
N ALA C 349 -36.09 -46.63 -11.87
CA ALA C 349 -34.85 -45.87 -11.77
C ALA C 349 -35.10 -44.46 -11.30
N TYR C 350 -36.15 -43.81 -11.81
CA TYR C 350 -36.50 -42.46 -11.35
C TYR C 350 -36.83 -42.47 -9.86
N ILE C 351 -37.65 -43.45 -9.43
CA ILE C 351 -38.03 -43.53 -8.03
C ILE C 351 -36.80 -43.72 -7.16
N ILE C 352 -35.90 -44.63 -7.56
CA ILE C 352 -34.72 -44.91 -6.74
C ILE C 352 -33.78 -43.71 -6.72
N ASN C 353 -33.62 -43.03 -7.86
CA ASN C 353 -32.75 -41.86 -7.89
C ASN C 353 -33.27 -40.78 -6.95
N MET C 354 -34.57 -40.50 -6.99
CA MET C 354 -35.10 -39.45 -6.12
C MET C 354 -35.07 -39.88 -4.66
N MET C 355 -35.30 -41.17 -4.38
CA MET C 355 -35.19 -41.65 -3.01
C MET C 355 -33.76 -41.51 -2.49
N VAL C 356 -32.78 -41.79 -3.34
CA VAL C 356 -31.38 -41.66 -2.93
C VAL C 356 -31.02 -40.19 -2.72
N MET C 357 -31.58 -39.29 -3.53
CA MET C 357 -31.43 -37.86 -3.27
C MET C 357 -31.97 -37.50 -1.89
N GLY C 358 -33.18 -37.98 -1.58
CA GLY C 358 -33.75 -37.72 -0.28
C GLY C 358 -32.88 -38.25 0.85
N PHE C 359 -32.38 -39.48 0.70
CA PHE C 359 -31.48 -40.04 1.70
C PHE C 359 -30.23 -39.19 1.87
N TRP C 360 -29.67 -38.71 0.76
CA TRP C 360 -28.48 -37.86 0.84
C TRP C 360 -28.78 -36.57 1.60
N HIS C 361 -29.99 -36.03 1.42
CA HIS C 361 -30.34 -34.81 2.15
C HIS C 361 -30.35 -35.05 3.66
N GLY C 362 -30.80 -36.21 4.09
CA GLY C 362 -30.89 -36.54 5.49
C GLY C 362 -32.03 -37.52 5.72
N ILE C 363 -31.83 -38.43 6.65
CA ILE C 363 -32.79 -39.52 6.89
C ILE C 363 -33.80 -39.00 7.90
N THR C 364 -34.79 -38.26 7.39
CA THR C 364 -35.93 -37.83 8.18
C THR C 364 -37.20 -38.16 7.41
N TRP C 365 -38.34 -37.82 8.01
CA TRP C 365 -39.61 -38.11 7.36
C TRP C 365 -39.85 -37.20 6.17
N TYR C 366 -39.57 -35.90 6.32
CA TYR C 366 -39.91 -34.96 5.26
C TYR C 366 -38.93 -34.99 4.11
N TYR C 367 -37.64 -35.26 4.36
CA TYR C 367 -36.71 -35.41 3.24
C TYR C 367 -37.07 -36.61 2.38
N ILE C 368 -37.41 -37.75 3.01
CA ILE C 368 -37.81 -38.92 2.25
C ILE C 368 -39.15 -38.67 1.55
N ALA C 369 -40.05 -37.93 2.19
CA ALA C 369 -41.30 -37.57 1.52
C ALA C 369 -41.02 -36.72 0.30
N TYR C 370 -40.09 -35.78 0.40
CA TYR C 370 -39.69 -34.95 -0.73
C TYR C 370 -39.13 -35.79 -1.87
N GLY C 371 -38.25 -36.73 -1.54
CA GLY C 371 -37.69 -37.61 -2.56
C GLY C 371 -38.76 -38.44 -3.25
N ILE C 372 -39.64 -39.06 -2.46
CA ILE C 372 -40.69 -39.89 -3.03
C ILE C 372 -41.63 -39.06 -3.89
N PHE C 373 -41.95 -37.84 -3.44
CA PHE C 373 -42.86 -36.98 -4.18
C PHE C 373 -42.24 -36.56 -5.52
N HIS C 374 -40.96 -36.22 -5.52
CA HIS C 374 -40.30 -35.87 -6.78
C HIS C 374 -40.21 -37.06 -7.71
N GLY C 375 -39.96 -38.26 -7.16
CA GLY C 375 -39.96 -39.45 -7.99
C GLY C 375 -41.33 -39.71 -8.61
N ILE C 376 -42.39 -39.51 -7.82
CA ILE C 376 -43.75 -39.66 -8.33
C ILE C 376 -44.01 -38.65 -9.44
N GLY C 377 -43.56 -37.40 -9.22
CA GLY C 377 -43.71 -36.40 -10.27
C GLY C 377 -43.01 -36.80 -11.56
N LEU C 378 -41.78 -37.33 -11.44
CA LEU C 378 -41.03 -37.72 -12.63
C LEU C 378 -41.71 -38.86 -13.36
N VAL C 379 -42.16 -39.89 -12.64
CA VAL C 379 -42.78 -41.04 -13.31
C VAL C 379 -44.12 -40.64 -13.93
N ILE C 380 -44.88 -39.77 -13.25
CA ILE C 380 -46.14 -39.29 -13.81
C ILE C 380 -45.86 -38.46 -15.06
N ASN C 381 -44.80 -37.66 -15.05
CA ASN C 381 -44.45 -36.87 -16.23
C ASN C 381 -44.11 -37.78 -17.40
N ASP C 382 -43.34 -38.84 -17.15
CA ASP C 382 -43.02 -39.78 -18.22
C ASP C 382 -44.27 -40.45 -18.77
N ALA C 383 -45.15 -40.90 -17.87
CA ALA C 383 -46.38 -41.56 -18.32
C ALA C 383 -47.26 -40.61 -19.12
N TRP C 384 -47.36 -39.36 -18.68
CA TRP C 384 -48.17 -38.38 -19.41
C TRP C 384 -47.58 -38.08 -20.77
N LEU C 385 -46.24 -38.00 -20.87
CA LEU C 385 -45.62 -37.78 -22.17
C LEU C 385 -45.92 -38.94 -23.11
N ARG C 386 -45.81 -40.18 -22.62
CA ARG C 386 -46.14 -41.33 -23.46
C ARG C 386 -47.60 -41.30 -23.89
N LYS C 387 -48.50 -40.99 -22.95
CA LYS C 387 -49.93 -40.97 -23.28
C LYS C 387 -50.25 -39.88 -24.29
N LYS C 388 -49.64 -38.70 -24.14
CA LYS C 388 -49.85 -37.64 -25.11
C LYS C 388 -49.31 -38.00 -26.48
N LYS C 389 -48.14 -38.65 -26.54
CA LYS C 389 -47.63 -39.11 -27.83
C LYS C 389 -48.59 -40.10 -28.48
N THR C 390 -49.12 -41.04 -27.68
CA THR C 390 -50.05 -42.02 -28.23
C THR C 390 -51.33 -41.36 -28.74
N ILE C 391 -51.87 -40.41 -27.98
CA ILE C 391 -53.12 -39.77 -28.39
C ILE C 391 -52.88 -38.86 -29.59
N ASN C 392 -51.69 -38.26 -29.69
CA ASN C 392 -51.37 -37.45 -30.86
C ASN C 392 -51.24 -38.33 -32.10
N LYS C 393 -50.65 -39.51 -31.96
CA LYS C 393 -50.64 -40.47 -33.06
C LYS C 393 -52.05 -40.88 -33.46
N ASP C 394 -52.91 -41.11 -32.47
CA ASP C 394 -54.30 -41.48 -32.76
C ASP C 394 -55.02 -40.37 -33.52
N ARG C 395 -54.82 -39.11 -33.11
CA ARG C 395 -55.46 -38.00 -33.82
C ARG C 395 -54.88 -37.84 -35.22
N LYS C 396 -53.57 -38.06 -35.38
CA LYS C 396 -52.96 -37.93 -36.70
C LYS C 396 -53.48 -38.98 -37.66
N LYS C 397 -53.61 -40.24 -37.19
CA LYS C 397 -54.11 -41.28 -38.06
C LYS C 397 -55.61 -41.14 -38.34
N ALA C 398 -56.33 -40.41 -37.50
CA ALA C 398 -57.75 -40.16 -37.70
C ALA C 398 -58.02 -38.90 -38.51
N GLY C 399 -56.99 -38.13 -38.83
CA GLY C 399 -57.15 -36.90 -39.58
C GLY C 399 -57.44 -35.67 -38.75
N LEU C 400 -57.70 -35.83 -37.45
CA LEU C 400 -57.98 -34.69 -36.59
C LEU C 400 -56.73 -33.87 -36.36
N LYS C 401 -56.93 -32.57 -36.18
CA LYS C 401 -55.81 -31.67 -35.89
C LYS C 401 -55.21 -32.02 -34.53
N PRO C 402 -53.89 -32.03 -34.42
CA PRO C 402 -53.26 -32.38 -33.14
C PRO C 402 -53.64 -31.40 -32.04
N LEU C 403 -53.46 -31.85 -30.80
CA LEU C 403 -53.84 -31.04 -29.65
C LEU C 403 -53.06 -29.72 -29.64
N PRO C 404 -53.72 -28.62 -29.32
CA PRO C 404 -53.08 -27.31 -29.42
C PRO C 404 -51.86 -27.19 -28.51
N GLU C 405 -50.83 -26.51 -29.02
CA GLU C 405 -49.62 -26.19 -28.28
C GLU C 405 -49.47 -24.68 -28.13
N ASN C 406 -50.58 -24.01 -27.84
CA ASN C 406 -50.63 -22.55 -27.81
C ASN C 406 -49.88 -22.03 -26.58
N LYS C 407 -49.80 -20.70 -26.46
CA LYS C 407 -49.14 -20.10 -25.31
C LYS C 407 -49.88 -20.43 -24.02
N TRP C 408 -51.20 -20.61 -24.10
CA TRP C 408 -51.97 -20.96 -22.92
C TRP C 408 -51.56 -22.32 -22.36
N THR C 409 -51.27 -23.29 -23.24
CA THR C 409 -50.80 -24.59 -22.77
C THR C 409 -49.45 -24.45 -22.07
N LYS C 410 -48.56 -23.62 -22.61
CA LYS C 410 -47.28 -23.39 -21.97
C LYS C 410 -47.46 -22.75 -20.59
N ALA C 411 -48.37 -21.77 -20.49
CA ALA C 411 -48.63 -21.15 -19.20
C ALA C 411 -49.21 -22.15 -18.21
N LEU C 412 -50.11 -23.01 -18.66
CA LEU C 412 -50.67 -24.05 -17.80
C LEU C 412 -49.60 -24.99 -17.29
N GLY C 413 -48.72 -25.44 -18.19
CA GLY C 413 -47.64 -26.32 -17.78
C GLY C 413 -46.70 -25.66 -16.79
N ILE C 414 -46.33 -24.40 -17.05
CA ILE C 414 -45.46 -23.67 -16.13
C ILE C 414 -46.11 -23.53 -14.78
N PHE C 415 -47.42 -23.20 -14.75
CA PHE C 415 -48.11 -23.04 -13.48
C PHE C 415 -48.16 -24.34 -12.70
N ILE C 416 -48.46 -25.46 -13.38
CA ILE C 416 -48.53 -26.74 -12.70
C ILE C 416 -47.18 -27.13 -12.14
N THR C 417 -46.13 -26.98 -12.95
CA THR C 417 -44.78 -27.31 -12.49
C THR C 417 -44.37 -26.43 -11.32
N PHE C 418 -44.68 -25.14 -11.38
CA PHE C 418 -44.32 -24.23 -10.30
C PHE C 418 -45.05 -24.61 -9.01
N ASN C 419 -46.34 -24.95 -9.11
CA ASN C 419 -47.09 -25.34 -7.92
C ASN C 419 -46.51 -26.62 -7.31
N THR C 420 -46.19 -27.60 -8.16
CA THR C 420 -45.63 -28.84 -7.64
C THR C 420 -44.27 -28.59 -6.97
N VAL C 421 -43.45 -27.73 -7.58
CA VAL C 421 -42.14 -27.44 -7.01
C VAL C 421 -42.29 -26.71 -5.67
N MET C 422 -43.24 -25.78 -5.58
CA MET C 422 -43.44 -25.08 -4.32
C MET C 422 -43.93 -26.02 -3.22
N LEU C 423 -44.83 -26.95 -3.57
CA LEU C 423 -45.25 -27.94 -2.59
C LEU C 423 -44.09 -28.83 -2.15
N SER C 424 -43.23 -29.22 -3.09
CA SER C 424 -42.07 -30.03 -2.75
C SER C 424 -41.13 -29.26 -1.83
N PHE C 425 -40.93 -27.97 -2.08
CA PHE C 425 -40.09 -27.16 -1.21
C PHE C 425 -40.70 -27.00 0.17
N LEU C 426 -42.03 -26.86 0.25
CA LEU C 426 -42.69 -26.80 1.55
C LEU C 426 -42.46 -28.07 2.34
N ILE C 427 -42.60 -29.23 1.68
CA ILE C 427 -42.33 -30.49 2.35
C ILE C 427 -40.86 -30.57 2.78
N PHE C 428 -39.95 -30.15 1.89
CA PHE C 428 -38.53 -30.18 2.20
C PHE C 428 -38.17 -29.16 3.27
N SER C 429 -39.01 -28.16 3.49
CA SER C 429 -38.72 -27.15 4.49
C SER C 429 -38.67 -27.73 5.90
N GLY C 430 -39.43 -28.79 6.16
CA GLY C 430 -39.60 -29.26 7.52
C GLY C 430 -40.64 -28.53 8.32
N PHE C 431 -41.24 -27.48 7.75
CA PHE C 431 -42.30 -26.76 8.44
C PHE C 431 -43.55 -27.62 8.59
N LEU C 432 -43.79 -28.53 7.63
CA LEU C 432 -44.91 -29.44 7.76
C LEU C 432 -44.77 -30.34 8.97
N ASN C 433 -43.54 -30.70 9.36
CA ASN C 433 -43.35 -31.53 10.54
C ASN C 433 -43.79 -30.79 11.80
N ASP C 434 -43.42 -29.50 11.93
CA ASP C 434 -43.89 -28.71 13.06
C ASP C 434 -45.39 -28.52 13.01
N LEU C 435 -45.95 -28.29 11.82
CA LEU C 435 -47.37 -28.06 11.67
C LEU C 435 -48.19 -29.28 12.10
N TRP C 436 -47.78 -30.49 11.69
CA TRP C 436 -48.57 -31.68 11.92
C TRP C 436 -48.14 -32.45 13.17
N PHE C 437 -46.86 -32.40 13.52
CA PHE C 437 -46.27 -33.21 14.59
C PHE C 437 -46.44 -34.71 14.34
N THR C 438 -46.76 -35.09 13.10
CA THR C 438 -46.97 -36.49 12.77
C THR C 438 -45.64 -37.19 12.52
N LYS C 439 -45.62 -38.50 12.79
CA LYS C 439 -44.44 -39.34 12.59
C LYS C 439 -43.23 -38.77 13.32
N LYS C 440 -43.46 -38.27 14.53
CA LYS C 440 -42.40 -37.69 15.34
C LYS C 440 -41.57 -38.78 16.02
N PHE D 22 -44.94 -9.43 8.14
CA PHE D 22 -44.66 -8.41 7.13
C PHE D 22 -44.30 -7.09 7.80
N GLN D 23 -43.40 -7.15 8.79
CA GLN D 23 -42.98 -5.96 9.49
C GLN D 23 -42.15 -5.05 8.58
N GLY D 24 -42.31 -3.75 8.77
CA GLY D 24 -41.62 -2.77 7.95
C GLY D 24 -40.29 -2.33 8.51
N SER D 25 -39.49 -3.28 8.98
CA SER D 25 -38.15 -3.01 9.50
C SER D 25 -37.10 -2.88 8.41
N MET D 26 -37.52 -2.75 7.15
CA MET D 26 -36.56 -2.66 6.04
C MET D 26 -35.67 -1.43 6.18
N ILE D 27 -36.19 -0.35 6.77
CA ILE D 27 -35.39 0.85 7.00
C ILE D 27 -34.22 0.52 7.92
N ASP D 28 -34.48 -0.25 8.97
CA ASP D 28 -33.41 -0.62 9.90
C ASP D 28 -32.37 -1.52 9.25
N PHE D 29 -32.76 -2.31 8.26
CA PHE D 29 -31.81 -3.21 7.60
C PHE D 29 -30.72 -2.43 6.88
N LEU D 30 -31.08 -1.37 6.17
CA LEU D 30 -30.11 -0.59 5.40
C LEU D 30 -29.59 0.61 6.19
N LYS D 31 -29.18 0.36 7.44
CA LYS D 31 -28.69 1.44 8.27
C LYS D 31 -27.33 1.07 8.88
N GLN D 32 -27.09 -0.22 9.10
CA GLN D 32 -25.79 -0.65 9.60
C GLN D 32 -24.76 -0.80 8.48
N LEU D 33 -25.15 -0.52 7.24
CA LEU D 33 -24.22 -0.56 6.13
C LEU D 33 -23.15 0.50 6.32
N PRO D 34 -21.97 0.31 5.74
CA PRO D 34 -20.90 1.32 5.86
C PRO D 34 -21.31 2.62 5.19
N HIS D 35 -20.71 3.70 5.68
CA HIS D 35 -21.06 5.06 5.28
C HIS D 35 -19.83 5.79 4.75
N LEU D 36 -19.13 5.14 3.82
CA LEU D 36 -17.98 5.77 3.18
C LEU D 36 -18.42 7.07 2.50
N GLU D 37 -18.00 8.20 3.04
CA GLU D 37 -18.48 9.49 2.58
C GLU D 37 -17.85 9.83 1.23
N PRO D 38 -18.63 10.31 0.25
CA PRO D 38 -18.03 10.67 -1.04
C PRO D 38 -17.10 11.87 -0.88
N TYR D 39 -15.81 11.64 -1.15
CA TYR D 39 -14.78 12.65 -0.95
C TYR D 39 -14.78 13.14 0.49
N GLY D 40 -14.73 12.19 1.42
CA GLY D 40 -14.69 12.49 2.84
C GLY D 40 -13.27 12.54 3.33
N ASN D 41 -12.86 11.54 4.10
CA ASN D 41 -11.47 11.45 4.50
C ASN D 41 -10.59 11.21 3.27
N PRO D 42 -9.34 11.68 3.29
CA PRO D 42 -8.46 11.46 2.13
C PRO D 42 -8.26 9.99 1.81
N PHE D 43 -8.27 9.12 2.82
CA PHE D 43 -8.06 7.70 2.60
C PHE D 43 -9.10 7.09 1.67
N TYR D 44 -10.25 7.75 1.52
CA TYR D 44 -11.24 7.34 0.53
C TYR D 44 -10.61 7.16 -0.83
N PHE D 45 -9.79 8.12 -1.25
CA PHE D 45 -9.16 8.06 -2.56
C PHE D 45 -8.25 6.85 -2.73
N ILE D 46 -7.84 6.22 -1.62
CA ILE D 46 -7.19 4.92 -1.73
C ILE D 46 -8.14 3.91 -2.33
N TYR D 47 -9.26 3.64 -1.63
CA TYR D 47 -10.21 2.63 -2.07
C TYR D 47 -10.60 2.84 -3.52
N LEU D 48 -11.20 4.01 -3.80
CA LEU D 48 -11.60 4.34 -5.16
C LEU D 48 -10.46 4.16 -6.13
N GLY D 49 -9.26 4.63 -5.77
CA GLY D 49 -8.11 4.50 -6.64
C GLY D 49 -7.91 3.05 -7.03
N ILE D 50 -7.86 2.17 -6.02
CA ILE D 50 -7.73 0.75 -6.29
C ILE D 50 -8.90 0.27 -7.14
N ALA D 51 -10.12 0.68 -6.77
CA ALA D 51 -11.29 0.27 -7.53
C ALA D 51 -11.25 0.80 -8.95
N LEU D 52 -10.55 1.92 -9.18
CA LEU D 52 -10.41 2.45 -10.53
C LEU D 52 -9.13 2.00 -11.22
N LEU D 53 -8.31 1.22 -10.54
CA LEU D 53 -7.09 0.72 -11.18
C LEU D 53 -7.39 -0.18 -12.38
N PRO D 54 -8.31 -1.14 -12.32
CA PRO D 54 -8.56 -1.96 -13.52
C PRO D 54 -9.11 -1.18 -14.70
N ILE D 55 -10.20 -0.43 -14.48
CA ILE D 55 -10.88 0.24 -15.59
C ILE D 55 -9.92 1.10 -16.38
N PHE D 56 -9.14 1.92 -15.68
CA PHE D 56 -8.18 2.79 -16.35
C PHE D 56 -7.20 1.98 -17.19
N ILE D 57 -6.70 0.87 -16.63
CA ILE D 57 -5.81 0.00 -17.40
C ILE D 57 -6.49 -0.46 -18.68
N GLY D 58 -7.77 -0.83 -18.59
CA GLY D 58 -8.49 -1.25 -19.77
C GLY D 58 -8.52 -0.18 -20.84
N LEU D 59 -8.60 1.09 -20.42
CA LEU D 59 -8.61 2.19 -21.39
C LEU D 59 -7.33 2.20 -22.22
N PHE D 60 -6.20 1.79 -21.64
CA PHE D 60 -4.96 1.72 -22.41
C PHE D 60 -5.05 0.72 -23.55
N PHE D 61 -5.90 -0.30 -23.43
CA PHE D 61 -6.06 -1.31 -24.46
C PHE D 61 -7.32 -1.10 -25.29
N LYS D 62 -7.98 0.05 -25.15
CA LYS D 62 -9.23 0.34 -25.85
C LYS D 62 -10.28 -0.73 -25.60
N LYS D 63 -10.43 -1.11 -24.33
CA LYS D 63 -11.43 -2.07 -23.92
C LYS D 63 -12.22 -1.52 -22.73
N ARG D 64 -13.54 -1.54 -22.85
CA ARG D 64 -14.43 -1.07 -21.81
C ARG D 64 -15.19 -2.25 -21.22
N PHE D 65 -15.10 -2.42 -19.90
CA PHE D 65 -15.69 -3.56 -19.22
C PHE D 65 -17.22 -3.50 -19.20
N ALA D 66 -17.77 -2.34 -18.83
CA ALA D 66 -19.21 -2.07 -18.77
C ALA D 66 -19.94 -2.92 -17.73
N ILE D 67 -19.23 -3.75 -16.96
CA ILE D 67 -19.82 -4.51 -15.87
C ILE D 67 -19.11 -4.23 -14.55
N TYR D 68 -17.78 -4.37 -14.53
CA TYR D 68 -17.02 -3.98 -13.36
C TYR D 68 -17.19 -2.49 -13.07
N GLU D 69 -17.32 -1.68 -14.13
CA GLU D 69 -17.61 -0.26 -13.95
C GLU D 69 -18.95 -0.06 -13.26
N CYS D 70 -19.97 -0.81 -13.67
CA CYS D 70 -21.26 -0.73 -13.01
C CYS D 70 -21.16 -1.15 -11.55
N LEU D 71 -20.40 -2.21 -11.27
CA LEU D 71 -20.24 -2.68 -9.90
C LEU D 71 -19.60 -1.61 -9.03
N VAL D 72 -18.48 -1.02 -9.49
CA VAL D 72 -17.80 -0.03 -8.66
C VAL D 72 -18.67 1.22 -8.49
N SER D 73 -19.35 1.65 -9.56
CA SER D 73 -20.21 2.83 -9.45
C SER D 73 -21.32 2.60 -8.44
N ILE D 74 -21.98 1.44 -8.52
CA ILE D 74 -23.09 1.17 -7.61
C ILE D 74 -22.59 1.03 -6.18
N THR D 75 -21.46 0.36 -5.98
CA THR D 75 -20.94 0.21 -4.62
C THR D 75 -20.62 1.55 -4.01
N PHE D 76 -19.98 2.44 -4.77
CA PHE D 76 -19.62 3.73 -4.19
C PHE D 76 -20.83 4.64 -4.00
N ILE D 77 -21.82 4.56 -4.89
CA ILE D 77 -23.05 5.31 -4.68
C ILE D 77 -23.73 4.85 -3.40
N VAL D 78 -23.82 3.54 -3.19
CA VAL D 78 -24.47 3.02 -1.99
C VAL D 78 -23.69 3.40 -0.73
N LEU D 79 -22.37 3.32 -0.79
CA LEU D 79 -21.56 3.73 0.36
C LEU D 79 -21.73 5.22 0.65
N ALA D 80 -21.98 6.02 -0.40
CA ALA D 80 -22.19 7.44 -0.20
C ALA D 80 -23.57 7.74 0.39
N LEU D 81 -24.57 6.95 0.03
CA LEU D 81 -25.94 7.24 0.42
C LEU D 81 -26.34 6.63 1.76
N THR D 82 -25.50 5.80 2.37
CA THR D 82 -25.85 5.13 3.62
C THR D 82 -25.49 6.01 4.83
N GLY D 83 -26.11 7.17 4.88
CA GLY D 83 -25.88 8.12 5.96
C GLY D 83 -26.82 7.88 7.13
N THR D 84 -26.98 8.92 7.96
CA THR D 84 -27.93 8.84 9.05
C THR D 84 -29.35 8.65 8.53
N HIS D 85 -29.71 9.38 7.48
CA HIS D 85 -30.99 9.19 6.80
C HIS D 85 -30.81 8.26 5.60
N ALA D 86 -30.33 7.04 5.89
CA ALA D 86 -30.04 6.09 4.82
C ALA D 86 -31.29 5.64 4.07
N SER D 87 -32.48 5.87 4.64
CA SER D 87 -33.72 5.55 3.94
C SER D 87 -33.79 6.18 2.56
N GLN D 88 -32.98 7.22 2.31
CA GLN D 88 -32.96 7.87 1.00
C GLN D 88 -32.64 6.87 -0.10
N ILE D 89 -31.91 5.79 0.23
CA ILE D 89 -31.60 4.78 -0.79
C ILE D 89 -32.88 4.25 -1.40
N LEU D 90 -33.89 3.98 -0.57
CA LEU D 90 -35.17 3.51 -1.10
C LEU D 90 -35.75 4.51 -2.08
N ALA D 91 -35.65 5.81 -1.75
CA ALA D 91 -36.11 6.84 -2.68
C ALA D 91 -35.42 6.69 -4.03
N LEU D 92 -34.11 6.44 -4.01
CA LEU D 92 -33.39 6.19 -5.26
C LEU D 92 -34.00 5.01 -6.00
N LEU D 93 -34.25 3.91 -5.30
CA LEU D 93 -34.80 2.73 -5.94
C LEU D 93 -36.21 2.99 -6.47
N PHE D 94 -36.83 4.09 -6.04
CA PHE D 94 -38.05 4.54 -6.70
C PHE D 94 -37.71 5.49 -7.84
N TYR D 95 -36.88 6.50 -7.55
CA TYR D 95 -36.64 7.56 -8.53
C TYR D 95 -36.17 6.98 -9.86
N ILE D 96 -35.14 6.14 -9.82
CA ILE D 96 -34.65 5.49 -11.03
C ILE D 96 -35.80 4.88 -11.81
N VAL D 97 -36.59 4.03 -11.14
CA VAL D 97 -37.70 3.37 -11.82
C VAL D 97 -38.61 4.42 -12.46
N TRP D 98 -38.96 5.45 -11.70
CA TRP D 98 -39.81 6.51 -12.22
C TRP D 98 -39.25 7.06 -13.53
N GLN D 99 -37.96 7.40 -13.52
CA GLN D 99 -37.35 7.92 -14.74
C GLN D 99 -37.43 6.89 -15.86
N ILE D 100 -37.10 5.63 -15.55
CA ILE D 100 -37.15 4.59 -16.57
C ILE D 100 -38.57 4.45 -17.09
N ILE D 101 -39.57 4.76 -16.26
CA ILE D 101 -40.95 4.67 -16.72
C ILE D 101 -41.24 5.78 -17.73
N TRP D 102 -40.75 6.99 -17.49
CA TRP D 102 -41.24 8.15 -18.24
C TRP D 102 -40.34 8.58 -19.38
N VAL D 103 -39.03 8.35 -19.29
CA VAL D 103 -38.16 8.60 -20.43
C VAL D 103 -38.53 7.66 -21.58
N TYR D 104 -38.43 6.35 -21.34
CA TYR D 104 -38.69 5.37 -22.39
C TYR D 104 -40.07 5.54 -22.99
N SER D 105 -41.08 5.79 -22.15
CA SER D 105 -42.42 6.03 -22.65
C SER D 105 -42.41 7.11 -23.73
N TYR D 106 -41.78 8.24 -23.42
CA TYR D 106 -41.70 9.32 -24.41
C TYR D 106 -41.03 8.84 -25.69
N LYS D 107 -39.97 8.04 -25.56
CA LYS D 107 -39.30 7.51 -26.73
C LYS D 107 -40.30 6.76 -27.61
N ARG D 108 -41.15 5.94 -26.99
CA ARG D 108 -42.16 5.23 -27.76
C ARG D 108 -43.02 6.22 -28.54
N TYR D 109 -43.48 7.27 -27.86
CA TYR D 109 -44.27 8.29 -28.55
C TYR D 109 -43.46 8.92 -29.67
N ARG D 110 -42.18 9.16 -29.44
CA ARG D 110 -41.35 9.77 -30.48
C ARG D 110 -41.20 8.86 -31.69
N SER D 111 -41.44 7.55 -31.52
CA SER D 111 -41.44 6.66 -32.67
C SER D 111 -42.59 6.98 -33.60
N GLN D 112 -43.75 7.36 -33.05
CA GLN D 112 -44.96 7.55 -33.84
C GLN D 112 -45.18 9.00 -34.25
N ARG D 113 -45.32 9.89 -33.28
CA ARG D 113 -45.71 11.27 -33.54
C ARG D 113 -44.81 12.24 -32.78
N ASP D 114 -45.21 13.52 -32.79
CA ASP D 114 -44.49 14.56 -32.06
C ASP D 114 -45.47 15.70 -31.83
N ASN D 115 -45.85 15.91 -30.57
CA ASN D 115 -46.73 17.00 -30.19
C ASN D 115 -46.10 17.79 -29.05
N LYS D 116 -46.37 19.10 -29.04
CA LYS D 116 -45.82 19.96 -28.00
C LYS D 116 -46.34 19.58 -26.62
N TRP D 117 -47.64 19.27 -26.52
CA TRP D 117 -48.24 18.98 -25.22
C TRP D 117 -47.73 17.67 -24.63
N VAL D 118 -47.52 16.65 -25.46
CA VAL D 118 -46.99 15.39 -24.96
C VAL D 118 -45.59 15.59 -24.42
N PHE D 119 -44.76 16.35 -25.14
CA PHE D 119 -43.42 16.64 -24.66
C PHE D 119 -43.44 17.43 -23.36
N TYR D 120 -44.33 18.42 -23.26
CA TYR D 120 -44.45 19.19 -22.02
C TYR D 120 -44.85 18.29 -20.86
N LEU D 121 -45.82 17.41 -21.09
CA LEU D 121 -46.26 16.51 -20.02
C LEU D 121 -45.16 15.56 -19.58
N HIS D 122 -44.42 15.00 -20.54
CA HIS D 122 -43.35 14.08 -20.17
C HIS D 122 -42.23 14.79 -19.44
N SER D 123 -41.86 15.99 -19.88
CA SER D 123 -40.84 16.75 -19.17
C SER D 123 -41.29 17.10 -17.76
N PHE D 124 -42.55 17.53 -17.61
CA PHE D 124 -43.06 17.85 -16.29
C PHE D 124 -43.08 16.64 -15.38
N LEU D 125 -43.48 15.48 -15.90
CA LEU D 125 -43.49 14.27 -15.08
C LEU D 125 -42.08 13.83 -14.71
N VAL D 126 -41.12 14.01 -15.61
CA VAL D 126 -39.74 13.63 -15.29
C VAL D 126 -39.16 14.57 -14.23
N VAL D 127 -39.47 15.86 -14.30
CA VAL D 127 -38.97 16.80 -13.31
C VAL D 127 -39.82 16.86 -12.05
N LEU D 128 -40.94 16.14 -12.02
CA LEU D 128 -41.82 16.16 -10.85
C LEU D 128 -41.14 15.76 -9.54
N PRO D 129 -40.30 14.72 -9.47
CA PRO D 129 -39.65 14.43 -8.17
C PRO D 129 -38.88 15.60 -7.61
N LEU D 130 -38.17 16.36 -8.45
CA LEU D 130 -37.48 17.54 -7.97
C LEU D 130 -38.47 18.57 -7.45
N ILE D 131 -39.59 18.75 -8.15
CA ILE D 131 -40.60 19.70 -7.71
C ILE D 131 -41.12 19.33 -6.33
N LEU D 132 -41.41 18.04 -6.13
CA LEU D 132 -41.88 17.61 -4.82
C LEU D 132 -40.83 17.82 -3.74
N VAL D 133 -39.57 17.45 -4.03
CA VAL D 133 -38.52 17.60 -3.03
C VAL D 133 -38.34 19.07 -2.63
N LYS D 134 -38.46 19.98 -3.60
CA LYS D 134 -38.27 21.39 -3.29
C LYS D 134 -39.50 22.01 -2.64
N VAL D 135 -40.69 21.49 -2.94
CA VAL D 135 -41.92 22.16 -2.48
C VAL D 135 -42.38 21.64 -1.13
N GLU D 136 -42.26 20.33 -0.89
CA GLU D 136 -42.78 19.74 0.34
C GLU D 136 -42.28 20.41 1.62
N PRO D 137 -41.00 20.78 1.76
CA PRO D 137 -40.59 21.51 2.97
C PRO D 137 -41.30 22.84 3.16
N THR D 138 -41.89 23.41 2.11
CA THR D 138 -42.61 24.67 2.27
C THR D 138 -44.03 24.43 2.78
N ILE D 139 -44.74 23.47 2.20
CA ILE D 139 -46.14 23.23 2.58
C ILE D 139 -46.23 22.47 3.89
N ASN D 140 -45.69 21.25 3.95
CA ASN D 140 -45.77 20.43 5.15
C ASN D 140 -44.73 20.80 6.20
N GLY D 141 -43.65 21.47 5.80
CA GLY D 141 -42.60 21.85 6.72
C GLY D 141 -41.54 20.78 6.97
N THR D 142 -41.68 19.60 6.37
CA THR D 142 -40.75 18.51 6.57
C THR D 142 -40.23 18.01 5.23
N GLN D 143 -39.05 17.39 5.27
CA GLN D 143 -38.44 16.86 4.07
C GLN D 143 -39.34 15.82 3.42
N SER D 144 -39.39 15.84 2.09
CA SER D 144 -40.23 14.91 1.35
C SER D 144 -39.61 13.51 1.37
N LEU D 145 -40.48 12.51 1.21
CA LEU D 145 -40.02 11.13 1.27
C LEU D 145 -39.07 10.80 0.13
N LEU D 146 -39.39 11.22 -1.09
CA LEU D 146 -38.61 10.87 -2.27
C LEU D 146 -37.44 11.82 -2.49
N ASN D 147 -36.64 12.02 -1.44
CA ASN D 147 -35.50 12.93 -1.47
C ASN D 147 -34.24 12.16 -1.09
N PHE D 148 -33.16 12.40 -1.83
CA PHE D 148 -31.88 11.77 -1.52
C PHE D 148 -30.78 12.80 -1.75
N LEU D 149 -29.54 12.33 -1.80
CA LEU D 149 -28.40 13.24 -1.79
C LEU D 149 -28.34 14.09 -3.05
N GLY D 150 -28.46 13.46 -4.22
CA GLY D 150 -28.21 14.17 -5.46
C GLY D 150 -29.38 14.37 -6.40
N ILE D 151 -30.61 14.40 -5.87
CA ILE D 151 -31.77 14.54 -6.75
C ILE D 151 -31.78 15.92 -7.39
N SER D 152 -31.06 16.89 -6.82
CA SER D 152 -31.00 18.21 -7.44
C SER D 152 -30.05 18.22 -8.63
N TYR D 153 -29.20 17.20 -8.76
CA TYR D 153 -28.26 17.11 -9.86
C TYR D 153 -28.47 15.90 -10.74
N LEU D 154 -29.49 15.08 -10.47
CA LEU D 154 -29.76 13.93 -11.32
C LEU D 154 -30.84 14.25 -12.35
N THR D 155 -31.92 14.92 -11.92
CA THR D 155 -33.01 15.22 -12.84
C THR D 155 -32.53 16.05 -14.01
N PHE D 156 -31.51 16.89 -13.79
CA PHE D 156 -30.98 17.71 -14.88
C PHE D 156 -30.49 16.84 -16.03
N ARG D 157 -29.94 15.67 -15.72
CA ARG D 157 -29.62 14.72 -16.79
C ARG D 157 -30.89 14.19 -17.43
N ALA D 158 -31.83 13.70 -16.60
CA ALA D 158 -32.99 12.99 -17.13
C ALA D 158 -33.81 13.89 -18.05
N VAL D 159 -34.23 15.05 -17.55
CA VAL D 159 -35.01 15.95 -18.39
C VAL D 159 -34.20 16.34 -19.62
N GLY D 160 -32.88 16.48 -19.46
CA GLY D 160 -32.05 16.79 -20.61
C GLY D 160 -32.24 15.80 -21.74
N MET D 161 -32.24 14.51 -21.39
CA MET D 161 -32.43 13.49 -22.41
C MET D 161 -33.77 13.66 -23.10
N ILE D 162 -34.82 13.97 -22.33
CA ILE D 162 -36.12 14.21 -22.95
C ILE D 162 -36.03 15.37 -23.93
N ILE D 163 -35.33 16.44 -23.54
CA ILE D 163 -35.15 17.55 -24.46
C ILE D 163 -34.41 17.09 -25.71
N GLU D 164 -33.40 16.24 -25.53
CA GLU D 164 -32.66 15.75 -26.68
C GLU D 164 -33.51 14.84 -27.55
N MET D 165 -34.61 14.30 -27.02
CA MET D 165 -35.55 13.58 -27.87
C MET D 165 -36.42 14.55 -28.65
N ARG D 166 -36.80 15.68 -28.04
CA ARG D 166 -37.71 16.61 -28.70
C ARG D 166 -37.06 17.24 -29.93
N ASP D 167 -35.79 17.64 -29.83
CA ASP D 167 -35.12 18.26 -30.96
C ASP D 167 -34.73 17.27 -32.04
N GLY D 168 -34.88 15.96 -31.79
CA GLY D 168 -34.52 14.95 -32.75
C GLY D 168 -33.06 14.57 -32.78
N VAL D 169 -32.23 15.17 -31.93
CA VAL D 169 -30.81 14.81 -31.89
C VAL D 169 -30.64 13.40 -31.35
N LEU D 170 -31.46 13.02 -30.38
CA LEU D 170 -31.39 11.70 -29.76
C LEU D 170 -32.54 10.84 -30.25
N LYS D 171 -32.22 9.66 -30.75
CA LYS D 171 -33.24 8.77 -31.32
C LYS D 171 -33.27 7.39 -30.69
N GLU D 172 -32.12 6.79 -30.40
CA GLU D 172 -32.05 5.41 -29.91
C GLU D 172 -30.90 5.28 -28.94
N PHE D 173 -31.09 4.47 -27.90
CA PHE D 173 -30.08 4.22 -26.88
C PHE D 173 -30.51 3.04 -26.03
N THR D 174 -29.56 2.18 -25.69
CA THR D 174 -29.84 1.03 -24.84
C THR D 174 -29.93 1.45 -23.38
N LEU D 175 -30.53 0.58 -22.56
CA LEU D 175 -30.73 0.88 -21.15
C LEU D 175 -29.40 1.04 -20.41
N GLY D 176 -28.40 0.24 -20.78
CA GLY D 176 -27.11 0.36 -20.13
C GLY D 176 -26.52 1.76 -20.28
N GLU D 177 -26.62 2.33 -21.47
CA GLU D 177 -26.13 3.69 -21.69
C GLU D 177 -26.89 4.70 -20.85
N PHE D 178 -28.22 4.56 -20.82
CA PHE D 178 -29.05 5.49 -20.05
C PHE D 178 -28.67 5.45 -18.57
N LEU D 179 -28.52 4.26 -18.00
CA LEU D 179 -28.24 4.16 -16.57
C LEU D 179 -26.80 4.53 -16.25
N ARG D 180 -25.86 4.26 -17.16
CA ARG D 180 -24.48 4.66 -16.91
C ARG D 180 -24.28 6.15 -17.15
N PHE D 181 -25.24 6.81 -17.80
CA PHE D 181 -25.15 8.26 -17.95
C PHE D 181 -25.83 8.98 -16.79
N MET D 182 -27.07 8.61 -16.48
CA MET D 182 -27.80 9.29 -15.42
C MET D 182 -27.13 9.10 -14.06
N LEU D 183 -26.69 7.88 -13.77
CA LEU D 183 -26.18 7.51 -12.45
C LEU D 183 -24.66 7.51 -12.41
N PHE D 184 -24.03 8.44 -13.12
CA PHE D 184 -22.58 8.49 -13.15
C PHE D 184 -22.03 8.70 -11.75
N MET D 185 -21.14 7.81 -11.32
CA MET D 185 -20.64 7.85 -9.94
C MET D 185 -19.81 9.09 -9.63
N PRO D 186 -18.82 9.50 -10.42
CA PRO D 186 -17.98 10.63 -10.01
C PRO D 186 -18.75 11.92 -9.79
N THR D 187 -19.81 12.17 -10.56
CA THR D 187 -20.56 13.41 -10.51
C THR D 187 -21.99 13.17 -10.03
N PHE D 188 -22.14 12.37 -8.99
CA PHE D 188 -23.46 11.95 -8.55
C PHE D 188 -24.04 12.88 -7.49
N THR D 189 -23.30 13.10 -6.40
CA THR D 189 -23.87 13.79 -5.25
C THR D 189 -24.27 15.22 -5.59
N SER D 190 -23.30 16.07 -5.88
CA SER D 190 -23.60 17.40 -6.44
C SER D 190 -22.39 17.81 -7.28
N GLY D 191 -22.42 17.44 -8.55
CA GLY D 191 -21.26 17.60 -9.40
C GLY D 191 -21.58 18.23 -10.73
N PRO D 192 -20.63 18.16 -11.65
CA PRO D 192 -20.84 18.75 -12.98
C PRO D 192 -22.05 18.12 -13.66
N ILE D 193 -22.81 18.96 -14.36
CA ILE D 193 -24.02 18.51 -15.05
C ILE D 193 -23.67 18.26 -16.50
N ASP D 194 -24.02 17.07 -17.00
CA ASP D 194 -23.66 16.63 -18.34
C ASP D 194 -24.87 16.70 -19.26
N ARG D 195 -24.64 16.29 -20.51
CA ARG D 195 -25.71 16.01 -21.46
C ARG D 195 -25.48 14.62 -22.01
N PHE D 196 -26.48 14.06 -22.68
CA PHE D 196 -26.36 12.67 -23.10
C PHE D 196 -25.51 12.54 -24.37
N LYS D 197 -25.67 13.45 -25.33
CA LYS D 197 -24.93 13.32 -26.57
C LYS D 197 -23.42 13.38 -26.33
N ARG D 198 -22.96 14.41 -25.62
CA ARG D 198 -21.52 14.58 -25.40
C ARG D 198 -20.97 13.44 -24.55
N PHE D 199 -21.69 13.07 -23.50
CA PHE D 199 -21.20 12.00 -22.62
C PHE D 199 -21.13 10.67 -23.38
N ASN D 200 -22.15 10.37 -24.17
CA ASN D 200 -22.14 9.12 -24.92
C ASN D 200 -21.01 9.11 -25.95
N GLU D 201 -20.81 10.23 -26.65
CA GLU D 201 -19.74 10.27 -27.64
C GLU D 201 -18.37 10.17 -26.99
N ASP D 202 -18.22 10.70 -25.78
CA ASP D 202 -16.96 10.58 -25.06
C ASP D 202 -16.79 9.23 -24.39
N TYR D 203 -17.87 8.47 -24.24
CA TYR D 203 -17.77 7.14 -23.66
C TYR D 203 -17.51 6.08 -24.72
N GLN D 204 -18.09 6.24 -25.91
CA GLN D 204 -17.88 5.25 -26.96
C GLN D 204 -16.44 5.24 -27.46
N SER D 205 -15.89 6.42 -27.75
CA SER D 205 -14.56 6.55 -28.32
C SER D 205 -13.55 6.71 -27.18
N ILE D 206 -12.97 5.59 -26.76
CA ILE D 206 -11.92 5.66 -25.73
C ILE D 206 -10.73 6.42 -26.29
N PRO D 207 -10.21 7.44 -25.58
CA PRO D 207 -9.09 8.20 -26.13
C PRO D 207 -7.81 7.37 -26.20
N ASN D 208 -6.93 7.77 -27.11
CA ASN D 208 -5.67 7.06 -27.31
C ASN D 208 -4.75 7.23 -26.09
N ARG D 209 -3.60 6.57 -26.17
CA ARG D 209 -2.74 6.44 -24.98
C ARG D 209 -2.18 7.79 -24.54
N ASP D 210 -1.78 8.64 -25.50
CA ASP D 210 -1.18 9.92 -25.13
C ASP D 210 -2.20 10.82 -24.45
N GLU D 211 -3.39 10.95 -25.02
CA GLU D 211 -4.43 11.74 -24.39
C GLU D 211 -4.84 11.12 -23.05
N LEU D 212 -4.82 9.79 -22.96
CA LEU D 212 -5.12 9.14 -21.70
C LEU D 212 -4.10 9.50 -20.63
N LEU D 213 -2.82 9.54 -20.98
CA LEU D 213 -1.79 9.92 -20.03
C LEU D 213 -1.92 11.39 -19.63
N ASN D 214 -2.28 12.25 -20.58
CA ASN D 214 -2.53 13.64 -20.25
C ASN D 214 -3.68 13.76 -19.25
N MET D 215 -4.75 12.99 -19.47
CA MET D 215 -5.88 13.00 -18.55
C MET D 215 -5.49 12.45 -17.19
N LEU D 216 -4.62 11.44 -17.16
CA LEU D 216 -4.15 10.90 -15.88
C LEU D 216 -3.36 11.95 -15.09
N GLU D 217 -2.46 12.66 -15.78
CA GLU D 217 -1.71 13.72 -15.12
C GLU D 217 -2.65 14.82 -14.62
N GLN D 218 -3.62 15.20 -15.44
CA GLN D 218 -4.59 16.21 -15.02
C GLN D 218 -5.40 15.74 -13.83
N ALA D 219 -5.75 14.45 -13.80
CA ALA D 219 -6.51 13.90 -12.68
C ALA D 219 -5.70 13.92 -11.39
N VAL D 220 -4.41 13.57 -11.47
CA VAL D 220 -3.57 13.62 -10.28
C VAL D 220 -3.44 15.06 -9.78
N LYS D 221 -3.21 16.00 -10.70
CA LYS D 221 -3.15 17.40 -10.33
C LYS D 221 -4.46 17.85 -9.68
N TYR D 222 -5.59 17.44 -10.25
CA TYR D 222 -6.89 17.81 -9.70
C TYR D 222 -7.11 17.21 -8.32
N ILE D 223 -6.64 15.98 -8.10
CA ILE D 223 -6.78 15.37 -6.79
C ILE D 223 -5.99 16.15 -5.75
N MET D 224 -4.74 16.51 -6.08
CA MET D 224 -3.93 17.28 -5.14
C MET D 224 -4.57 18.65 -4.85
N LEU D 225 -5.01 19.34 -5.91
CA LEU D 225 -5.63 20.65 -5.74
C LEU D 225 -6.92 20.54 -4.94
N GLY D 226 -7.69 19.47 -5.16
CA GLY D 226 -8.90 19.27 -4.39
C GLY D 226 -8.61 19.00 -2.92
N PHE D 227 -7.55 18.23 -2.65
CA PHE D 227 -7.09 18.08 -1.27
C PHE D 227 -6.86 19.45 -0.65
N LEU D 228 -6.09 20.30 -1.33
CA LEU D 228 -5.79 21.63 -0.80
C LEU D 228 -7.07 22.44 -0.60
N TYR D 229 -7.97 22.40 -1.57
CA TYR D 229 -9.16 23.25 -1.53
C TYR D 229 -10.11 22.82 -0.42
N LYS D 230 -10.40 21.52 -0.33
CA LYS D 230 -11.49 21.07 0.54
C LYS D 230 -11.01 20.74 1.94
N PHE D 231 -9.75 20.34 2.11
CA PHE D 231 -9.30 19.90 3.42
C PHE D 231 -8.51 20.94 4.19
N VAL D 232 -8.08 22.02 3.54
CA VAL D 232 -7.33 23.09 4.19
C VAL D 232 -8.09 24.42 4.13
N LEU D 233 -8.33 24.92 2.92
CA LEU D 233 -8.97 26.24 2.79
C LEU D 233 -10.45 26.19 3.17
N ALA D 234 -11.16 25.17 2.70
CA ALA D 234 -12.58 25.06 3.00
C ALA D 234 -12.81 24.91 4.51
N GLN D 235 -12.03 24.05 5.17
CA GLN D 235 -12.17 23.88 6.60
C GLN D 235 -11.89 25.19 7.35
N ILE D 236 -10.82 25.88 6.98
CA ILE D 236 -10.47 27.13 7.66
C ILE D 236 -11.58 28.15 7.49
N PHE D 237 -12.07 28.33 6.27
CA PHE D 237 -13.07 29.35 6.03
C PHE D 237 -14.45 28.99 6.55
N GLY D 238 -14.74 27.69 6.73
CA GLY D 238 -16.08 27.30 7.14
C GLY D 238 -16.25 26.98 8.61
N SER D 239 -15.34 26.18 9.17
CA SER D 239 -15.51 25.68 10.53
C SER D 239 -14.71 26.45 11.57
N MET D 240 -13.97 27.48 11.17
CA MET D 240 -13.12 28.22 12.09
C MET D 240 -13.51 29.69 12.22
N LEU D 241 -13.66 30.40 11.10
CA LEU D 241 -13.99 31.82 11.12
C LEU D 241 -15.49 32.07 10.96
N LEU D 242 -16.16 31.26 10.15
CA LEU D 242 -17.57 31.50 9.85
C LEU D 242 -18.47 31.45 11.07
N PRO D 243 -18.37 30.46 11.97
CA PRO D 243 -19.27 30.43 13.13
C PRO D 243 -19.07 31.63 14.05
N PRO D 244 -17.84 31.96 14.47
CA PRO D 244 -17.69 33.15 15.30
C PRO D 244 -18.10 34.44 14.60
N LEU D 245 -17.85 34.54 13.29
CA LEU D 245 -18.29 35.74 12.58
C LEU D 245 -19.81 35.86 12.57
N LYS D 246 -20.51 34.75 12.32
CA LYS D 246 -21.97 34.78 12.35
C LYS D 246 -22.49 35.12 13.74
N ALA D 247 -21.90 34.53 14.78
CA ALA D 247 -22.34 34.80 16.14
C ALA D 247 -22.12 36.27 16.50
N GLN D 248 -20.96 36.82 16.12
CA GLN D 248 -20.69 38.22 16.40
C GLN D 248 -21.64 39.13 15.63
N ALA D 249 -21.96 38.78 14.39
CA ALA D 249 -22.91 39.56 13.60
C ALA D 249 -24.29 39.55 14.25
N LEU D 250 -24.74 38.39 14.71
CA LEU D 250 -26.02 38.31 15.39
C LEU D 250 -26.02 39.11 16.68
N SER D 251 -24.91 39.05 17.43
CA SER D 251 -24.81 39.82 18.66
C SER D 251 -24.86 41.32 18.39
N GLN D 252 -24.20 41.77 17.32
CA GLN D 252 -24.23 43.19 16.99
C GLN D 252 -25.65 43.65 16.67
N GLY D 253 -26.41 42.84 15.94
CA GLY D 253 -27.77 43.20 15.58
C GLY D 253 -27.82 44.28 14.53
N GLY D 254 -29.03 44.80 14.34
CA GLY D 254 -29.26 45.85 13.36
C GLY D 254 -29.49 45.30 11.97
N ILE D 255 -29.80 46.22 11.05
CA ILE D 255 -30.04 45.84 9.66
C ILE D 255 -28.73 45.42 9.00
N PHE D 256 -27.65 46.16 9.25
CA PHE D 256 -26.36 45.86 8.65
C PHE D 256 -25.26 46.33 9.60
N ASN D 257 -24.07 45.74 9.45
CA ASN D 257 -22.93 46.07 10.28
C ASN D 257 -21.66 45.52 9.62
N LEU D 258 -20.52 45.92 10.17
CA LEU D 258 -19.24 45.41 9.66
C LEU D 258 -19.13 43.90 9.75
N PRO D 259 -19.53 43.22 10.84
CA PRO D 259 -19.49 41.75 10.83
C PRO D 259 -20.32 41.15 9.72
N THR D 260 -21.37 41.84 9.26
CA THR D 260 -22.12 41.35 8.11
C THR D 260 -21.25 41.31 6.86
N LEU D 261 -20.46 42.37 6.62
CA LEU D 261 -19.53 42.34 5.51
C LEU D 261 -18.49 41.24 5.68
N GLY D 262 -17.98 41.09 6.90
CA GLY D 262 -16.98 40.05 7.14
C GLY D 262 -17.51 38.67 6.83
N VAL D 263 -18.71 38.36 7.32
CA VAL D 263 -19.29 37.04 7.08
C VAL D 263 -19.67 36.88 5.61
N MET D 264 -20.11 37.95 4.95
CA MET D 264 -20.38 37.88 3.52
C MET D 264 -19.14 37.44 2.75
N TYR D 265 -18.02 38.12 2.98
CA TYR D 265 -16.80 37.79 2.24
C TYR D 265 -16.30 36.40 2.60
N VAL D 266 -16.28 36.07 3.89
CA VAL D 266 -15.74 34.78 4.32
C VAL D 266 -16.60 33.64 3.78
N TYR D 267 -17.93 33.78 3.84
CA TYR D 267 -18.79 32.72 3.34
C TYR D 267 -18.72 32.61 1.83
N GLY D 268 -18.58 33.73 1.12
CA GLY D 268 -18.40 33.64 -0.32
C GLY D 268 -17.16 32.86 -0.68
N PHE D 269 -16.04 33.17 -0.02
CA PHE D 269 -14.82 32.41 -0.28
C PHE D 269 -14.97 30.94 0.12
N ASP D 270 -15.61 30.67 1.25
CA ASP D 270 -15.79 29.29 1.70
C ASP D 270 -16.63 28.50 0.72
N LEU D 271 -17.73 29.08 0.25
CA LEU D 271 -18.58 28.40 -0.72
C LEU D 271 -17.83 28.12 -1.99
N PHE D 272 -17.10 29.11 -2.50
CA PHE D 272 -16.34 28.89 -3.73
C PHE D 272 -15.30 27.79 -3.54
N PHE D 273 -14.58 27.82 -2.43
CA PHE D 273 -13.52 26.84 -2.23
C PHE D 273 -14.08 25.43 -2.07
N ASP D 274 -15.16 25.27 -1.30
CA ASP D 274 -15.76 23.95 -1.14
C ASP D 274 -16.28 23.42 -2.47
N PHE D 275 -17.00 24.26 -3.22
CA PHE D 275 -17.57 23.81 -4.48
C PHE D 275 -16.47 23.49 -5.49
N ALA D 276 -15.41 24.31 -5.53
CA ALA D 276 -14.32 24.05 -6.46
C ALA D 276 -13.55 22.80 -6.08
N GLY D 277 -13.38 22.54 -4.78
CA GLY D 277 -12.74 21.31 -4.38
C GLY D 277 -13.54 20.08 -4.77
N TYR D 278 -14.85 20.12 -4.56
CA TYR D 278 -15.68 19.01 -5.01
C TYR D 278 -15.61 18.85 -6.52
N SER D 279 -15.65 19.96 -7.25
CA SER D 279 -15.62 19.87 -8.71
C SER D 279 -14.30 19.28 -9.19
N MET D 280 -13.19 19.67 -8.56
CA MET D 280 -11.90 19.09 -8.92
C MET D 280 -11.86 17.60 -8.63
N PHE D 281 -12.39 17.19 -7.47
CA PHE D 281 -12.46 15.77 -7.16
C PHE D 281 -13.28 15.02 -8.22
N ALA D 282 -14.43 15.57 -8.58
CA ALA D 282 -15.30 14.91 -9.56
C ALA D 282 -14.64 14.83 -10.92
N LEU D 283 -13.98 15.90 -11.36
CA LEU D 283 -13.29 15.88 -12.63
C LEU D 283 -12.16 14.87 -12.63
N ALA D 284 -11.41 14.78 -11.54
CA ALA D 284 -10.34 13.80 -11.46
C ALA D 284 -10.88 12.38 -11.55
N VAL D 285 -11.93 12.08 -10.79
CA VAL D 285 -12.48 10.72 -10.80
C VAL D 285 -13.09 10.39 -12.15
N SER D 286 -13.71 11.38 -12.80
CA SER D 286 -14.24 11.15 -14.13
C SER D 286 -13.13 10.89 -15.13
N ASN D 287 -12.01 11.62 -15.02
CA ASN D 287 -10.87 11.38 -15.89
C ASN D 287 -10.31 9.98 -15.67
N LEU D 288 -10.28 9.51 -14.43
CA LEU D 288 -9.78 8.17 -14.16
C LEU D 288 -10.63 7.10 -14.84
N MET D 289 -11.88 7.40 -15.19
CA MET D 289 -12.70 6.49 -15.96
C MET D 289 -12.62 6.72 -17.45
N GLY D 290 -11.90 7.75 -17.89
CA GLY D 290 -11.74 8.05 -19.30
C GLY D 290 -12.74 9.04 -19.86
N ILE D 291 -13.53 9.70 -19.01
CA ILE D 291 -14.57 10.62 -19.45
C ILE D 291 -14.20 12.01 -18.98
N LYS D 292 -14.41 13.01 -19.86
CA LYS D 292 -14.04 14.39 -19.57
C LYS D 292 -15.31 15.16 -19.21
N SER D 293 -15.65 15.15 -17.93
CA SER D 293 -16.82 15.88 -17.47
C SER D 293 -16.59 17.39 -17.58
N PRO D 294 -17.64 18.18 -17.74
CA PRO D 294 -17.46 19.62 -17.88
C PRO D 294 -16.89 20.25 -16.62
N ILE D 295 -16.13 21.32 -16.80
CA ILE D 295 -15.53 22.02 -15.67
C ILE D 295 -16.56 22.96 -15.07
N ASN D 296 -16.40 23.23 -13.77
CA ASN D 296 -17.32 24.08 -13.03
C ASN D 296 -16.81 25.50 -12.85
N PHE D 297 -15.64 25.67 -12.24
CA PHE D 297 -15.11 26.99 -11.93
C PHE D 297 -13.78 27.20 -12.64
N ASP D 298 -13.66 28.34 -13.32
CA ASP D 298 -12.41 28.77 -13.96
C ASP D 298 -12.15 30.23 -13.56
N LYS D 299 -11.50 30.41 -12.40
CA LYS D 299 -11.15 31.73 -11.87
C LYS D 299 -12.34 32.68 -11.90
N PRO D 300 -13.38 32.43 -11.10
CA PRO D 300 -14.60 33.24 -11.22
C PRO D 300 -14.51 34.62 -10.59
N PHE D 301 -13.58 34.86 -9.68
CA PHE D 301 -13.52 36.13 -8.98
C PHE D 301 -12.73 37.19 -9.72
N ILE D 302 -11.96 36.82 -10.75
CA ILE D 302 -11.33 37.82 -11.60
C ILE D 302 -12.29 38.37 -12.63
N SER D 303 -13.55 37.91 -12.62
CA SER D 303 -14.54 38.37 -13.59
C SER D 303 -14.78 39.86 -13.44
N ARG D 304 -14.82 40.56 -14.57
CA ARG D 304 -15.00 42.01 -14.59
C ARG D 304 -16.42 42.39 -15.01
N ASP D 305 -17.34 41.42 -15.04
CA ASP D 305 -18.70 41.71 -15.44
C ASP D 305 -19.58 40.51 -15.10
N MET D 306 -20.86 40.79 -14.86
CA MET D 306 -21.79 39.74 -14.47
C MET D 306 -21.93 38.68 -15.57
N LYS D 307 -22.03 39.13 -16.83
CA LYS D 307 -22.14 38.18 -17.93
C LYS D 307 -20.90 37.30 -18.02
N GLU D 308 -19.71 37.90 -17.83
CA GLU D 308 -18.50 37.09 -17.78
C GLU D 308 -18.45 36.27 -16.51
N PHE D 309 -19.04 36.77 -15.41
CA PHE D 309 -19.07 35.99 -14.18
C PHE D 309 -19.84 34.69 -14.37
N TRP D 310 -20.98 34.76 -15.06
CA TRP D 310 -21.76 33.55 -15.27
C TRP D 310 -21.12 32.59 -16.26
N ASN D 311 -20.09 33.03 -16.99
CA ASN D 311 -19.27 32.12 -17.78
C ASN D 311 -18.11 31.55 -16.97
N ARG D 312 -18.07 31.84 -15.67
CA ARG D 312 -17.04 31.31 -14.79
C ARG D 312 -17.56 30.60 -13.55
N TRP D 313 -18.73 30.99 -13.04
CA TRP D 313 -19.24 30.47 -11.78
C TRP D 313 -20.23 29.35 -12.06
N HIS D 314 -19.90 28.14 -11.60
CA HIS D 314 -20.73 26.96 -11.83
C HIS D 314 -21.02 26.82 -13.32
N MET D 315 -19.96 26.65 -14.09
CA MET D 315 -20.09 26.69 -15.55
C MET D 315 -21.04 25.61 -16.06
N SER D 316 -20.99 24.41 -15.49
CA SER D 316 -21.88 23.36 -15.95
C SER D 316 -23.35 23.78 -15.82
N LEU D 317 -23.71 24.28 -14.63
CA LEU D 317 -25.11 24.65 -14.38
C LEU D 317 -25.53 25.86 -15.21
N SER D 318 -24.69 26.91 -15.24
CA SER D 318 -25.05 28.11 -15.97
C SER D 318 -25.15 27.84 -17.47
N PHE D 319 -24.20 27.08 -18.01
CA PHE D 319 -24.25 26.71 -19.43
C PHE D 319 -25.46 25.83 -19.72
N TRP D 320 -25.79 24.91 -18.82
CA TRP D 320 -26.97 24.09 -19.00
C TRP D 320 -28.23 24.95 -19.07
N PHE D 321 -28.36 25.91 -18.16
CA PHE D 321 -29.53 26.78 -18.15
C PHE D 321 -29.56 27.69 -19.37
N ARG D 322 -28.39 28.10 -19.87
CA ARG D 322 -28.38 28.88 -21.10
C ARG D 322 -28.83 28.04 -22.29
N ASP D 323 -28.39 26.78 -22.35
CA ASP D 323 -28.71 25.93 -23.48
C ASP D 323 -30.18 25.53 -23.51
N PHE D 324 -30.72 25.09 -22.37
CA PHE D 324 -32.02 24.42 -22.38
C PHE D 324 -33.16 25.23 -21.80
N VAL D 325 -32.89 26.25 -21.00
CA VAL D 325 -33.93 27.07 -20.38
C VAL D 325 -33.98 28.47 -20.97
N PHE D 326 -32.83 29.09 -21.21
CA PHE D 326 -32.80 30.47 -21.68
C PHE D 326 -33.01 30.56 -23.18
N MET D 327 -32.22 29.81 -23.96
CA MET D 327 -32.33 29.89 -25.42
C MET D 327 -33.70 29.42 -25.89
N ARG D 328 -34.22 28.34 -25.33
CA ARG D 328 -35.53 27.84 -25.75
C ARG D 328 -36.63 28.84 -25.41
N LEU D 329 -36.54 29.47 -24.24
CA LEU D 329 -37.51 30.50 -23.89
C LEU D 329 -37.43 31.69 -24.83
N VAL D 330 -36.21 32.08 -25.22
CA VAL D 330 -36.05 33.18 -26.17
C VAL D 330 -36.70 32.81 -27.50
N ILE D 331 -36.47 31.58 -27.96
CA ILE D 331 -37.05 31.14 -29.23
C ILE D 331 -38.57 31.14 -29.15
N VAL D 332 -39.12 30.67 -28.03
CA VAL D 332 -40.57 30.65 -27.85
C VAL D 332 -41.13 32.07 -27.88
N LEU D 333 -40.49 32.98 -27.16
CA LEU D 333 -40.97 34.36 -27.13
C LEU D 333 -40.89 35.02 -28.50
N MET D 334 -39.80 34.79 -29.24
CA MET D 334 -39.66 35.39 -30.57
C MET D 334 -40.60 34.78 -31.58
N ARG D 335 -40.93 33.49 -31.44
CA ARG D 335 -41.84 32.84 -32.38
C ARG D 335 -43.22 33.48 -32.32
N ASN D 336 -43.71 33.78 -31.13
CA ASN D 336 -44.98 34.47 -30.95
C ASN D 336 -44.85 35.99 -31.01
N LYS D 337 -43.63 36.50 -31.17
CA LYS D 337 -43.32 37.94 -31.19
C LYS D 337 -44.14 38.72 -30.16
N VAL D 338 -44.14 38.21 -28.92
CA VAL D 338 -44.89 38.88 -27.85
C VAL D 338 -44.31 40.26 -27.58
N PHE D 339 -42.98 40.37 -27.52
CA PHE D 339 -42.31 41.64 -27.30
C PHE D 339 -41.72 42.15 -28.61
N LYS D 340 -41.80 43.46 -28.82
CA LYS D 340 -41.41 44.04 -30.10
C LYS D 340 -39.90 44.02 -30.29
N ASN D 341 -39.17 44.72 -29.42
CA ASN D 341 -37.72 44.80 -29.54
C ASN D 341 -37.06 43.56 -28.95
N ARG D 342 -35.89 43.22 -29.48
CA ARG D 342 -35.15 42.06 -28.99
C ARG D 342 -34.67 42.28 -27.56
N ASN D 343 -34.35 43.53 -27.20
CA ASN D 343 -33.79 43.80 -25.87
C ASN D 343 -34.79 43.47 -24.77
N THR D 344 -36.05 43.82 -24.96
CA THR D 344 -37.08 43.51 -23.95
C THR D 344 -37.22 42.00 -23.78
N THR D 345 -37.24 41.26 -24.89
CA THR D 345 -37.32 39.81 -24.81
C THR D 345 -36.12 39.23 -24.08
N SER D 346 -34.92 39.76 -24.38
CA SER D 346 -33.72 39.27 -23.70
C SER D 346 -33.79 39.55 -22.20
N ASN D 347 -34.24 40.73 -21.81
CA ASN D 347 -34.36 41.03 -20.38
C ASN D 347 -35.37 40.13 -19.69
N VAL D 348 -36.53 39.91 -20.32
CA VAL D 348 -37.55 39.06 -19.72
C VAL D 348 -37.02 37.63 -19.58
N ALA D 349 -36.35 37.13 -20.61
CA ALA D 349 -35.81 35.78 -20.56
C ALA D 349 -34.72 35.66 -19.51
N TYR D 350 -33.88 36.70 -19.37
CA TYR D 350 -32.86 36.70 -18.33
C TYR D 350 -33.50 36.62 -16.95
N ILE D 351 -34.53 37.43 -16.71
CA ILE D 351 -35.18 37.43 -15.40
C ILE D 351 -35.82 36.08 -15.12
N ILE D 352 -36.52 35.52 -16.11
CA ILE D 352 -37.17 34.22 -15.91
C ILE D 352 -36.14 33.12 -15.66
N ASN D 353 -35.06 33.12 -16.44
CA ASN D 353 -34.03 32.09 -16.26
C ASN D 353 -33.38 32.19 -14.89
N MET D 354 -33.07 33.41 -14.44
CA MET D 354 -32.41 33.54 -13.14
C MET D 354 -33.37 33.21 -12.01
N MET D 355 -34.65 33.57 -12.14
CA MET D 355 -35.62 33.18 -11.13
C MET D 355 -35.76 31.67 -11.06
N VAL D 356 -35.78 31.00 -12.21
CA VAL D 356 -35.89 29.53 -12.21
C VAL D 356 -34.64 28.91 -11.60
N MET D 357 -33.47 29.46 -11.89
CA MET D 357 -32.24 28.97 -11.26
C MET D 357 -32.29 29.18 -9.76
N GLY D 358 -32.92 30.27 -9.32
CA GLY D 358 -33.14 30.46 -7.89
C GLY D 358 -34.05 29.40 -7.30
N PHE D 359 -35.13 29.07 -8.02
CA PHE D 359 -36.03 28.01 -7.56
C PHE D 359 -35.29 26.68 -7.38
N TRP D 360 -34.38 26.36 -8.30
CA TRP D 360 -33.73 25.05 -8.28
C TRP D 360 -33.02 24.80 -6.96
N HIS D 361 -32.45 25.84 -6.35
CA HIS D 361 -31.79 25.67 -5.06
C HIS D 361 -32.78 25.32 -3.95
N GLY D 362 -34.04 25.71 -4.09
CA GLY D 362 -35.02 25.49 -3.05
C GLY D 362 -35.91 26.71 -2.89
N ILE D 363 -37.22 26.52 -2.90
CA ILE D 363 -38.15 27.65 -2.93
C ILE D 363 -38.25 28.18 -1.51
N THR D 364 -37.43 29.18 -1.21
CA THR D 364 -37.51 29.98 0.00
C THR D 364 -37.55 31.44 -0.40
N TRP D 365 -37.53 32.33 0.59
CA TRP D 365 -37.53 33.76 0.26
C TRP D 365 -36.16 34.19 -0.26
N TYR D 366 -35.08 33.73 0.36
CA TYR D 366 -33.77 34.25 0.01
C TYR D 366 -33.22 33.64 -1.29
N TYR D 367 -33.51 32.37 -1.58
CA TYR D 367 -33.06 31.82 -2.86
C TYR D 367 -33.77 32.50 -4.03
N ILE D 368 -35.07 32.75 -3.91
CA ILE D 368 -35.77 33.48 -4.96
C ILE D 368 -35.27 34.92 -5.04
N ALA D 369 -34.95 35.52 -3.89
CA ALA D 369 -34.36 36.85 -3.89
C ALA D 369 -33.03 36.85 -4.63
N TYR D 370 -32.20 35.84 -4.41
CA TYR D 370 -30.92 35.71 -5.10
C TYR D 370 -31.14 35.57 -6.61
N GLY D 371 -32.11 34.75 -7.00
CA GLY D 371 -32.38 34.59 -8.42
C GLY D 371 -32.80 35.89 -9.09
N ILE D 372 -33.76 36.59 -8.49
CA ILE D 372 -34.22 37.86 -9.06
C ILE D 372 -33.10 38.89 -9.01
N PHE D 373 -32.25 38.81 -7.99
CA PHE D 373 -31.12 39.72 -7.87
C PHE D 373 -30.17 39.56 -9.06
N HIS D 374 -29.78 38.32 -9.36
CA HIS D 374 -28.87 38.10 -10.48
C HIS D 374 -29.55 38.39 -11.80
N GLY D 375 -30.86 38.18 -11.89
CA GLY D 375 -31.57 38.59 -13.10
C GLY D 375 -31.51 40.08 -13.33
N ILE D 376 -31.76 40.86 -12.26
CA ILE D 376 -31.65 42.31 -12.36
C ILE D 376 -30.22 42.71 -12.70
N GLY D 377 -29.24 42.00 -12.13
CA GLY D 377 -27.86 42.29 -12.45
C GLY D 377 -27.53 42.09 -13.92
N LEU D 378 -28.00 40.98 -14.49
CA LEU D 378 -27.76 40.73 -15.92
C LEU D 378 -28.48 41.76 -16.78
N VAL D 379 -29.70 42.16 -16.39
CA VAL D 379 -30.41 43.18 -17.16
C VAL D 379 -29.64 44.50 -17.13
N ILE D 380 -29.15 44.87 -15.95
CA ILE D 380 -28.37 46.11 -15.83
C ILE D 380 -27.09 46.01 -16.65
N ASN D 381 -26.47 44.82 -16.67
CA ASN D 381 -25.26 44.63 -17.45
C ASN D 381 -25.54 44.84 -18.94
N ASP D 382 -26.65 44.28 -19.43
CA ASP D 382 -27.00 44.46 -20.85
C ASP D 382 -27.29 45.93 -21.15
N ALA D 383 -28.03 46.60 -20.26
CA ALA D 383 -28.34 48.01 -20.49
C ALA D 383 -27.07 48.85 -20.51
N TRP D 384 -26.16 48.58 -19.58
CA TRP D 384 -24.89 49.32 -19.55
C TRP D 384 -24.04 49.01 -20.77
N LEU D 385 -24.06 47.77 -21.27
CA LEU D 385 -23.32 47.47 -22.48
C LEU D 385 -23.84 48.29 -23.66
N ARG D 386 -25.16 48.32 -23.83
CA ARG D 386 -25.73 49.11 -24.92
C ARG D 386 -25.43 50.60 -24.75
N LYS D 387 -25.54 51.11 -23.53
CA LYS D 387 -25.29 52.53 -23.30
C LYS D 387 -23.83 52.88 -23.52
N LYS D 388 -22.92 52.00 -23.11
CA LYS D 388 -21.50 52.22 -23.36
C LYS D 388 -21.21 52.22 -24.84
N LYS D 389 -21.83 51.30 -25.60
CA LYS D 389 -21.61 51.28 -27.04
C LYS D 389 -22.08 52.59 -27.69
N THR D 390 -23.28 53.06 -27.31
CA THR D 390 -23.78 54.28 -27.94
C THR D 390 -22.98 55.51 -27.47
N ILE D 391 -22.48 55.51 -26.23
CA ILE D 391 -21.67 56.62 -25.76
C ILE D 391 -20.32 56.64 -26.46
N ASN D 392 -19.72 55.47 -26.68
CA ASN D 392 -18.49 55.40 -27.47
C ASN D 392 -18.72 55.90 -28.89
N LYS D 393 -19.85 55.52 -29.49
CA LYS D 393 -20.17 56.03 -30.82
C LYS D 393 -20.28 57.55 -30.82
N ASP D 394 -20.99 58.11 -29.82
CA ASP D 394 -21.15 59.56 -29.76
C ASP D 394 -19.82 60.26 -29.57
N ARG D 395 -18.97 59.75 -28.69
CA ARG D 395 -17.69 60.39 -28.43
C ARG D 395 -16.76 60.29 -29.64
N LYS D 396 -16.76 59.14 -30.33
CA LYS D 396 -15.94 58.99 -31.52
C LYS D 396 -16.42 59.93 -32.62
N LYS D 397 -17.73 60.06 -32.81
CA LYS D 397 -18.26 60.96 -33.81
C LYS D 397 -17.95 62.42 -33.50
N ALA D 398 -17.91 62.80 -32.22
CA ALA D 398 -17.63 64.17 -31.81
C ALA D 398 -16.14 64.48 -31.75
N GLY D 399 -15.28 63.50 -32.04
CA GLY D 399 -13.85 63.70 -32.01
C GLY D 399 -13.17 63.28 -30.73
N LEU D 400 -13.93 63.06 -29.66
CA LEU D 400 -13.33 62.63 -28.40
C LEU D 400 -12.90 61.17 -28.49
N LYS D 401 -11.89 60.83 -27.68
CA LYS D 401 -11.41 59.47 -27.63
C LYS D 401 -12.44 58.57 -26.94
N PRO D 402 -12.44 57.27 -27.25
CA PRO D 402 -13.36 56.35 -26.56
C PRO D 402 -13.04 56.26 -25.07
N LEU D 403 -13.94 55.61 -24.35
CA LEU D 403 -13.77 55.48 -22.91
C LEU D 403 -12.50 54.70 -22.60
N PRO D 404 -11.73 55.11 -21.58
CA PRO D 404 -10.44 54.45 -21.31
C PRO D 404 -10.63 52.97 -20.97
N GLU D 405 -9.68 52.16 -21.43
CA GLU D 405 -9.61 50.75 -21.08
C GLU D 405 -8.38 50.45 -20.23
N ASN D 406 -7.87 51.46 -19.52
CA ASN D 406 -6.67 51.31 -18.72
C ASN D 406 -6.92 50.40 -17.53
N LYS D 407 -5.86 50.17 -16.74
CA LYS D 407 -5.96 49.28 -15.60
C LYS D 407 -6.95 49.77 -14.56
N TRP D 408 -7.18 51.08 -14.49
CA TRP D 408 -8.10 51.63 -13.49
C TRP D 408 -9.54 51.22 -13.79
N THR D 409 -9.95 51.29 -15.06
CA THR D 409 -11.29 50.87 -15.43
C THR D 409 -11.50 49.39 -15.15
N LYS D 410 -10.50 48.57 -15.48
CA LYS D 410 -10.59 47.14 -15.20
C LYS D 410 -10.71 46.89 -13.70
N ALA D 411 -9.91 47.60 -12.89
CA ALA D 411 -9.98 47.41 -11.45
C ALA D 411 -11.34 47.83 -10.90
N LEU D 412 -11.89 48.94 -11.40
CA LEU D 412 -13.21 49.38 -10.95
C LEU D 412 -14.27 48.35 -11.32
N GLY D 413 -14.21 47.82 -12.55
CA GLY D 413 -15.17 46.81 -12.95
C GLY D 413 -15.06 45.55 -12.11
N ILE D 414 -13.84 45.09 -11.85
CA ILE D 414 -13.66 43.89 -11.02
C ILE D 414 -14.18 44.14 -9.62
N PHE D 415 -13.94 45.33 -9.07
CA PHE D 415 -14.42 45.65 -7.73
C PHE D 415 -15.95 45.65 -7.68
N ILE D 416 -16.60 46.25 -8.68
CA ILE D 416 -18.06 46.28 -8.70
C ILE D 416 -18.61 44.87 -8.84
N THR D 417 -18.02 44.06 -9.73
CA THR D 417 -18.47 42.69 -9.90
C THR D 417 -18.30 41.89 -8.62
N PHE D 418 -17.17 42.05 -7.93
CA PHE D 418 -16.93 41.32 -6.70
C PHE D 418 -17.91 41.73 -5.61
N ASN D 419 -18.20 43.02 -5.49
CA ASN D 419 -19.16 43.48 -4.50
C ASN D 419 -20.56 42.92 -4.78
N THR D 420 -20.98 42.96 -6.05
CA THR D 420 -22.32 42.45 -6.38
C THR D 420 -22.39 40.94 -6.16
N VAL D 421 -21.35 40.21 -6.55
CA VAL D 421 -21.34 38.76 -6.35
C VAL D 421 -21.37 38.42 -4.88
N MET D 422 -20.61 39.16 -4.05
CA MET D 422 -20.60 38.86 -2.63
C MET D 422 -21.93 39.24 -1.97
N LEU D 423 -22.58 40.30 -2.44
CA LEU D 423 -23.93 40.60 -1.94
C LEU D 423 -24.90 39.48 -2.31
N SER D 424 -24.80 38.96 -3.54
CA SER D 424 -25.64 37.85 -3.95
C SER D 424 -25.38 36.62 -3.09
N PHE D 425 -24.11 36.33 -2.79
CA PHE D 425 -23.81 35.17 -1.96
C PHE D 425 -24.19 35.40 -0.51
N LEU D 426 -24.31 36.65 -0.09
CA LEU D 426 -24.83 36.93 1.24
C LEU D 426 -26.32 36.65 1.31
N ILE D 427 -27.08 37.11 0.30
CA ILE D 427 -28.50 36.82 0.27
C ILE D 427 -28.74 35.31 0.12
N PHE D 428 -27.98 34.66 -0.76
CA PHE D 428 -28.11 33.23 -0.97
C PHE D 428 -27.61 32.42 0.23
N SER D 429 -26.80 33.01 1.10
CA SER D 429 -26.25 32.27 2.22
C SER D 429 -27.35 31.83 3.19
N GLY D 430 -28.49 32.49 3.15
CA GLY D 430 -29.51 32.25 4.15
C GLY D 430 -29.24 32.94 5.47
N PHE D 431 -28.16 33.72 5.57
CA PHE D 431 -27.86 34.44 6.79
C PHE D 431 -28.85 35.56 7.07
N LEU D 432 -29.55 36.04 6.04
CA LEU D 432 -30.51 37.10 6.26
C LEU D 432 -31.75 36.63 7.02
N ASN D 433 -32.04 35.32 7.01
CA ASN D 433 -33.11 34.82 7.84
C ASN D 433 -32.73 34.82 9.31
N ASP D 434 -31.46 34.54 9.62
CA ASP D 434 -31.01 34.58 11.00
C ASP D 434 -30.85 36.03 11.49
N LEU D 435 -30.28 36.89 10.65
CA LEU D 435 -30.06 38.28 11.07
C LEU D 435 -31.38 39.02 11.22
N TRP D 436 -32.25 38.92 10.23
CA TRP D 436 -33.60 39.49 10.30
C TRP D 436 -34.59 38.33 10.34
N PHE D 437 -35.40 38.28 11.39
CA PHE D 437 -36.43 37.24 11.50
C PHE D 437 -37.61 37.57 10.57
N THR D 438 -37.30 37.67 9.28
CA THR D 438 -38.29 37.98 8.27
C THR D 438 -38.85 36.68 7.71
N LYS D 439 -40.14 36.44 7.97
CA LYS D 439 -40.76 35.19 7.50
C LYS D 439 -40.83 35.13 5.98
N LYS D 440 -41.16 36.25 5.35
CA LYS D 440 -41.25 36.29 3.88
C LYS D 440 -40.48 37.47 3.32
C48 PGT E . 30.88 54.27 -8.98
C47 PGT E . 30.21 55.18 -7.96
C46 PGT E . 30.25 54.62 -6.54
C45 PGT E . 29.53 55.48 -5.52
C44 PGT E . 29.56 54.91 -4.11
C43 PGT E . 29.12 53.44 -4.07
C42 PGT E . 28.75 52.96 -2.67
C41 PGT E . 27.94 51.67 -2.68
C40 PGT E . 27.16 51.44 -1.39
C39 PGT E . 26.21 50.25 -1.47
C38 PGT E . 25.28 50.14 -0.26
C37 PGT E . 24.39 48.91 -0.30
C36 PGT E . 23.34 48.91 0.81
C35 PGT E . 22.67 47.56 1.00
C34 PGT E . 23.58 46.50 1.58
C33 PGT E . 23.92 46.75 3.04
C32 PGT E . 24.83 45.67 3.61
C31 PGT E . 24.88 45.63 5.12
O31 PGT E . 24.69 46.57 5.84
O2 PGT E . 25.13 44.39 5.56
C2 PGT E . 24.24 43.32 5.22
C1 PGT E . 23.01 43.33 6.11
O3P PGT E . 23.23 44.02 7.31
P PGT E . 23.44 43.14 8.68
O1P PGT E . 24.74 42.39 8.59
O2P PGT E . 22.20 42.38 9.02
O4P PGT E . 23.62 44.46 9.62
C4 PGT E . 24.62 45.39 9.26
C5 PGT E . 24.01 46.79 9.23
O5 PGT E . 24.21 47.45 8.01
C6 PGT E . 24.50 47.59 10.42
O6 PGT E . 23.40 48.19 11.05
C3 PGT E . 25.03 42.04 5.24
O3 PGT E . 25.11 41.51 3.92
C11 PGT E . 24.02 40.95 3.40
O11 PGT E . 23.23 40.30 4.05
C12 PGT E . 23.92 41.22 1.92
C13 PGT E . 25.18 41.86 1.37
C14 PGT E . 25.08 42.17 -0.12
C15 PGT E . 24.55 43.58 -0.41
C16 PGT E . 24.56 43.90 -1.90
C17 PGT E . 23.97 45.25 -2.25
C18 PGT E . 24.54 45.82 -3.55
C19 PGT E . 26.05 46.00 -3.50
C20 PGT E . 26.66 46.47 -4.82
C21 PGT E . 28.01 47.14 -4.63
C22 PGT E . 28.87 46.47 -3.57
C23 PGT E . 29.74 47.45 -2.81
C24 PGT E . 30.05 46.99 -1.39
C25 PGT E . 28.81 46.73 -0.56
C26 PGT E . 29.11 46.48 0.91
C1B LMT F . 15.83 13.13 18.13
C2B LMT F . 16.13 14.12 19.26
C3B LMT F . 14.85 14.39 20.09
C4B LMT F . 14.13 13.07 20.45
C5B LMT F . 13.88 12.29 19.14
C6B LMT F . 12.38 12.10 18.94
O1B LMT F . 16.49 11.94 18.38
O2B LMT F . 17.10 13.54 20.06
O3B LMT F . 14.02 15.27 19.45
O4' LMT F . 14.91 12.31 21.29
O5B LMT F . 14.46 12.91 18.01
O6B LMT F . 12.02 12.55 17.69
C1' LMT F . 19.44 9.52 16.76
C2' LMT F . 19.80 11.01 16.84
C3' LMT F . 18.79 11.79 17.73
C4' LMT F . 17.34 11.45 17.36
C5' LMT F . 17.27 9.91 17.38
C6' LMT F . 15.88 9.35 17.26
O1' LMT F . 20.21 8.90 15.82
O2' LMT F . 21.05 11.13 17.41
O3' LMT F . 19.00 13.14 17.62
O5' LMT F . 18.09 9.39 16.37
O6' LMT F . 15.85 8.69 16.06
C1 LMT F . 19.51 8.11 14.89
C2 LMT F . 20.50 7.04 14.51
C3 LMT F . 21.94 7.42 14.55
C4 LMT F . 22.64 6.42 15.44
C5 LMT F . 23.45 5.47 14.63
C6 LMT F . 23.67 4.18 15.33
C7 LMT F . 25.04 3.66 15.03
C8 LMT F . 26.03 4.45 15.82
C9 LMT F . 25.81 4.40 17.30
C10 LMT F . 27.06 3.82 17.91
C11 LMT F . 28.01 4.90 18.34
C12 LMT F . 27.45 5.71 19.45
CA1 DGA G . 20.80 4.41 10.85
CA2 DGA G . 21.10 4.84 9.45
CA3 DGA G . 22.47 4.39 8.97
CA4 DGA G . 23.60 5.30 9.43
CA5 DGA G . 24.97 4.66 9.38
CA6 DGA G . 26.12 5.65 9.39
CA7 DGA G . 27.47 5.03 9.70
CA8 DGA G . 27.86 3.90 8.76
CA9 DGA G . 27.97 4.31 7.30
CAA DGA G . 28.98 5.42 7.03
CBA DGA G . 30.43 5.01 7.27
CCA DGA G . 31.03 5.57 8.54
CDA DGA G . 32.54 5.40 8.64
CEA DGA G . 33.11 5.86 9.97
CFA DGA G . 32.84 4.90 11.12
CGA DGA G . 31.79 5.39 12.11
CHA DGA G . 30.49 4.59 12.08
CIA DGA G . 29.54 4.97 13.18
OA1 DGA G . 21.62 4.25 11.71
CB1 DGA G . 15.21 4.84 10.54
CB2 DGA G . 14.88 5.53 9.25
CB3 DGA G . 15.54 4.89 8.03
CB4 DGA G . 16.81 5.62 7.60
CB5 DGA G . 16.56 6.75 6.61
CB6 DGA G . 17.01 6.43 5.19
CB7 DGA G . 15.88 6.05 4.26
CB8 DGA G . 14.94 7.19 3.92
CB9 DGA G . 14.92 7.57 2.45
CAB DGA G . 16.27 7.99 1.89
CBB DGA G . 16.87 7.00 0.91
CCB DGA G . 17.24 7.61 -0.43
CDB DGA G . 16.04 8.19 -1.18
CEB DGA G . 14.90 7.21 -1.37
CFB DGA G . 14.63 6.87 -2.83
CGB DGA G . 15.77 6.16 -3.52
CHB DGA G . 15.44 5.69 -4.92
CIB DGA G . 14.24 4.78 -4.98
OB1 DGA G . 14.43 4.64 11.43
OG1 DGA G . 19.49 4.21 11.02
CG1 DGA G . 18.65 5.39 11.08
CG2 DGA G . 17.32 4.99 11.65
OG2 DGA G . 16.50 4.46 10.57
CG3 DGA G . 17.45 3.89 12.68
OXT DGA G . 18.77 3.79 13.18
C1B LMT H . 5.42 15.87 18.25
C2B LMT H . 5.16 17.29 18.79
C3B LMT H . 6.43 18.16 18.67
C4B LMT H . 7.66 17.43 19.27
C5B LMT H . 7.73 16.05 18.61
C6B LMT H . 8.94 15.28 19.15
O1B LMT H . 5.55 15.93 16.86
O2B LMT H . 4.14 17.83 18.05
O3B LMT H . 6.24 19.40 19.22
O4' LMT H . 8.81 18.13 19.01
O5B LMT H . 6.56 15.30 18.82
O6B LMT H . 8.61 14.61 20.30
C1' LMT H . 4.12 15.60 13.55
C2' LMT H . 3.27 15.77 14.82
C3' LMT H . 3.70 14.74 15.91
C4' LMT H . 5.22 14.76 16.15
C5' LMT H . 5.90 14.85 14.76
C6' LMT H . 7.16 14.04 14.63
O1' LMT H . 3.33 15.27 12.49
O2' LMT H . 3.49 17.03 15.32
O3' LMT H . 3.31 13.48 15.55
O5' LMT H . 5.00 14.51 13.75
O6' LMT H . 7.97 14.44 15.65
C1 LMT H . 3.97 14.56 11.46
C2 LMT H . 3.36 15.06 10.19
C3 LMT H . 3.73 14.33 8.94
C4 LMT H . 3.41 15.23 7.78
C5 LMT H . 4.49 15.15 6.76
C6 LMT H . 4.19 14.13 5.71
C7 LMT H . 3.04 14.60 4.87
C8 LMT H . 3.05 13.84 3.58
C9 LMT H . 4.20 14.15 2.69
C10 LMT H . 3.65 14.51 1.34
C11 LMT H . 3.15 15.92 1.31
C12 LMT H . 2.55 16.27 0.00
C1B LMT I . 55.41 27.63 0.36
C2B LMT I . 55.88 27.69 -1.10
C3B LMT I . 57.42 27.72 -1.17
C4B LMT I . 58.04 26.51 -0.43
C5B LMT I . 57.31 26.35 0.91
C6B LMT I . 58.32 26.09 2.04
O1B LMT I . 54.46 26.61 0.51
O2B LMT I . 55.38 26.57 -1.73
O3B LMT I . 57.93 28.91 -0.74
O4' LMT I . 57.92 25.36 -1.17
O5B LMT I . 56.51 27.45 1.22
O6B LMT I . 58.88 24.85 1.89
C1' LMT I . 52.70 28.30 3.84
C2' LMT I . 53.29 26.91 4.09
C3' LMT I . 54.15 26.45 2.88
C4' LMT I . 53.47 26.71 1.53
C5' LMT I . 52.84 28.12 1.56
C6' LMT I . 52.10 28.52 0.31
O1' LMT I . 51.82 28.61 4.83
O2' LMT I . 54.10 26.98 5.20
O3' LMT I . 54.46 25.12 3.00
O5' LMT I . 51.96 28.24 2.64
O6' LMT I . 50.82 28.80 0.70
C1 LMT I . 51.74 29.98 5.14
C2 LMT I . 52.00 30.04 6.60
C3 LMT I . 51.04 30.85 7.42
C4 LMT I . 49.69 30.21 7.27
C5 LMT I . 48.75 30.74 8.30
C6 LMT I . 48.51 32.19 8.16
C7 LMT I . 47.52 32.65 9.17
C8 LMT I . 48.10 32.45 10.53
C9 LMT I . 47.31 33.09 11.64
C10 LMT I . 47.12 34.53 11.27
C11 LMT I . 46.95 35.40 12.48
C12 LMT I . 45.76 35.00 13.29
C1B LMT J . 3.84 28.51 -14.87
C2B LMT J . 3.84 27.05 -14.36
C3B LMT J . 5.12 26.31 -14.80
C4B LMT J . 6.05 27.24 -15.62
C5B LMT J . 6.22 28.55 -14.83
C6B LMT J . 7.11 29.50 -15.62
O1B LMT J . 2.69 29.18 -14.46
O2B LMT J . 3.77 27.09 -12.99
O3B LMT J . 4.82 25.15 -15.48
O4' LMT J . 7.28 26.65 -15.81
O5B LMT J . 5.00 29.19 -14.48
O6B LMT J . 8.02 28.79 -16.36
C1' LMT J . 1.72 31.86 -11.34
C2' LMT J . 2.23 32.47 -12.70
C3' LMT J . 2.80 31.49 -13.77
C4' LMT J . 2.77 30.02 -13.32
C5' LMT J . 1.47 29.90 -12.55
C6' LMT J . 0.92 28.50 -12.44
O1' LMT J . 2.54 32.26 -10.32
O2' LMT J . 1.18 33.16 -13.26
O3' LMT J . 4.07 31.83 -14.12
O5' LMT J . 1.68 30.43 -11.29
O6' LMT J . 1.78 27.84 -11.60
C1 LMT J . 2.17 31.77 -9.05
C2 LMT J . 3.31 30.91 -8.62
C3 LMT J . 3.86 31.15 -7.25
C4 LMT J . 2.94 30.50 -6.26
C5 LMT J . 3.32 30.87 -4.87
C6 LMT J . 3.13 29.75 -3.91
C7 LMT J . 3.81 30.07 -2.61
C8 LMT J . 2.90 30.94 -1.80
C9 LMT J . 3.42 31.28 -0.44
C10 LMT J . 3.82 29.99 0.22
C11 LMT J . 3.97 30.17 1.70
C12 LMT J . 4.64 29.00 2.33
C1B LMT K . 7.84 2.94 -25.00
C2B LMT K . 7.55 1.48 -25.39
C3B LMT K . 6.80 1.44 -26.75
C4B LMT K . 7.63 2.14 -27.85
C5B LMT K . 8.17 3.46 -27.27
C6B LMT K . 8.00 4.58 -28.29
O1B LMT K . 9.17 3.04 -24.60
O2B LMT K . 8.75 0.83 -25.49
O3B LMT K . 5.53 1.95 -26.63
O4' LMT K . 8.68 1.35 -28.25
O5B LMT K . 7.57 3.82 -26.05
O6B LMT K . 6.67 4.76 -28.58
C1' LMT K . 8.39 2.85 -20.52
C2' LMT K . 7.56 3.74 -21.48
C3' LMT K . 8.36 4.34 -22.69
C4' LMT K . 9.47 3.41 -23.27
C5' LMT K . 9.50 2.15 -22.39
C6' LMT K . 10.55 1.14 -22.77
O1' LMT K . 8.63 3.51 -19.35
O2' LMT K . 6.51 3.00 -21.97
O3' LMT K . 8.91 5.54 -22.35
O5' LMT K . 9.67 2.54 -21.06
O6' LMT K . 10.39 0.10 -21.90
C1 LMT K . 7.49 3.72 -18.55
C2 LMT K . 7.85 3.18 -17.21
C3 LMT K . 7.06 3.68 -16.05
C4 LMT K . 7.97 3.69 -14.85
C5 LMT K . 7.37 4.52 -13.75
C6 LMT K . 6.79 3.66 -12.68
C7 LMT K . 6.02 4.52 -11.72
C8 LMT K . 6.10 3.93 -10.35
C9 LMT K . 5.42 4.73 -9.30
C10 LMT K . 6.03 4.37 -7.98
C11 LMT K . 5.81 5.43 -6.96
C12 LMT K . 4.35 5.65 -6.70
C1B LMT L . 8.68 12.75 -23.19
C2B LMT L . 9.15 13.75 -24.27
C3B LMT L . 8.34 15.06 -24.14
C4B LMT L . 8.30 15.59 -22.69
C5B LMT L . 8.00 14.43 -21.71
C6B LMT L . 6.52 14.05 -21.75
O1B LMT L . 9.41 11.57 -23.30
O2B LMT L . 10.47 13.97 -24.05
O3B LMT L . 7.09 14.96 -24.71
O4' LMT L . 9.50 16.17 -22.34
O5B LMT L . 8.81 13.30 -21.92
O6B LMT L . 6.29 12.97 -20.95
C1' LMT L . 7.95 8.82 -22.09
C2' LMT L . 9.46 8.83 -22.39
C3' LMT L . 9.69 9.28 -23.86
C4' LMT L . 8.91 10.57 -24.16
C5' LMT L . 7.43 10.28 -23.78
C6' LMT L . 6.43 10.56 -24.87
O1' LMT L . 7.59 7.61 -21.58
O2' LMT L . 10.05 9.74 -21.56
O3' LMT L . 9.31 8.30 -24.73
O5' LMT L . 7.26 8.97 -23.32
O6' LMT L . 7.04 11.43 -25.73
C1 LMT L . 6.27 7.56 -21.07
C2 LMT L . 6.34 8.28 -19.76
C3 LMT L . 5.28 7.95 -18.77
C4 LMT L . 5.21 9.08 -17.78
C5 LMT L . 6.54 9.30 -17.13
C6 LMT L . 6.42 9.55 -15.67
C7 LMT L . 5.72 8.40 -15.01
C8 LMT L . 6.30 8.18 -13.67
C9 LMT L . 6.29 9.38 -12.79
C10 LMT L . 5.27 9.14 -11.71
C11 LMT L . 5.90 8.61 -10.47
C12 LMT L . 4.88 8.38 -9.39
C48 PGT M . 5.88 3.54 -2.20
C47 PGT M . 7.29 2.98 -2.03
C46 PGT M . 8.02 2.79 -3.36
C45 PGT M . 9.48 2.40 -3.21
C44 PGT M . 10.35 2.86 -4.38
C43 PGT M . 9.69 2.66 -5.74
C42 PGT M . 10.35 3.46 -6.86
C41 PGT M . 11.48 2.72 -7.54
C40 PGT M . 11.01 1.66 -8.52
C39 PGT M . 10.57 2.24 -9.86
C38 PGT M . 11.71 2.88 -10.65
C37 PGT M . 11.37 3.15 -12.11
C36 PGT M . 11.98 2.13 -13.06
C35 PGT M . 12.36 2.74 -14.41
C34 PGT M . 13.20 4.00 -14.27
C33 PGT M . 14.33 4.07 -15.29
C32 PGT M . 13.81 4.19 -16.72
C31 PGT M . 14.05 2.95 -17.54
O31 PGT M . 15.11 2.62 -18.00
O2 PGT M . 12.92 2.26 -17.71
C2 PGT M . 12.76 1.40 -18.84
C1 PGT M . 12.83 2.18 -20.15
O3P PGT M . 14.09 2.06 -20.78
P PGT M . 14.19 1.12 -22.11
O1P PGT M . 13.68 -0.26 -21.81
O2P PGT M . 13.69 1.83 -23.33
O4P PGT M . 15.84 1.12 -22.08
C4 PGT M . 16.50 2.32 -22.35
C5 PGT M . 17.26 2.76 -21.10
O5 PGT M . 16.48 2.63 -19.93
C6 PGT M . 17.80 4.16 -21.29
O6 PGT M . 19.10 4.23 -20.76
C3 PGT M . 11.50 0.62 -18.63
O3 PGT M . 11.12 0.71 -17.26
C11 PGT M . 10.05 0.03 -16.86
O11 PGT M . 9.35 -0.61 -17.60
C12 PGT M . 9.86 0.14 -15.37
C13 PGT M . 8.60 -0.55 -14.89
C14 PGT M . 8.87 -1.49 -13.71
C15 PGT M . 9.36 -0.76 -12.48
C16 PGT M . 8.36 0.25 -11.95
C17 PGT M . 7.21 -0.40 -11.17
C18 PGT M . 7.65 -1.04 -9.87
C19 PGT M . 6.59 -0.97 -8.78
C20 PGT M . 6.42 0.43 -8.19
C21 PGT M . 5.03 0.69 -7.63
C22 PGT M . 4.64 -0.25 -6.49
C23 PGT M . 5.35 0.04 -5.18
C24 PGT M . 4.97 -0.91 -4.06
C25 PGT M . 3.54 -0.72 -3.56
C26 PGT M . 3.42 0.31 -2.45
C48 PGT N . 52.17 -29.70 11.41
C47 PGT N . 51.50 -30.39 12.58
C46 PGT N . 50.76 -29.43 13.51
C45 PGT N . 49.56 -28.76 12.86
C44 PGT N . 48.64 -28.07 13.86
C43 PGT N . 47.25 -27.79 13.31
C42 PGT N . 46.24 -27.37 14.37
C41 PGT N . 46.45 -25.96 14.90
C40 PGT N . 45.17 -25.31 15.41
C39 PGT N . 45.24 -23.80 15.43
C38 PGT N . 43.93 -23.12 15.02
C37 PGT N . 42.91 -23.06 16.14
C36 PGT N . 41.58 -22.46 15.71
C35 PGT N . 40.67 -22.13 16.88
C34 PGT N . 40.44 -23.32 17.81
C33 PGT N . 39.75 -22.92 19.10
C32 PGT N . 38.31 -22.51 18.88
C31 PGT N . 37.32 -23.64 18.97
O31 PGT N . 37.56 -24.71 19.47
O2 PGT N . 36.15 -23.32 18.44
C2 PGT N . 35.43 -22.19 18.93
C1 PGT N . 34.32 -22.61 19.88
O3P PGT N . 34.22 -21.75 20.99
P PGT N . 34.62 -22.33 22.46
O1P PGT N . 34.47 -21.25 23.49
O2P PGT N . 33.95 -23.65 22.71
O4P PGT N . 36.20 -22.54 22.06
C4 PGT N . 36.84 -23.73 22.51
C5 PGT N . 37.19 -23.59 23.98
O5 PGT N . 37.30 -22.25 24.40
C6 PGT N . 38.45 -24.39 24.29
O6 PGT N . 39.03 -23.90 25.47
C3 PGT N . 34.98 -21.37 17.74
O3 PGT N . 34.18 -22.17 16.89
C11 PGT N . 34.76 -22.70 15.82
O11 PGT N . 35.16 -23.84 15.78
C12 PGT N . 34.86 -21.72 14.69
C13 PGT N . 35.48 -22.32 13.44
C14 PGT N . 36.99 -22.39 13.52
C15 PGT N . 37.55 -23.75 13.11
C16 PGT N . 39.05 -23.72 12.81
C17 PGT N . 39.41 -22.75 11.69
C18 PGT N . 40.89 -22.77 11.33
C19 PGT N . 41.33 -24.05 10.61
C20 PGT N . 42.83 -24.15 10.44
C21 PGT N . 43.26 -25.45 9.77
C22 PGT N . 44.77 -25.59 9.60
C23 PGT N . 45.18 -26.92 9.01
C24 PGT N . 46.67 -27.01 8.68
C25 PGT N . 47.04 -26.27 7.39
C26 PGT N . 48.47 -26.57 6.95
C1B LMT O . 8.80 -1.35 18.99
C2B LMT O . 8.80 -0.79 20.43
C3B LMT O . 8.77 -1.93 21.46
C4B LMT O . 8.31 -3.26 20.81
C5B LMT O . 9.29 -3.57 19.66
C6B LMT O . 8.72 -4.70 18.79
O1B LMT O . 9.20 -0.35 18.12
O2B LMT O . 9.94 -0.03 20.56
O3B LMT O . 8.02 -1.60 22.56
O4' LMT O . 8.31 -4.28 21.72
O5B LMT O . 9.65 -2.45 18.88
O6B LMT O . 7.64 -4.24 18.07
C1' LMT O . 9.36 0.52 14.78
C2' LMT O . 9.87 1.45 15.89
C3' LMT O . 8.76 1.68 16.94
C4' LMT O . 8.18 0.34 17.42
C5' LMT O . 7.83 -0.48 16.15
C6' LMT O . 6.47 -1.12 16.18
O1' LMT O . 9.47 1.11 13.55
O2' LMT O . 10.93 0.84 16.50
O3' LMT O . 7.76 2.45 16.42
O5' LMT O . 7.98 0.29 15.00
O6' LMT O . 6.66 -2.39 16.64
C1 LMT O . 10.78 1.48 13.19
C2 LMT O . 10.61 2.66 12.29
C3 LMT O . 9.88 2.42 11.02
C4 LMT O . 10.79 1.61 10.13
C5 LMT O . 11.99 2.42 9.75
C6 LMT O . 12.76 1.80 8.64
C7 LMT O . 11.88 1.67 7.44
C8 LMT O . 12.65 0.98 6.35
C9 LMT O . 13.89 1.70 5.94
C10 LMT O . 13.76 1.97 4.46
C11 LMT O . 15.06 2.45 3.88
C12 LMT O . 14.89 2.90 2.47
C1B LMT P . 4.46 -14.21 20.00
C2B LMT P . 4.14 -13.47 21.30
C3B LMT P . 5.34 -12.63 21.77
C4B LMT P . 6.64 -13.49 21.78
C5B LMT P . 6.77 -14.13 20.40
C6B LMT P . 8.05 -14.95 20.33
O1B LMT P . 4.53 -13.28 18.97
O2B LMT P . 3.06 -12.66 21.06
O3B LMT P . 5.11 -12.03 22.99
O4' LMT P . 7.73 -12.70 22.03
O5B LMT P . 5.65 -14.92 20.08
O6B LMT P . 7.85 -16.19 20.93
C1' LMT P . 3.23 -11.52 15.90
C2' LMT P . 2.36 -11.96 17.10
C3' LMT P . 2.65 -13.44 17.47
C4' LMT P . 4.17 -13.71 17.68
C5' LMT P . 4.92 -12.84 16.65
C6' LMT P . 6.23 -13.41 16.18
O1' LMT P . 2.45 -11.26 14.80
O2' LMT P . 2.65 -11.16 18.16
O3' LMT P . 2.16 -14.29 16.54
O5' LMT P . 4.10 -12.57 15.55
O6' LMT P . 6.18 -14.75 16.46
C1 LMT P . 2.28 -12.35 13.92
C2 LMT P . 0.80 -12.59 13.89
C3 LMT P . 0.36 -13.98 13.55
C4 LMT P . -0.63 -13.88 12.43
C5 LMT P . 0.05 -13.51 11.16
C6 LMT P . 0.55 -14.70 10.43
C7 LMT P . -0.52 -15.23 9.53
C8 LMT P . -0.12 -16.58 9.04
C9 LMT P . -0.41 -16.83 7.59
C10 LMT P . -0.78 -18.27 7.45
C11 LMT P . -0.32 -18.84 6.14
C12 LMT P . -0.78 -18.02 4.99
C1B LMT Q . -1.14 -9.14 12.85
C2B LMT Q . -2.12 -9.82 13.84
C3B LMT Q . -2.33 -8.95 15.09
C4B LMT Q . -0.97 -8.54 15.69
C5B LMT Q . -0.12 -7.92 14.57
C6B LMT Q . 1.23 -7.47 15.11
O1B LMT Q . -1.74 -7.98 12.34
O2B LMT Q . -3.31 -10.02 13.17
O3B LMT Q . -3.14 -9.57 16.00
O4' LMT Q . -1.14 -7.60 16.70
O5B LMT Q . 0.05 -8.81 13.50
O6B LMT Q . 2.17 -8.43 14.87
C1' LMT Q . 0.22 -7.54 9.50
C2' LMT Q . -0.41 -6.34 10.24
C3' LMT Q . -1.93 -6.57 10.43
C4' LMT Q . -2.21 -7.98 11.01
C5' LMT Q . -1.43 -9.00 10.13
C6' LMT Q . -2.24 -10.17 9.65
O1' LMT Q . 0.91 -7.12 8.40
O2' LMT Q . 0.18 -6.24 11.47
O3' LMT Q . -2.60 -6.42 9.25
O5' LMT Q . -0.82 -8.36 9.04
O6' LMT Q . -3.22 -10.36 10.58
C1 LMT Q . 0.11 -6.61 7.36
C2 LMT Q . 0.44 -7.44 6.16
C3 LMT Q . 1.90 -7.66 5.89
C4 LMT Q . 2.01 -8.32 4.54
C5 LMT Q . 3.38 -8.86 4.36
C6 LMT Q . 3.56 -9.48 3.01
C7 LMT Q . 3.48 -8.41 1.95
C8 LMT Q . 4.73 -8.44 1.14
C9 LMT Q . 5.10 -9.78 0.62
C10 LMT Q . 6.06 -9.56 -0.52
C11 LMT Q . 7.37 -9.00 -0.04
C12 LMT Q . 8.21 -8.53 -1.17
C1B LMT R . 19.45 -51.93 7.37
C2B LMT R . 19.64 -53.26 8.13
C3B LMT R . 19.05 -54.44 7.31
C4B LMT R . 19.69 -54.53 5.91
C5B LMT R . 19.93 -53.11 5.37
C6B LMT R . 19.68 -53.08 3.87
O1B LMT R . 20.60 -51.16 7.49
O2B LMT R . 20.98 -53.44 8.33
O3B LMT R . 17.67 -54.36 7.25
O4' LMT R . 20.89 -55.20 5.97
O5B LMT R . 19.14 -52.15 6.02
O6B LMT R . 20.16 -51.92 3.33
C1' LMT R . 21.45 -48.08 9.05
C2' LMT R . 20.03 -48.67 9.12
C3' LMT R . 19.52 -49.02 7.71
C4' LMT R . 20.55 -49.86 6.92
C5' LMT R . 21.92 -49.18 7.10
C6' LMT R . 22.72 -49.07 5.84
O1' LMT R . 21.49 -46.83 9.60
O2' LMT R . 20.09 -49.82 9.87
O3' LMT R . 19.23 -47.89 7.00
O5' LMT R . 21.77 -47.92 7.68
O6' LMT R . 22.31 -47.91 5.24
C1 LMT R . 21.17 -46.78 10.98
C2 LMT R . 22.43 -47.20 11.68
C3 LMT R . 22.63 -46.69 13.05
C4 LMT R . 22.92 -45.20 12.94
C5 LMT R . 22.02 -44.42 13.84
C6 LMT R . 22.72 -43.98 15.09
C7 LMT R . 22.41 -44.92 16.21
C8 LMT R . 22.77 -44.27 17.51
C9 LMT R . 24.13 -43.67 17.54
C10 LMT R . 24.35 -43.15 18.94
C11 LMT R . 25.06 -44.14 19.79
C12 LMT R . 25.21 -43.64 21.20
C1B LMT S . 52.18 -33.86 16.66
C2B LMT S . 52.30 -35.13 17.53
C3B LMT S . 53.72 -35.72 17.42
C4B LMT S . 54.83 -34.64 17.62
C5B LMT S . 54.48 -33.38 16.79
C6B LMT S . 54.77 -33.60 15.32
O1B LMT S . 50.91 -33.31 16.84
O2B LMT S . 52.02 -34.77 18.81
O3B LMT S . 53.90 -36.45 16.27
O4' LMT S . 54.94 -34.29 18.95
O5B LMT S . 53.16 -32.93 17.00
O6B LMT S . 56.11 -33.78 15.12
C1' LMT S . 48.05 -31.80 15.77
C2' LMT S . 48.18 -32.30 17.22
C3' LMT S . 48.61 -33.78 17.24
C4' LMT S . 49.81 -34.02 16.32
C5' LMT S . 49.46 -33.40 14.94
C6' LMT S . 49.70 -34.30 13.76
O1' LMT S . 46.83 -31.24 15.56
O2' LMT S . 49.15 -31.55 17.84
O3' LMT S . 47.57 -34.59 16.85
O5' LMT S . 48.14 -32.93 14.91
O6' LMT S . 50.47 -35.34 14.22
C1 LMT S . 45.79 -32.15 15.27
C2 LMT S . 44.67 -31.76 16.19
C3 LMT S . 44.10 -30.40 15.99
C4 LMT S . 43.00 -30.21 17.01
C5 LMT S . 42.47 -28.83 16.95
C6 LMT S . 41.00 -28.78 17.21
C7 LMT S . 40.51 -27.36 17.11
C8 LMT S . 40.67 -26.89 15.70
C9 LMT S . 39.83 -27.62 14.71
C10 LMT S . 40.50 -27.49 13.38
C11 LMT S . 41.75 -28.31 13.32
C12 LMT S . 42.48 -28.11 12.03
C1B LMT T . 11.21 -28.53 2.18
C2B LMT T . 11.91 -27.53 3.12
C3B LMT T . 11.42 -27.69 4.57
C4B LMT T . 10.47 -28.90 4.71
C5B LMT T . 11.16 -30.08 4.00
C6B LMT T . 10.36 -31.35 4.25
O1B LMT T . 11.73 -28.36 0.90
O2B LMT T . 13.25 -27.78 3.03
O3B LMT T . 10.86 -26.54 5.04
O4' LMT T . 10.26 -29.21 6.02
O5B LMT T . 11.37 -29.86 2.62
O6B LMT T . 10.02 -31.45 5.57
C1' LMT T . 8.02 -28.28 -0.94
C2' LMT T . 8.88 -29.52 -1.28
C3' LMT T . 10.08 -29.61 -0.30
C4' LMT T . 10.84 -28.28 -0.21
C5' LMT T . 9.79 -27.17 0.05
C6' LMT T . 10.36 -25.79 0.21
O1' LMT T . 7.06 -28.08 -1.88
O2' LMT T . 8.12 -30.64 -1.13
O3' LMT T . 10.94 -30.58 -0.70
O5' LMT T . 8.85 -27.14 -0.99
O6' LMT T . 11.73 -25.92 0.14
C1 LMT T . 5.80 -28.66 -1.60
C2 LMT T . 5.24 -27.84 -0.48
C3 LMT T . 3.97 -28.34 0.14
C4 LMT T . 2.83 -27.75 -0.65
C5 LMT T . 2.22 -26.61 0.10
C6 LMT T . 1.91 -26.98 1.51
C7 LMT T . 1.32 -25.81 2.22
C8 LMT T . 0.93 -26.21 3.61
C9 LMT T . -0.02 -27.36 3.66
C10 LMT T . -0.93 -27.13 4.84
C11 LMT T . -0.18 -27.02 6.12
C12 LMT T . -1.09 -26.83 7.28
C1B LMT U . 8.36 -36.31 -0.28
C2B LMT U . 8.43 -36.72 1.22
C3B LMT U . 8.59 -38.25 1.34
C4B LMT U . 8.96 -38.91 -0.01
C5B LMT U . 9.99 -37.99 -0.70
C6B LMT U . 10.52 -38.67 -1.96
O1B LMT U . 8.16 -34.93 -0.40
O2B LMT U . 9.50 -36.08 1.77
O3B LMT U . 7.49 -38.83 1.92
O4' LMT U . 9.50 -40.15 0.18
O5B LMT U . 9.49 -36.70 -0.99
O6B LMT U . 11.47 -39.60 -1.63
C1' LMT U . 5.83 -31.79 0.93
C2' LMT U . 7.07 -32.08 1.80
C3' LMT U . 8.02 -33.08 1.08
C4' LMT U . 7.27 -34.28 0.49
C5' LMT U . 6.11 -33.68 -0.33
C6' LMT U . 5.34 -34.65 -1.16
O1' LMT U . 4.89 -31.11 1.66
O2' LMT U . 7.75 -30.91 1.99
O3' LMT U . 8.98 -33.53 1.94
O5' LMT U . 5.23 -33.01 0.54
O6' LMT U . 4.62 -35.43 -0.28
C1 LMT U . 4.52 -31.72 2.88
C2 LMT U . 4.34 -30.58 3.84
C3 LMT U . 5.46 -29.60 3.94
C4 LMT U . 5.02 -28.49 4.84
C5 LMT U . 5.35 -28.81 6.26
C6 LMT U . 4.13 -28.94 7.11
C7 LMT U . 4.09 -30.32 7.70
C8 LMT U . 3.18 -30.31 8.88
C9 LMT U . 3.45 -31.39 9.87
C10 LMT U . 2.43 -31.26 10.97
C11 LMT U . 2.94 -31.79 12.26
C12 LMT U . 3.39 -33.21 12.15
C1B LMT V . 11.63 -5.26 -23.35
C2B LMT V . 12.42 -4.29 -24.24
C3B LMT V . 12.58 -4.89 -25.65
C4B LMT V . 11.22 -5.41 -26.18
C5B LMT V . 10.68 -6.43 -25.16
C6B LMT V . 10.56 -7.80 -25.80
O1B LMT V . 10.40 -4.68 -23.05
O2B LMT V . 11.71 -3.11 -24.29
O3B LMT V . 13.56 -5.84 -25.69
O4' LMT V . 10.33 -4.38 -26.32
O5B LMT V . 11.45 -6.48 -23.99
O6B LMT V . 10.76 -8.78 -24.86
C1' LMT V . 8.09 -3.70 -19.75
C2' LMT V . 9.48 -3.03 -19.81
C3' LMT V . 10.12 -3.18 -21.21
C4' LMT V . 10.04 -4.63 -21.69
C5' LMT V . 8.55 -5.01 -21.57
C6' LMT V . 8.16 -6.30 -22.24
O1' LMT V . 7.66 -3.78 -18.45
O2' LMT V . 9.32 -1.69 -19.55
O3' LMT V . 11.41 -2.76 -21.21
O5' LMT V . 8.18 -5.03 -20.23
O6' LMT V . 7.73 -5.96 -23.49
C1 LMT V . 6.70 -4.78 -18.21
C2 LMT V . 5.98 -4.33 -16.98
C3 LMT V . 6.84 -3.83 -15.87
C4 LMT V . 5.93 -3.42 -14.73
C5 LMT V . 5.20 -4.59 -14.20
C6 LMT V . 4.44 -4.28 -12.96
C7 LMT V . 5.39 -4.19 -11.80
C8 LMT V . 4.63 -4.48 -10.55
C9 LMT V . 3.72 -3.38 -10.11
C10 LMT V . 3.25 -3.73 -8.73
C11 LMT V . 4.37 -3.71 -7.75
C12 LMT V . 3.91 -4.03 -6.36
C1B LMT W . 17.42 -3.65 -22.94
C2B LMT W . 16.78 -2.99 -24.17
C3B LMT W . 17.72 -3.16 -25.39
C4B LMT W . 19.15 -2.70 -25.04
C5B LMT W . 19.61 -3.46 -23.78
C6B LMT W . 20.08 -2.46 -22.72
O1B LMT W . 16.50 -4.55 -22.39
O2B LMT W . 15.59 -3.62 -24.40
O3B LMT W . 17.21 -2.52 -26.49
O4' LMT W . 20.02 -2.98 -26.08
O5B LMT W . 18.60 -4.30 -23.26
O6B LMT W . 21.33 -2.80 -22.29
C1' LMT W . 13.80 -5.22 -19.36
C2' LMT W . 14.14 -3.75 -19.63
C3' LMT W . 14.77 -3.64 -21.04
C4' LMT W . 16.12 -4.36 -21.06
C5' LMT W . 15.91 -5.77 -20.43
C6' LMT W . 16.77 -6.09 -19.23
O1' LMT W . 14.05 -5.56 -18.06
O2' LMT W . 12.98 -3.03 -19.60
O3' LMT W . 14.94 -2.33 -21.37
O5' LMT W . 14.53 -6.11 -20.22
O6' LMT W . 16.31 -7.28 -18.74
C1 LMT W . 13.01 -6.27 -17.43
C2 LMT W . 12.02 -5.21 -17.02
C3 LMT W . 12.52 -4.14 -16.12
C4 LMT W . 11.39 -3.77 -15.20
C5 LMT W . 11.17 -4.84 -14.19
C6 LMT W . 9.72 -5.05 -13.91
C7 LMT W . 9.51 -5.23 -12.44
C8 LMT W . 10.04 -6.55 -12.04
C9 LMT W . 9.59 -7.01 -10.69
C10 LMT W . 9.96 -5.94 -9.71
C11 LMT W . 9.34 -6.19 -8.36
C12 LMT W . 7.89 -5.87 -8.36
C1B LMT X . 11.40 -13.95 -20.81
C2B LMT X . 10.50 -14.82 -21.69
C3B LMT X . 10.95 -16.30 -21.61
C4B LMT X . 12.47 -16.42 -21.82
C5B LMT X . 13.18 -15.49 -20.83
C6B LMT X . 14.16 -14.58 -21.57
O1B LMT X . 10.61 -13.14 -19.99
O2B LMT X . 9.22 -14.69 -21.21
O3B LMT X . 10.24 -17.09 -22.48
O4' LMT X . 12.89 -17.72 -21.61
O5B LMT X . 12.28 -14.73 -20.05
O6B LMT X . 14.75 -13.72 -20.69
C1' LMT X . 11.85 -9.20 -20.55
C2' LMT X . 12.95 -10.26 -20.27
C3' LMT X . 12.40 -11.58 -19.67
C4' LMT X . 10.89 -11.76 -19.89
C5' LMT X . 10.58 -11.09 -21.26
C6' LMT X . 9.23 -11.44 -21.81
O1' LMT X . 11.44 -8.60 -19.39
O2' LMT X . 13.61 -10.53 -21.45
O3' LMT X . 12.65 -11.64 -18.34
O5' LMT X . 10.67 -9.70 -21.17
O6' LMT X . 8.37 -10.52 -21.30
C1 LMT X . 10.46 -7.61 -19.57
C2 LMT X . 9.61 -7.66 -18.33
C3 LMT X . 9.04 -8.99 -17.97
C4 LMT X . 9.51 -9.33 -16.58
C5 LMT X . 9.06 -8.28 -15.61
C6 LMT X . 7.63 -8.44 -15.23
C7 LMT X . 7.53 -9.24 -13.96
C8 LMT X . 6.23 -8.93 -13.31
C9 LMT X . 6.34 -8.28 -11.97
C10 LMT X . 6.27 -9.37 -10.94
C11 LMT X . 5.98 -8.82 -9.58
C12 LMT X . 4.65 -8.12 -9.54
C1B LMT Y . 10.92 -20.33 -15.37
C2B LMT Y . 11.98 -20.10 -16.48
C3B LMT Y . 11.49 -20.41 -17.90
C4B LMT Y . 10.70 -21.72 -17.90
C5B LMT Y . 9.48 -21.43 -17.03
C6B LMT Y . 8.48 -22.57 -17.15
O1B LMT Y . 10.52 -19.10 -14.82
O2B LMT Y . 12.35 -18.78 -16.39
O3B LMT Y . 12.53 -20.43 -18.80
O4' LMT Y . 10.30 -22.06 -19.17
O5B LMT Y . 9.82 -21.18 -15.67
O6B LMT Y . 7.20 -22.08 -17.03
C1' LMT Y . 8.42 -16.58 -13.08
C2' LMT Y . 8.50 -18.06 -12.68
C3' LMT Y . 8.30 -18.97 -13.92
C4' LMT Y . 9.24 -18.60 -15.09
C5' LMT Y . 9.32 -17.06 -15.11
C6' LMT Y . 9.47 -16.48 -16.49
O1' LMT Y . 7.34 -16.00 -12.50
O2' LMT Y . 9.75 -18.29 -12.16
O3' LMT Y . 7.02 -18.94 -14.34
O5' LMT Y . 8.21 -16.49 -14.48
O6' LMT Y . 10.27 -17.35 -17.18
C1 LMT Y . 7.52 -14.66 -12.09
C2 LMT Y . 6.72 -14.51 -10.84
C3 LMT Y . 6.28 -13.13 -10.51
C4 LMT Y . 6.16 -13.04 -9.01
C5 LMT Y . 5.02 -13.85 -8.52
C6 LMT Y . 4.50 -13.35 -7.21
C7 LMT Y . 3.27 -14.11 -6.82
C8 LMT Y . 2.39 -13.22 -6.03
C9 LMT Y . 2.16 -13.66 -4.62
C10 LMT Y . 1.67 -12.46 -3.85
C11 LMT Y . 2.63 -11.31 -3.95
C12 LMT Y . 2.16 -10.12 -3.19
C1B LMT Z . 24.24 0.52 -19.39
C2B LMT Z . 23.93 -0.99 -19.38
C3B LMT Z . 25.15 -1.78 -18.86
C4B LMT Z . 25.60 -1.29 -17.46
C5B LMT Z . 25.47 0.25 -17.42
C6B LMT Z . 26.62 0.84 -16.60
O1B LMT Z . 23.16 1.21 -18.86
O2B LMT Z . 22.84 -1.17 -18.57
O3B LMT Z . 26.17 -1.79 -19.76
O4' LMT Z . 24.81 -1.84 -16.47
O5B LMT Z . 25.41 0.82 -18.69
O6B LMT Z . 26.18 1.95 -15.92
C1' LMT Z . 20.07 2.45 -18.09
C2' LMT Z . 20.20 1.11 -18.83
C3' LMT Z . 21.10 1.27 -20.08
C4' LMT Z . 22.40 2.02 -19.73
C5' LMT Z . 22.00 3.31 -18.98
C6' LMT Z . 22.62 4.56 -19.52
O1' LMT Z . 18.77 2.76 -17.87
O2' LMT Z . 20.81 0.22 -17.97
O3' LMT Z . 20.43 1.94 -21.06
O5' LMT Z . 20.60 3.46 -18.94
O6' LMT Z . 23.82 4.70 -18.87
C1 LMT Z . 18.11 1.92 -16.96
C2 LMT Z . 18.60 2.35 -15.61
C3 LMT Z . 18.44 1.38 -14.49
C4 LMT Z . 17.00 1.47 -14.03
C5 LMT Z . 16.86 2.53 -13.00
C6 LMT Z . 17.60 2.20 -11.74
C7 LMT Z . 16.69 1.52 -10.78
C8 LMT Z . 15.47 2.35 -10.58
C9 LMT Z . 15.04 2.48 -9.16
C10 LMT Z . 15.95 3.48 -8.50
C11 LMT Z . 15.75 4.84 -9.08
C12 LMT Z . 14.48 5.47 -8.59
C48 PGT AA . -22.06 -52.25 -13.55
C47 PGT AA . -21.07 -52.03 -12.42
C46 PGT AA . -21.32 -50.72 -11.68
C45 PGT AA . -22.64 -50.70 -10.92
C44 PGT AA . -23.04 -49.31 -10.45
C43 PGT AA . -24.20 -49.30 -9.46
C42 PGT AA . -24.56 -47.90 -8.96
C41 PGT AA . -23.36 -47.11 -8.49
C40 PGT AA . -22.72 -47.66 -7.22
C39 PGT AA . -21.39 -47.02 -6.87
C38 PGT AA . -21.48 -45.50 -6.70
C37 PGT AA . -22.09 -45.06 -5.38
C36 PGT AA . -23.51 -44.52 -5.50
C35 PGT AA . -23.85 -43.48 -4.45
C34 PGT AA . -23.31 -42.09 -4.77
C33 PGT AA . -23.29 -41.18 -3.55
C32 PGT AA . -24.68 -41.01 -2.94
C31 PGT AA . -24.65 -40.51 -1.53
O31 PGT AA . -24.51 -39.35 -1.22
O2 PGT AA . -24.79 -41.49 -0.66
C2 PGT AA . -26.11 -41.97 -0.37
C1 PGT AA . -26.79 -41.09 0.67
O3P PGT AA . -27.67 -41.82 1.49
P PGT AA . -27.27 -42.02 3.05
O1P PGT AA . -25.78 -42.08 3.18
O2P PGT AA . -28.04 -41.09 3.93
O4P PGT AA . -27.90 -43.54 3.11
C4 PGT AA . -27.96 -44.17 4.37
C5 PGT AA . -28.12 -45.68 4.14
O5 PGT AA . -27.84 -46.05 2.82
C6 PGT AA . -29.50 -46.11 4.61
O6 PGT AA . -29.62 -45.86 5.99
C3 PGT AA . -25.99 -43.43 0.04
O3 PGT AA . -26.75 -44.24 -0.84
C11 PGT AA . -26.91 -45.52 -0.55
O11 PGT AA . -27.98 -46.06 -0.42
C12 PGT AA . -25.58 -46.22 -0.43
C13 PGT AA . -24.84 -46.34 -1.76
C14 PGT AA . -23.35 -46.14 -1.60
C15 PGT AA . -22.55 -47.43 -1.60
C16 PGT AA . -22.50 -48.10 -2.96
C17 PGT AA . -23.19 -49.45 -3.00
C18 PGT AA . -23.30 -50.04 -4.40
C19 PGT AA . -24.09 -51.34 -4.43
C20 PGT AA . -24.42 -51.81 -5.84
C21 PGT AA . -25.53 -52.86 -5.88
C22 PGT AA . -26.20 -52.99 -7.25
C23 PGT AA . -25.41 -53.87 -8.22
C24 PGT AA . -25.46 -55.35 -7.87
C25 PGT AA . -24.72 -56.23 -8.87
C26 PGT AA . -24.87 -57.72 -8.56
C1B LMT BA . -16.95 -10.45 14.02
C2B LMT BA . -17.14 -9.96 15.47
C3B LMT BA . -18.00 -10.96 16.26
C4B LMT BA . -19.31 -11.29 15.50
C5B LMT BA . -18.93 -11.73 14.08
C6B LMT BA . -19.68 -10.89 13.05
O1B LMT BA . -15.59 -10.51 13.75
O2B LMT BA . -15.89 -9.84 16.02
O3B LMT BA . -18.24 -10.52 17.54
O4' LMT BA . -19.99 -12.30 16.12
O5B LMT BA . -17.54 -11.70 13.84
O6B LMT BA . -20.20 -9.76 13.64
C1' LMT BA . -12.52 -11.16 11.71
C2' LMT BA . -13.79 -10.44 11.19
C3' LMT BA . -15.06 -11.25 11.54
C4' LMT BA . -15.13 -11.63 13.03
C5' LMT BA . -13.68 -11.94 13.49
C6' LMT BA . -13.58 -12.98 14.57
O1' LMT BA . -11.76 -11.56 10.65
O2' LMT BA . -13.87 -9.21 11.80
O3' LMT BA . -15.13 -12.39 10.78
O5' LMT BA . -12.90 -12.32 12.39
O6' LMT BA . -14.61 -12.72 15.44
C1 LMT BA . -10.73 -12.46 10.97
C2 LMT BA . -9.57 -12.05 10.11
C3 LMT BA . -9.88 -11.82 8.67
C4 LMT BA . -9.71 -13.12 7.96
C5 LMT BA . -8.27 -13.36 7.63
C6 LMT BA . -7.71 -12.27 6.77
C7 LMT BA . -7.72 -12.72 5.34
C8 LMT BA . -6.69 -13.79 5.16
C9 LMT BA . -6.30 -14.03 3.74
C10 LMT BA . -5.11 -14.96 3.77
C11 LMT BA . -4.60 -15.25 2.39
C12 LMT BA . -4.13 -14.01 1.71
C1B LMT CA . -24.55 -8.55 8.96
C2B LMT CA . -23.17 -9.06 9.42
C3B LMT CA . -23.11 -10.60 9.46
C4B LMT CA . -24.32 -11.17 10.22
C5B LMT CA . -25.59 -10.58 9.57
C6B LMT CA . -26.82 -11.16 10.24
O1B LMT CA . -24.68 -8.78 7.59
O2B LMT CA . -22.24 -8.55 8.54
O3B LMT CA . -21.92 -11.05 9.95
O4' LMT CA . -24.36 -12.54 10.12
O5B LMT CA . -25.59 -9.17 9.65
O6B LMT CA . -27.25 -12.27 9.55
C1' LMT CA . -24.93 -6.64 4.39
C2' LMT CA . -24.35 -6.15 5.74
C3' LMT CA . -25.28 -6.55 6.93
C4' LMT CA . -25.68 -8.04 6.92
C5' LMT CA . -25.71 -8.50 5.45
C6' LMT CA . -26.60 -9.68 5.18
O1' LMT CA . -25.34 -5.57 3.66
O2' LMT CA . -23.12 -6.74 5.92
O3' LMT CA . -26.40 -5.78 6.93
O5' LMT CA . -26.07 -7.43 4.62
O6' LMT CA . -26.39 -10.56 6.21
C1 LMT CA . -25.17 -5.69 2.26
C2 LMT CA . -26.55 -5.96 1.75
C3 LMT CA . -26.80 -5.64 0.31
C4 LMT CA . -26.89 -4.14 0.20
C5 LMT CA . -27.77 -3.75 -0.93
C6 LMT CA . -27.86 -2.28 -1.11
C7 LMT CA . -29.05 -1.95 -1.97
C8 LMT CA . -30.28 -2.24 -1.19
C9 LMT CA . -31.54 -2.08 -1.97
C10 LMT CA . -32.63 -1.69 -1.01
C11 LMT CA . -32.90 -2.78 -0.02
C12 LMT CA . -34.32 -3.19 -0.03
C1B LMT DA . -45.59 -30.97 -24.75
C2B LMT DA . -45.63 -30.20 -26.09
C3B LMT DA . -46.21 -31.07 -27.22
C4B LMT DA . -45.52 -32.44 -27.26
C5B LMT DA . -45.61 -33.05 -25.85
C6B LMT DA . -45.00 -34.44 -25.85
O1B LMT DA . -46.89 -31.12 -24.27
O2B LMT DA . -46.41 -29.09 -25.89
O3B LMT DA . -46.16 -30.42 -28.43
O4' LMT DA . -46.14 -33.28 -28.16
O5B LMT DA . -44.99 -32.22 -24.89
O6B LMT DA . -45.87 -35.33 -26.44
C1' LMT DA . -47.27 -31.36 -20.18
C2' LMT DA . -48.55 -30.95 -20.93
C3' LMT DA . -48.38 -31.30 -22.42
C4' LMT DA . -47.25 -30.48 -23.05
C5' LMT DA . -46.04 -30.50 -22.08
C6' LMT DA . -45.61 -29.16 -21.54
O1' LMT DA . -46.96 -30.47 -19.20
O2' LMT DA . -49.59 -31.67 -20.43
O3' LMT DA . -49.55 -31.09 -23.09
O5' LMT DA . -46.15 -31.49 -21.06
O6' LMT DA . -46.68 -28.33 -21.69
C1 LMT DA . -47.58 -30.74 -17.96
C2 LMT DA . -46.86 -31.96 -17.44
C3 LMT DA . -47.64 -32.84 -16.54
C4 LMT DA . -47.98 -32.03 -15.31
C5 LMT DA . -46.74 -31.76 -14.52
C6 LMT DA . -46.11 -33.00 -14.01
C7 LMT DA . -47.01 -33.65 -13.00
C8 LMT DA . -47.18 -32.71 -11.85
C9 LMT DA . -46.96 -33.32 -10.51
C10 LMT DA . -47.92 -34.47 -10.37
C11 LMT DA . -48.18 -34.79 -8.94
C12 LMT DA . -46.92 -35.00 -8.19
C1B LMT EA . 2.40 -31.81 -7.81
C2B LMT EA . 2.03 -30.31 -7.65
C3B LMT EA . 1.95 -29.61 -9.02
C4B LMT EA . 2.05 -30.61 -10.18
C5B LMT EA . 1.14 -31.80 -9.84
C6B LMT EA . 1.06 -32.75 -11.03
O1B LMT EA . 2.37 -32.40 -6.55
O2B LMT EA . 0.83 -30.26 -6.99
O3B LMT EA . 2.87 -28.59 -9.11
O4' LMT EA . 1.63 -30.03 -11.36
O5B LMT EA . 1.53 -32.49 -8.66
O6B LMT EA . 1.17 -32.06 -12.21
C1' LMT EA . 2.68 -32.85 -3.41
C2' LMT EA . 3.39 -31.60 -3.96
C3' LMT EA . 4.28 -32.00 -5.17
C4' LMT EA . 3.56 -33.01 -6.08
C5' LMT EA . 3.16 -34.21 -5.19
C6' LMT EA . 3.79 -35.52 -5.61
O1' LMT EA . 2.71 -32.85 -2.03
O2' LMT EA . 2.43 -30.73 -4.40
O3' LMT EA . 5.46 -32.54 -4.73
O5' LMT EA . 3.43 -33.98 -3.83
O6' LMT EA . 3.39 -35.73 -6.90
C1 LMT EA . 1.78 -31.98 -1.44
C2 LMT EA . 0.50 -32.77 -1.36
C3 LMT EA . -0.77 -31.99 -1.27
C4 LMT EA . -0.84 -31.36 0.09
C5 LMT EA . -2.17 -30.72 0.31
C6 LMT EA . -2.14 -29.71 1.41
C7 LMT EA . -2.50 -30.36 2.71
C8 LMT EA . -3.98 -30.31 2.90
C9 LMT EA . -4.45 -30.87 4.19
C10 LMT EA . -4.82 -29.72 5.08
C11 LMT EA . -6.30 -29.54 5.18
C12 LMT EA . -6.65 -28.35 6.00
C1B LMT FA . 5.37 -7.95 -27.29
C2B LMT FA . 5.07 -8.62 -28.65
C3B LMT FA . 5.64 -7.78 -29.80
C4B LMT FA . 7.15 -7.51 -29.58
C5B LMT FA . 7.33 -6.92 -28.18
C6B LMT FA . 8.06 -5.58 -28.26
O1B LMT FA . 6.02 -8.86 -26.48
O2B LMT FA . 5.65 -9.86 -28.61
O3B LMT FA . 4.93 -6.62 -29.98
O4' LMT FA . 7.86 -8.68 -29.68
O5B LMT FA . 6.12 -6.77 -27.46
O6B LMT FA . 7.99 -4.92 -27.07
C1' LMT FA . 5.59 -9.35 -22.39
C2' LMT FA . 4.52 -8.66 -23.27
C3' LMT FA . 5.10 -7.83 -24.47
C4' LMT FA . 6.33 -8.47 -25.15
C5' LMT FA . 6.68 -9.74 -24.37
C6' LMT FA . 7.89 -10.47 -24.89
O1' LMT FA . 5.77 -8.63 -21.24
O2' LMT FA . 3.65 -9.61 -23.76
O3' LMT FA . 5.41 -6.57 -24.06
O5' LMT FA . 6.86 -9.40 -23.03
O6' LMT FA . 7.81 -10.41 -26.26
C1 LMT FA . 4.63 -8.50 -20.42
C2 LMT FA . 5.06 -9.04 -19.08
C3 LMT FA . 5.01 -8.08 -17.95
C4 LMT FA . 3.59 -8.00 -17.47
C5 LMT FA . 3.45 -6.97 -16.41
C6 LMT FA . 2.11 -7.02 -15.76
C7 LMT FA . 2.11 -8.06 -14.67
C8 LMT FA . 2.43 -7.39 -13.38
C9 LMT FA . 1.45 -6.35 -12.96
C10 LMT FA . 0.61 -6.91 -11.85
C11 LMT FA . 1.23 -6.66 -10.52
C12 LMT FA . 0.20 -6.45 -9.46
C1B LMT GA . 6.81 -17.22 -20.11
C2B LMT GA . 7.47 -18.18 -21.11
C3B LMT GA . 7.67 -19.57 -20.47
C4B LMT GA . 6.39 -20.08 -19.77
C5B LMT GA . 5.74 -18.94 -18.94
C6B LMT GA . 6.52 -18.71 -17.65
O1B LMT GA . 6.64 -15.98 -20.72
O2B LMT GA . 6.64 -18.26 -22.20
O3B LMT GA . 8.78 -19.59 -19.66
O4' LMT GA . 5.48 -20.55 -20.69
O5B LMT GA . 5.60 -17.75 -19.68
O6B LMT GA . 5.92 -17.72 -16.91
C1' LMT GA . 7.14 -12.56 -19.05
C2' LMT GA . 7.42 -13.93 -18.38
C3' LMT GA . 6.23 -14.91 -18.59
C4' LMT GA . 5.80 -15.04 -20.07
C5' LMT GA . 6.03 -13.66 -20.72
C6' LMT GA . 5.13 -13.36 -21.90
O1' LMT GA . 7.01 -11.54 -18.15
O2' LMT GA . 8.54 -14.47 -18.95
O3' LMT GA . 5.16 -14.52 -17.84
O5' LMT GA . 5.91 -12.64 -19.76
O6' LMT GA . 5.98 -13.08 -22.95
C1 LMT GA . 6.85 -11.89 -16.79
C2 LMT GA . 5.45 -11.49 -16.46
C3 LMT GA . 4.98 -11.81 -15.07
C4 LMT GA . 5.14 -13.30 -14.88
C5 LMT GA . 3.93 -13.88 -14.24
C6 LMT GA . 3.56 -13.16 -12.97
C7 LMT GA . 2.16 -12.65 -13.08
C8 LMT GA . 2.16 -11.20 -12.72
C9 LMT GA . 2.29 -10.92 -11.26
C10 LMT GA . 1.20 -11.70 -10.56
C11 LMT GA . 1.16 -11.40 -9.10
C12 LMT GA . 0.60 -10.04 -8.84
C48 PGT HA . -3.51 4.85 -4.24
C47 PGT HA . -3.77 3.96 -5.44
C46 PGT HA . -2.52 3.22 -5.90
C45 PGT HA . -2.79 2.27 -7.07
C44 PGT HA . -1.56 1.49 -7.51
C43 PGT HA . -0.93 0.66 -6.39
C42 PGT HA . -0.17 -0.55 -6.90
C41 PGT HA . -1.08 -1.68 -7.34
C40 PGT HA . -0.48 -2.57 -8.43
C39 PGT HA . -0.14 -1.80 -9.70
C38 PGT HA . -0.26 -2.65 -10.97
C37 PGT HA . 0.33 -1.98 -12.19
C36 PGT HA . -0.02 -2.68 -13.50
C35 PGT HA . 0.90 -2.32 -14.65
C34 PGT HA . 0.39 -2.78 -16.00
C33 PGT HA . 1.51 -3.13 -16.98
C32 PGT HA . 0.96 -3.68 -18.28
C31 PGT HA . 2.02 -4.15 -19.24
O31 PGT HA . 3.19 -4.15 -19.03
O2 PGT HA . 1.47 -4.58 -20.38
C2 PGT HA . 1.19 -5.97 -20.56
C1 PGT HA . 1.91 -6.53 -21.78
O3P PGT HA . 1.16 -6.37 -22.95
P PGT HA . 0.57 -7.70 -23.71
O1P PGT HA . -0.01 -8.63 -22.68
O2P PGT HA . 1.55 -8.25 -24.71
O4P PGT HA . -0.61 -6.85 -24.45
C4 PGT HA . -1.94 -7.26 -24.24
C5 PGT HA . -2.22 -8.51 -25.06
O5 PGT HA . -2.80 -8.23 -26.32
C6 PGT HA . -3.05 -9.49 -24.25
O6 PGT HA . -2.82 -9.26 -22.88
C3 PGT HA . -0.31 -6.13 -20.57
O3 PGT HA . -0.71 -7.21 -19.72
C11 PGT HA . -1.89 -7.74 -19.93
O11 PGT HA . -2.46 -7.73 -20.99
C12 PGT HA . -2.45 -8.36 -18.67
C13 PGT HA . -2.00 -7.64 -17.41
C14 PGT HA . -2.62 -6.27 -17.26
C15 PGT HA . -2.07 -5.48 -16.08
C16 PGT HA . -2.28 -6.18 -14.75
C17 PGT HA . -3.69 -6.02 -14.19
C18 PGT HA . -3.92 -4.68 -13.52
C19 PGT HA . -3.29 -4.58 -12.13
C20 PGT HA . -4.15 -5.19 -11.04
C21 PGT HA . -5.45 -4.44 -10.80
C22 PGT HA . -6.34 -5.07 -9.72
C23 PGT HA . -6.40 -4.25 -8.43
C24 PGT HA . -7.81 -4.14 -7.87
C25 PGT HA . -8.36 -5.44 -7.33
C26 PGT HA . -9.69 -5.27 -6.60
CA1 DGA IA . -18.21 -4.16 -0.23
CA2 DGA IA . -18.53 -5.09 -1.37
CA3 DGA IA . -17.41 -5.17 -2.40
CA4 DGA IA . -17.86 -5.77 -3.71
CA5 DGA IA . -16.72 -6.16 -4.64
CA6 DGA IA . -15.78 -7.18 -4.03
CA7 DGA IA . -14.36 -7.10 -4.58
CA8 DGA IA . -14.28 -7.25 -6.09
CA9 DGA IA . -14.38 -8.67 -6.59
CAA DGA IA . -14.42 -8.80 -8.10
CBA DGA IA . -13.32 -8.02 -8.81
CCA DGA IA . -12.06 -8.83 -9.08
CDA DGA IA . -11.05 -8.80 -7.94
CEA DGA IA . -10.05 -9.94 -7.96
CFA DGA IA . -8.70 -9.56 -8.54
CGA DGA IA . -8.62 -9.65 -10.05
CHA DGA IA . -8.88 -8.34 -10.77
CIA DGA IA . -8.72 -8.45 -12.27
OA1 DGA IA . -17.12 -3.99 0.23
CB1 DGA IA . -23.48 -2.89 -1.13
CB2 DGA IA . -24.03 -3.56 -2.34
CB3 DGA IA . -23.02 -3.69 -3.47
CB4 DGA IA . -23.48 -4.63 -4.57
CB5 DGA IA . -24.23 -3.93 -5.70
CB6 DGA IA . -25.73 -3.82 -5.45
CB7 DGA IA . -26.52 -5.07 -5.77
CB8 DGA IA . -26.92 -5.19 -7.22
CB9 DGA IA . -27.96 -4.18 -7.66
CAB DGA IA . -28.09 -4.03 -9.17
CBB DGA IA . -28.23 -5.36 -9.90
CCB DGA IA . -29.47 -5.45 -10.76
CDB DGA IA . -30.78 -5.43 -9.96
CEB DGA IA . -31.98 -4.98 -10.77
CFB DGA IA . -32.97 -6.09 -11.08
CGB DGA IA . -32.41 -7.18 -11.98
CHB DGA IA . -31.88 -6.68 -13.31
CIB DGA IA . -31.21 -7.76 -14.13
OB1 DGA IA . -24.08 -2.11 -0.43
OG1 DGA IA . -19.31 -3.55 0.22
CG1 DGA IA . -19.94 -2.59 -0.67
CG2 DGA IA . -21.33 -2.33 -0.18
OG2 DGA IA . -22.22 -3.27 -0.89
CG3 DGA IA . -21.49 -2.61 1.29
OXT DGA IA . -20.25 -2.59 1.96
C48 PGT JA . -46.75 28.15 -28.89
C47 PGT JA . -46.66 28.65 -27.45
C46 PGT JA . -46.13 27.60 -26.49
C45 PGT JA . -46.37 27.95 -25.02
C44 PGT JA . -45.84 26.91 -24.04
C43 PGT JA . -44.32 26.95 -23.88
C42 PGT JA . -43.85 26.76 -22.45
C41 PGT JA . -44.29 25.44 -21.83
C40 PGT JA . -43.65 25.16 -20.48
C39 PGT JA . -44.13 23.84 -19.86
C38 PGT JA . -43.42 23.48 -18.55
C37 PGT JA . -42.09 22.77 -18.77
C36 PGT JA . -41.55 22.13 -17.51
C35 PGT JA . -41.45 23.10 -16.34
C34 PGT JA . -41.25 22.41 -14.99
C33 PGT JA . -41.25 23.39 -13.82
C32 PGT JA . -40.10 24.38 -13.91
C31 PGT JA . -39.57 24.80 -12.56
O31 PGT JA . -40.16 25.51 -11.79
O2 PGT JA . -38.37 24.27 -12.33
C2 PGT JA . -38.16 23.47 -11.18
C1 PGT JA . -37.67 24.31 -10.01
O3P PGT JA . -38.75 24.91 -9.34
P PGT JA . -39.37 24.14 -8.05
O1P PGT JA . -38.37 24.13 -6.94
O2P PGT JA . -40.01 22.84 -8.45
O4P PGT JA . -40.51 25.30 -7.77
C4 PGT JA . -41.47 25.53 -8.77
C5 PGT JA . -42.87 25.40 -8.16
O5 PGT JA . -43.89 25.79 -9.06
C6 PGT JA . -42.94 26.15 -6.85
O6 PGT JA . -44.15 26.85 -6.78
C3 PGT JA . -37.25 22.32 -11.56
O3 PGT JA . -35.92 22.79 -11.74
C11 PGT JA . -35.58 23.19 -12.96
O11 PGT JA . -35.48 24.36 -13.24
C12 PGT JA . -35.32 22.05 -13.89
C13 PGT JA . -36.20 22.08 -15.13
C14 PGT JA . -35.71 23.06 -16.17
C15 PGT JA . -35.72 22.50 -17.59
C16 PGT JA . -37.08 22.58 -18.27
C17 PGT JA . -37.10 21.91 -19.64
C18 PGT JA . -38.33 22.25 -20.46
C19 PGT JA . -38.00 22.78 -21.85
C20 PGT JA . -39.21 23.33 -22.59
C21 PGT JA . -38.88 24.46 -23.56
C22 PGT JA . -40.10 25.11 -24.18
C23 PGT JA . -40.60 24.38 -25.43
C24 PGT JA . -39.66 24.51 -26.62
C25 PGT JA . -40.13 23.72 -27.84
C26 PGT JA . -41.50 24.15 -28.33
C1B LMT KA . -47.32 36.30 -22.14
C2B LMT KA . -48.23 37.53 -22.27
C3B LMT KA . -47.50 38.79 -21.79
C4B LMT KA . -46.69 38.50 -20.51
C5B LMT KA . -45.68 37.37 -20.83
C6B LMT KA . -45.57 36.41 -19.67
O1B LMT KA . -47.49 35.46 -23.23
O2B LMT KA . -48.56 37.64 -23.60
O3B LMT KA . -48.37 39.85 -21.62
O4' LMT KA . -46.01 39.61 -20.09
O5B LMT KA . -45.99 36.69 -22.02
O6B LMT KA . -44.54 35.54 -19.87
C1' LMT KA . -46.29 32.48 -22.63
C2' LMT KA . -46.60 32.84 -24.10
C3' LMT KA . -48.06 33.36 -24.21
C4' LMT KA . -48.37 34.35 -23.10
C5' LMT KA . -48.07 33.63 -21.75
C6' LMT KA . -49.26 33.53 -20.84
O1' LMT KA . -45.68 31.27 -22.56
O2' LMT KA . -45.74 33.84 -24.49
O3' LMT KA . -48.94 32.32 -24.17
O5' LMT KA . -47.53 32.35 -21.97
O6' LMT KA . -50.09 34.56 -21.15
C1 LMT KA . -44.31 31.30 -22.89
C2 LMT KA . -43.59 31.41 -21.57
C3 LMT KA . -43.48 30.16 -20.77
C4 LMT KA . -42.60 30.45 -19.59
C5 LMT KA . -42.34 29.21 -18.81
C6 LMT KA . -41.48 29.46 -17.61
C7 LMT KA . -41.33 28.20 -16.81
C8 LMT KA . -40.64 27.18 -17.65
C9 LMT KA . -39.14 27.20 -17.54
C10 LMT KA . -38.60 27.55 -18.90
C11 LMT KA . -39.14 26.65 -19.97
C12 LMT KA . -39.11 27.32 -21.31
C1B LMT LA . -19.51 4.80 9.41
C2B LMT LA . -19.97 6.25 9.61
C3B LMT LA . -20.98 6.34 10.77
C4B LMT LA . -22.02 5.18 10.70
C5B LMT LA . -21.25 3.84 10.65
C6B LMT LA . -21.81 2.97 9.53
O1B LMT LA . -18.12 4.80 9.21
O2B LMT LA . -18.86 7.00 9.86
O3B LMT LA . -21.57 7.57 10.85
O4' LMT LA . -22.84 5.20 11.79
O5B LMT LA . -19.86 4.02 10.50
O6B LMT LA . -21.06 1.83 9.41
C1' LMT LA . -15.84 2.84 7.17
C2' LMT LA . -17.36 2.65 7.17
C3' LMT LA . -17.88 2.48 8.62
C4' LMT LA . -17.41 3.62 9.53
C5' LMT LA . -15.92 3.88 9.20
C6' LMT LA . -15.05 4.20 10.39
O1' LMT LA . -15.24 1.81 6.51
O2' LMT LA . -17.94 3.78 6.64
O3' LMT LA . -17.47 1.28 9.13
O5' LMT LA . -15.37 2.79 8.50
O6' LMT LA . -15.08 3.09 11.19
C1 LMT LA . -15.63 1.65 5.17
C2 LMT LA . -15.75 0.17 4.98
C3 LMT LA . -16.09 -0.31 3.60
C4 LMT LA . -14.98 0.15 2.69
C5 LMT LA . -15.19 -0.39 1.32
C6 LMT LA . -13.96 -0.24 0.48
C7 LMT LA . -14.06 -1.10 -0.74
C8 LMT LA . -15.04 -0.50 -1.69
C9 LMT LA . -15.17 -1.23 -2.98
C10 LMT LA . -13.79 -1.40 -3.55
C11 LMT LA . -13.72 -2.57 -4.47
C12 LMT LA . -14.63 -2.40 -5.64
C1B LMT MA . -12.35 14.78 10.80
C2B LMT MA . -12.56 13.78 11.95
C3B LMT MA . -13.05 14.51 13.21
C4B LMT MA . -12.25 15.82 13.44
C5B LMT MA . -12.37 16.68 12.18
C6B LMT MA . -11.00 17.23 11.78
O1B LMT MA . -12.87 14.25 9.63
O2B LMT MA . -13.50 12.87 11.52
O3B LMT MA . -13.04 13.69 14.32
O4' LMT MA . -12.73 16.51 14.53
O5B LMT MA . -12.95 16.00 11.10
O6B LMT MA . -10.89 18.55 12.17
C1' LMT MA . -9.61 15.84 7.64
C2' LMT MA . -10.97 16.06 6.97
C3' LMT MA . -12.09 15.82 8.00
C4' LMT MA . -12.09 14.35 8.45
C5' LMT MA . -10.62 13.97 8.79
C6' LMT MA . -10.04 12.82 8.00
O1' LMT MA . -8.74 15.21 6.79
O2' LMT MA . -11.04 17.37 6.56
O3' LMT MA . -13.31 16.12 7.47
O5' LMT MA . -9.72 15.08 8.85
O6' LMT MA . -8.72 12.71 8.37
C1 LMT MA . -7.81 16.06 6.16
C2 LMT MA . -6.52 15.84 6.90
C3 LMT MA . -5.28 15.91 6.09
C4 LMT MA . -4.92 17.37 5.93
C5 LMT MA . -5.14 17.81 4.53
C6 LMT MA . -4.55 16.88 3.52
C7 LMT MA . -3.10 17.20 3.31
C8 LMT MA . -3.01 18.48 2.57
C9 LMT MA . -1.64 19.07 2.52
C10 LMT MA . -1.70 20.32 1.69
C11 LMT MA . -2.04 20.02 0.27
C12 LMT MA . -0.99 19.16 -0.38
C1B LMT NA . -15.42 45.68 -20.34
C2B LMT NA . -14.23 46.14 -21.19
C3B LMT NA . -14.49 45.85 -22.68
C4B LMT NA . -14.94 44.38 -22.87
C5B LMT NA . -16.16 44.13 -21.95
C6B LMT NA . -15.93 42.88 -21.12
O1B LMT NA . -15.85 46.76 -19.58
O2B LMT NA . -14.07 47.48 -20.98
O3B LMT NA . -13.40 46.16 -23.46
O4' LMT NA . -15.30 44.15 -24.18
O5B LMT NA . -16.47 45.23 -21.14
O6B LMT NA . -17.13 42.27 -20.84
C1' LMT NA . -18.47 47.93 -16.62
C2' LMT NA . -17.15 47.32 -16.09
C3' LMT NA . -16.12 47.01 -17.23
C4' LMT NA . -16.78 46.52 -18.53
C5' LMT NA . -18.01 47.42 -18.76
C6' LMT NA . -18.69 47.24 -20.10
O1' LMT NA . -19.45 47.84 -15.68
O2' LMT NA . -16.60 48.24 -15.26
O3' LMT NA . -15.21 46.10 -16.80
O5' LMT NA . -18.92 47.20 -17.74
O6' LMT NA . -18.59 45.90 -20.38
C1 LMT NA . -20.03 46.57 -15.53
C2 LMT NA . -20.29 46.43 -14.06
C3 LMT NA . -21.07 45.24 -13.61
C4 LMT NA . -22.44 45.35 -14.21
C5 LMT NA . -23.44 45.70 -13.16
C6 LMT NA . -23.37 44.77 -12.01
C7 LMT NA . -23.95 45.42 -10.80
C8 LMT NA . -25.38 45.06 -10.68
C9 LMT NA . -25.96 45.22 -9.31
C10 LMT NA . -27.10 44.25 -9.19
C11 LMT NA . -28.40 44.89 -9.53
C12 LMT NA . -28.98 45.62 -8.36
C1B LMT OA . -4.62 36.85 -12.80
C2B LMT OA . -4.67 38.15 -11.97
C3B LMT OA . -5.71 39.12 -12.57
C4B LMT OA . -5.50 39.26 -14.10
C5B LMT OA . -5.52 37.85 -14.72
C6B LMT OA . -4.30 37.64 -15.61
O1B LMT OA . -4.75 35.77 -11.94
O2B LMT OA . -5.03 37.80 -10.70
O3B LMT OA . -5.70 40.33 -11.93
O4' LMT OA . -6.51 40.02 -14.66
O5B LMT OA . -5.62 36.82 -13.76
O6B LMT OA . -4.29 36.36 -16.11
C1' LMT OA . -5.12 32.44 -10.76
C2' LMT OA . -4.48 33.56 -9.90
C3' LMT OA . -3.36 34.27 -10.71
C4' LMT OA . -3.84 34.71 -12.10
C5' LMT OA . -4.61 33.51 -12.70
C6' LMT OA . -4.31 33.25 -14.17
O1' LMT OA . -5.06 31.22 -10.14
O2' LMT OA . -5.46 34.48 -9.61
O3' LMT OA . -2.27 33.46 -10.84
O5' LMT OA . -4.38 32.34 -11.97
O6' LMT OA . -5.10 34.15 -14.86
C1 LMT OA . -3.94 30.97 -9.32
C2 LMT OA . -4.52 30.49 -8.02
C3 LMT OA . -4.30 29.04 -7.69
C4 LMT OA . -5.22 28.69 -6.56
C5 LMT OA . -4.94 29.53 -5.36
C6 LMT OA . -5.53 28.95 -4.12
C7 LMT OA . -5.06 29.73 -2.93
C8 LMT OA . -5.67 31.09 -2.98
C9 LMT OA . -5.11 32.05 -1.98
C10 LMT OA . -6.13 32.25 -0.90
C11 LMT OA . -6.66 33.64 -0.90
C12 LMT OA . -7.42 33.94 0.35
C1B LMT PA . -7.33 28.00 -11.20
C2B LMT PA . -8.45 27.14 -11.82
C3B LMT PA . -9.70 27.11 -10.90
C4B LMT PA . -9.38 27.75 -9.53
C5B LMT PA . -8.87 29.17 -9.81
C6B LMT PA . -8.46 29.83 -8.49
O1B LMT PA . -6.32 28.19 -12.13
O2B LMT PA . -8.76 27.70 -13.03
O3B LMT PA . -10.20 25.84 -10.78
O4' LMT PA . -10.50 27.81 -8.75
O5B LMT PA . -7.82 29.23 -10.75
O6B LMT PA . -9.40 30.75 -8.10
C1' LMT PA . -3.02 27.75 -11.17
C2' LMT PA . -3.41 28.42 -12.51
C3' LMT PA . -4.36 27.56 -13.36
C4' LMT PA . -5.57 27.07 -12.53
C5' LMT PA . -5.01 26.37 -11.26
C6' LMT PA . -4.48 24.97 -11.45
O1' LMT PA . -2.07 26.77 -11.35
O2' LMT PA . -4.04 29.60 -12.22
O3' LMT PA . -3.71 26.52 -13.95
O5' LMT PA . -4.15 27.18 -10.48
O6' LMT PA . -5.17 24.46 -12.52
C1 LMT PA . -1.46 26.29 -10.16
C2 LMT PA . -0.90 27.50 -9.46
C3 LMT PA . 0.34 27.28 -8.65
C4 LMT PA . 0.07 26.15 -7.70
C5 LMT PA . -0.58 26.64 -6.45
C6 LMT PA . -0.05 25.95 -5.24
C7 LMT PA . -0.81 26.41 -4.02
C8 LMT PA . -0.70 27.89 -3.89
C9 LMT PA . -0.29 28.37 -2.55
C10 LMT PA . -1.11 27.64 -1.52
C11 LMT PA . -1.02 28.29 -0.18
C12 LMT PA . -1.52 27.40 0.90
C1B LMT QA . 3.75 -2.46 -25.14
C2B LMT QA . 3.06 -3.85 -25.15
C3B LMT QA . 3.71 -4.82 -26.17
C4B LMT QA . 3.92 -4.12 -27.53
C5B LMT QA . 4.69 -2.82 -27.27
C6B LMT QA . 5.01 -2.13 -28.59
O1B LMT QA . 4.95 -2.55 -24.43
O2B LMT QA . 3.18 -4.36 -23.88
O3B LMT QA . 2.99 -5.98 -26.28
O4' LMT QA . 4.65 -4.93 -28.38
O5B LMT QA . 3.97 -1.97 -26.42
O6B LMT QA . 4.60 -0.82 -28.54
C1' LMT QA . 5.79 -0.98 -21.12
C2' LMT QA . 4.40 -0.93 -21.80
C3' LMT QA . 4.55 -0.47 -23.28
C4' LMT QA . 5.56 -1.33 -24.07
C5' LMT QA . 6.72 -1.65 -23.10
C6' LMT QA . 8.07 -1.77 -23.77
O1' LMT QA . 5.87 -0.02 -20.16
O2' LMT QA . 3.86 -2.20 -21.78
O3' LMT QA . 4.92 0.84 -23.34
O5' LMT QA . 6.79 -0.68 -22.08
O6' LMT QA . 8.01 -2.93 -24.49
C1 LMT QA . 6.39 -0.46 -18.93
C2 LMT QA . 5.20 -1.00 -18.19
C3 LMT QA . 4.13 -0.02 -17.85
C4 LMT QA . 4.76 1.07 -17.02
C5 LMT QA . 4.82 0.68 -15.58
C6 LMT QA . 3.48 0.29 -15.06
C7 LMT QA . 3.52 0.23 -13.55
C8 LMT QA . 3.48 1.62 -13.02
C9 LMT QA . 3.49 1.70 -11.52
C10 LMT QA . 2.32 0.88 -11.02
C11 LMT QA . 1.96 1.25 -9.61
C12 LMT QA . 1.39 2.63 -9.54
C1B LMT RA . -2.69 -1.14 -28.81
C2B LMT RA . -3.23 0.30 -28.78
C3B LMT RA . -3.96 0.64 -30.10
C4B LMT RA . -4.95 -0.47 -30.53
C5B LMT RA . -4.29 -1.86 -30.37
C6B LMT RA . -3.30 -2.11 -31.51
O1B LMT RA . -2.12 -1.43 -27.58
O2B LMT RA . -4.09 0.38 -27.71
O3B LMT RA . -3.07 0.98 -31.09
O4' LMT RA . -6.09 -0.43 -29.75
O5B LMT RA . -3.69 -2.05 -29.11
O6B LMT RA . -3.66 -3.24 -32.21
C1' LMT RA . -0.24 -2.10 -24.82
C2' LMT RA . 0.19 -0.98 -25.78
C3' LMT RA . 0.23 -1.51 -27.24
C4' LMT RA . -1.03 -2.32 -27.58
C5' LMT RA . -1.25 -3.34 -26.43
C6' LMT RA . -1.49 -4.75 -26.91
O1' LMT RA . 0.63 -2.22 -23.77
O2' LMT RA . -0.72 0.04 -25.71
O3' LMT RA . 1.33 -2.27 -27.45
O5' LMT RA . -0.19 -3.32 -25.53
O6' LMT RA . -2.38 -4.67 -27.94
C1 LMT RA . 0.92 -1.03 -23.09
C2 LMT RA . 0.11 -1.10 -21.83
C3 LMT RA . 0.11 0.14 -20.97
C4 LMT RA . 0.36 -0.31 -19.57
C5 LMT RA . 0.72 0.86 -18.71
C6 LMT RA . -0.48 1.49 -18.08
C7 LMT RA . -0.17 1.87 -16.66
C8 LMT RA . -0.52 3.29 -16.46
C9 LMT RA . -0.74 3.67 -15.03
C10 LMT RA . -1.99 2.96 -14.57
C11 LMT RA . -2.40 3.41 -13.20
C12 LMT RA . -1.34 3.14 -12.19
C1B LMT SA . 2.21 15.00 -24.42
C2B LMT SA . 1.54 14.03 -25.41
C3B LMT SA . 1.99 14.32 -26.85
C4B LMT SA . 3.53 14.50 -26.97
C5B LMT SA . 4.04 15.41 -25.84
C6B LMT SA . 3.69 16.87 -26.11
O1B LMT SA . 1.86 14.64 -23.12
O2B LMT SA . 1.91 12.77 -25.03
O3B LMT SA . 1.29 15.36 -27.41
O4' LMT SA . 4.16 13.28 -26.89
O5B LMT SA . 3.60 15.00 -24.57
O6B LMT SA . 4.47 17.69 -25.35
C1' LMT SA . 1.82 13.42 -19.64
C2' LMT SA . 1.66 14.90 -20.02
C3' LMT SA . 2.76 15.34 -21.03
C4' LMT SA . 2.91 14.37 -22.22
C5' LMT SA . 2.72 12.94 -21.67
C6' LMT SA . 3.55 11.88 -22.36
O1' LMT SA . 2.03 13.28 -18.30
O2' LMT SA . 0.44 15.07 -20.62
O3' LMT SA . 3.97 15.46 -20.39
O5' LMT SA . 2.96 12.91 -20.30
O6' LMT SA . 4.08 12.49 -23.47
C1 LMT SA . 2.56 12.03 -17.91
C2 LMT SA . 1.63 11.55 -16.85
C3 LMT SA . 2.14 10.45 -15.97
C4 LMT SA . 2.87 11.11 -14.83
C5 LMT SA . 1.92 11.81 -13.93
C6 LMT SA . 2.07 11.39 -12.50
C7 LMT SA . 1.55 9.98 -12.34
C8 LMT SA . 1.75 9.57 -10.92
C9 LMT SA . 1.18 10.50 -9.91
C10 LMT SA . 1.35 9.87 -8.55
C11 LMT SA . 0.69 8.52 -8.48
C12 LMT SA . 0.70 7.98 -7.09
C1B LMT TA . 5.54 7.97 -28.10
C2B LMT TA . 7.06 8.11 -28.31
C3B LMT TA . 7.36 9.16 -29.39
C4B LMT TA . 6.69 10.52 -29.04
C5B LMT TA . 5.22 10.24 -28.64
C6B LMT TA . 4.29 11.19 -29.38
O1B LMT TA . 5.24 8.09 -26.76
O2B LMT TA . 7.60 8.49 -27.10
O3B LMT TA . 7.01 8.71 -30.64
O4' LMT TA . 7.34 11.12 -28.00
O5B LMT TA . 4.84 8.89 -28.86
O6B LMT TA . 4.81 12.46 -29.36
C1' LMT TA . 4.65 5.98 -23.99
C2' LMT TA . 4.88 5.45 -25.42
C3' LMT TA . 3.92 6.12 -26.43
C4' LMT TA . 3.97 7.66 -26.33
C5' LMT TA . 3.77 8.07 -24.85
C6' LMT TA . 2.36 8.11 -24.34
O1' LMT TA . 3.49 5.49 -23.48
O2' LMT TA . 6.17 5.75 -25.79
O3' LMT TA . 2.64 5.67 -26.27
O5' LMT TA . 4.66 7.41 -23.94
O6' LMT TA . 1.99 9.43 -24.39
C1 LMT TA . 3.42 5.50 -22.07
C2 LMT TA . 3.50 4.05 -21.68
C3 LMT TA . 2.52 3.57 -20.66
C4 LMT TA . 2.56 4.52 -19.48
C5 LMT TA . 3.85 4.39 -18.75
C6 LMT TA . 3.69 4.57 -17.28
C7 LMT TA . 2.87 5.79 -16.99
C8 LMT TA . 2.93 6.09 -15.53
C9 LMT TA . 2.63 4.92 -14.65
C10 LMT TA . 2.73 5.38 -13.23
C11 LMT TA . 1.44 5.97 -12.76
C12 LMT TA . 1.35 5.98 -11.27
C1B LMT UA . -7.35 -5.48 -31.56
C2B LMT UA . -6.31 -5.72 -32.66
C3B LMT UA . -6.92 -5.48 -34.04
C4B LMT UA . -8.36 -6.03 -34.11
C5B LMT UA . -9.19 -5.33 -33.01
C6B LMT UA . -10.15 -6.31 -32.36
O1B LMT UA . -6.73 -4.87 -30.47
O2B LMT UA . -5.27 -4.86 -32.43
O3B LMT UA . -6.13 -5.97 -35.05
O4' LMT UA . -8.93 -5.78 -35.33
O5B LMT UA . -8.39 -4.69 -32.04
O6B LMT UA . -9.70 -7.60 -32.54
C1' LMT UA . -7.66 -7.34 -27.25
C2' LMT UA . -8.63 -6.16 -27.48
C3' LMT UA . -8.41 -5.56 -28.89
C4' LMT UA . -6.92 -5.45 -29.18
C5' LMT UA . -6.37 -6.91 -29.23
C6' LMT UA . -4.90 -7.06 -28.94
O1' LMT UA . -6.62 -6.97 -26.44
O2' LMT UA . -9.91 -6.65 -27.41
O3' LMT UA . -8.99 -4.33 -28.97
O5' LMT UA . -7.15 -7.84 -28.48
O6' LMT UA . -4.49 -5.85 -28.44
C1 LMT UA . -6.13 -7.99 -25.62
C2 LMT UA . -6.68 -7.69 -24.25
C3 LMT UA . -6.73 -6.26 -23.87
C4 LMT UA . -7.00 -6.21 -22.38
C5 LMT UA . -5.82 -6.72 -21.63
C6 LMT UA . -5.58 -5.95 -20.37
C7 LMT UA . -6.77 -6.05 -19.48
C8 LMT UA . -6.45 -5.41 -18.18
C9 LMT UA . -7.62 -5.23 -17.27
C10 LMT UA . -7.92 -6.56 -16.64
C11 LMT UA . -7.09 -6.78 -15.42
C12 LMT UA . -7.38 -5.77 -14.36
#